data_2XB6
#
_entry.id   2XB6
#
_cell.length_a   136.307
_cell.length_b   198.779
_cell.length_c   85.896
_cell.angle_alpha   90.00
_cell.angle_beta   90.00
_cell.angle_gamma   90.00
#
_symmetry.space_group_name_H-M   'P 21 21 2'
#
loop_
_entity.id
_entity.type
_entity.pdbx_description
1 polymer 'NEUROLIGIN-4, X-LINKED'
2 polymer NEUREXIN-1-BETA
3 non-polymer 2-acetamido-2-deoxy-beta-D-glucopyranose
4 non-polymer 1,2-ETHANEDIOL
5 non-polymer 'CHLORIDE ION'
6 non-polymer '2-(N-MORPHOLINO)-ETHANESULFONIC ACID'
7 non-polymer 'CALCIUM ION'
8 water water
#
loop_
_entity_poly.entity_id
_entity_poly.type
_entity_poly.pdbx_seq_one_letter_code
_entity_poly.pdbx_strand_id
1 'polypeptide(L)'
;DYKDDDDKLAAAQYPVVNTNYGKIRGLRTPLPNEILGPVEQYLGVPYASPPTGERRFQPPEPPSSWTGIRNTTQFAAVCP
QHLDERSLLHDMLPIWFTANLDTLMTYVQDQNEDCLYLNIYVPTEDDIHDQNSKKPVMVYIHGGSYMEGTGNMIDGSILA
SYGNVIVITINYRLGILGFLSTGDQAAKGNYGLLDQIQALRWIEENVGAFGGDPKRVTIFGSGAGASCVSLLTLSHYSEG
LFQKAIIQSGTALSSWAVNYQPAKYTRILADKVGCNMLDTTDMVECLRNKNYKELIQQTITPATYHIAFGPVIDGDVIPD
DPQILMEQGEFLNYDIMLGVNQGEGLKFVDGIVDNEDGVTPNDFDFSVSNFVDNLYGYPEGKDTLRETIKFMYTDWADKE
NPETRRKTLVALFTDHQWVAPAVATADLHAQYGSPTYFYAFYHHCQSEMKPSWADSAHGDEVPYVFGIPMIGPTELFSCN
FSKNDVMLSAVVMTYWTNFAKTGDPNQPVPQDTKFIHTKPNRFEEVAWSRYNPKDQLYLHIGLKPRVRDHYRATKVAFWL
ELVPHLHNLNEIFQYVSTTTKVPPPDMT
;
A,B
2 'polypeptide(L)'
;GGHAGTTYIFSKGGGQITYKWPPNDRPSTRADRLAIGFSTVQKEAVLVRVDSSSGLGDYLELHIHQGKIGVKFNVGTDDI
AIEESNAIINDGKYHVVRFTRSGGNATLQVDSWPVIERYPAGRQLTIFNSQATIIIGGKEQGQPFQGQLSGLYYNGLKVL
NMAAENDANIAIVGNVRLV
;
C,D
#
# COMPACT_ATOMS: atom_id res chain seq x y z
N ALA A 12 -1.04 -58.33 25.06
CA ALA A 12 -1.46 -56.86 25.16
C ALA A 12 -0.37 -55.97 24.54
N GLN A 13 0.97 -56.58 24.71
CA GLN A 13 2.20 -55.88 24.46
C GLN A 13 2.53 -55.86 22.97
N TYR A 14 2.14 -56.94 22.28
CA TYR A 14 2.33 -57.11 20.85
C TYR A 14 0.98 -57.42 20.23
N PRO A 15 0.14 -56.40 20.08
CA PRO A 15 -1.24 -56.64 19.73
C PRO A 15 -1.35 -57.02 18.29
N VAL A 16 -2.36 -57.82 18.01
CA VAL A 16 -2.56 -58.41 16.69
C VAL A 16 -3.89 -57.96 16.12
N VAL A 17 -3.90 -57.52 14.88
CA VAL A 17 -5.13 -57.10 14.24
C VAL A 17 -5.27 -57.89 12.97
N ASN A 18 -6.48 -58.37 12.72
CA ASN A 18 -6.76 -59.15 11.52
C ASN A 18 -7.27 -58.19 10.46
N THR A 19 -6.44 -57.93 9.46
CA THR A 19 -6.79 -57.07 8.35
C THR A 19 -7.44 -57.96 7.34
N ASN A 20 -7.95 -57.38 6.24
CA ASN A 20 -8.54 -58.17 5.17
C ASN A 20 -7.49 -58.96 4.38
N TYR A 21 -6.20 -58.77 4.67
CA TYR A 21 -5.17 -59.54 3.98
C TYR A 21 -4.46 -60.52 4.91
N GLY A 22 -4.88 -60.57 6.16
CA GLY A 22 -4.25 -61.41 7.15
C GLY A 22 -3.89 -60.63 8.39
N LYS A 23 -3.40 -61.34 9.38
CA LYS A 23 -3.18 -60.75 10.69
C LYS A 23 -1.83 -60.11 10.70
N ILE A 24 -1.75 -58.92 11.32
CA ILE A 24 -0.49 -58.28 11.59
C ILE A 24 -0.26 -58.13 13.11
N ARG A 25 1.02 -58.14 13.51
CA ARG A 25 1.40 -57.91 14.91
C ARG A 25 2.20 -56.60 15.07
N GLY A 26 1.75 -55.75 15.98
CA GLY A 26 2.38 -54.43 16.21
C GLY A 26 3.04 -54.35 17.57
N LEU A 27 3.34 -53.13 18.02
CA LEU A 27 3.86 -52.90 19.39
C LEU A 27 2.96 -51.99 20.18
N ARG A 28 2.86 -52.24 21.47
CA ARG A 28 2.32 -51.27 22.41
C ARG A 28 3.46 -50.40 22.98
N THR A 29 3.39 -49.09 22.74
CA THR A 29 4.47 -48.15 23.07
C THR A 29 3.95 -47.04 24.00
N PRO A 30 4.55 -46.91 25.19
CA PRO A 30 4.20 -45.78 26.08
C PRO A 30 4.94 -44.49 25.72
N LEU A 31 4.39 -43.34 26.10
CA LEU A 31 5.00 -42.04 25.78
C LEU A 31 5.70 -41.40 27.00
N LEU A 36 -1.68 -38.80 28.75
CA LEU A 36 -1.39 -39.44 27.45
C LEU A 36 -1.19 -40.95 27.57
N GLY A 37 -2.21 -41.72 27.17
CA GLY A 37 -2.16 -43.18 27.18
C GLY A 37 -1.24 -43.73 26.10
N PRO A 38 -0.78 -44.98 26.25
CA PRO A 38 0.07 -45.67 25.29
C PRO A 38 -0.60 -45.78 23.95
N VAL A 39 0.23 -45.99 22.94
CA VAL A 39 -0.23 -46.08 21.57
C VAL A 39 0.21 -47.41 21.00
N GLU A 40 -0.64 -48.01 20.20
CA GLU A 40 -0.28 -49.22 19.51
C GLU A 40 0.28 -48.82 18.18
N GLN A 41 1.46 -49.28 17.85
CA GLN A 41 2.14 -48.93 16.59
C GLN A 41 2.21 -50.11 15.65
N TYR A 42 1.69 -49.95 14.45
CA TYR A 42 1.85 -50.97 13.42
C TYR A 42 2.71 -50.37 12.33
N LEU A 43 3.97 -50.80 12.25
CA LEU A 43 4.92 -50.20 11.31
C LEU A 43 5.24 -51.12 10.13
N GLY A 44 5.29 -50.53 8.94
CA GLY A 44 5.70 -51.24 7.76
C GLY A 44 4.61 -52.14 7.24
N VAL A 45 3.38 -51.66 7.34
CA VAL A 45 2.23 -52.40 6.84
C VAL A 45 2.18 -52.23 5.32
N PRO A 46 2.08 -53.34 4.58
CA PRO A 46 1.98 -53.22 3.13
C PRO A 46 0.59 -52.89 2.64
N TYR A 47 0.47 -51.86 1.82
CA TYR A 47 -0.85 -51.43 1.36
C TYR A 47 -1.09 -51.67 -0.11
N ALA A 48 -0.05 -52.10 -0.84
CA ALA A 48 -0.13 -52.38 -2.27
C ALA A 48 0.92 -53.44 -2.63
N SER A 49 0.84 -54.03 -3.82
CA SER A 49 1.88 -54.95 -4.26
C SER A 49 3.12 -54.15 -4.63
N PRO A 50 4.30 -54.74 -4.45
CA PRO A 50 5.50 -54.00 -4.89
C PRO A 50 5.37 -53.52 -6.35
N PRO A 51 5.61 -52.22 -6.57
CA PRO A 51 5.56 -51.71 -7.93
C PRO A 51 6.89 -51.96 -8.67
N THR A 52 7.26 -53.24 -8.78
CA THR A 52 8.55 -53.64 -9.35
C THR A 52 8.36 -54.41 -10.66
N GLY A 53 9.40 -54.43 -11.49
CA GLY A 53 9.37 -55.19 -12.75
C GLY A 53 8.36 -54.63 -13.73
N GLU A 54 7.41 -55.46 -14.17
CA GLU A 54 6.34 -55.03 -15.11
C GLU A 54 5.54 -53.86 -14.54
N ARG A 55 5.56 -53.71 -13.23
CA ARG A 55 4.70 -52.77 -12.54
C ARG A 55 5.41 -51.48 -12.15
N ARG A 56 6.67 -51.32 -12.54
CA ARG A 56 7.28 -49.98 -12.55
C ARG A 56 6.57 -49.16 -13.63
N PHE A 57 6.37 -47.88 -13.34
CA PHE A 57 5.58 -46.99 -14.19
C PHE A 57 4.18 -47.47 -14.51
N GLN A 58 3.60 -48.24 -13.59
CA GLN A 58 2.17 -48.61 -13.66
C GLN A 58 1.45 -48.28 -12.37
N PRO A 59 0.10 -48.22 -12.44
CA PRO A 59 -0.66 -47.93 -11.22
C PRO A 59 -0.50 -49.02 -10.19
N PRO A 60 -0.62 -48.68 -8.90
CA PRO A 60 -0.38 -49.68 -7.91
C PRO A 60 -1.52 -50.66 -7.89
N GLU A 61 -1.23 -51.86 -7.39
CA GLU A 61 -2.16 -52.97 -7.42
C GLU A 61 -2.34 -53.34 -5.96
N PRO A 62 -3.46 -53.99 -5.62
CA PRO A 62 -3.62 -54.35 -4.22
C PRO A 62 -2.56 -55.32 -3.71
N PRO A 63 -2.38 -55.40 -2.39
CA PRO A 63 -1.36 -56.29 -1.87
C PRO A 63 -1.83 -57.73 -1.78
N SER A 64 -0.86 -58.62 -1.64
CA SER A 64 -1.13 -60.04 -1.48
C SER A 64 -1.57 -60.33 -0.07
N SER A 65 -2.44 -61.32 0.10
CA SER A 65 -2.84 -61.71 1.44
C SER A 65 -1.90 -62.82 1.92
N TRP A 66 -2.00 -63.18 3.20
CA TRP A 66 -1.14 -64.20 3.81
C TRP A 66 -1.88 -64.94 4.91
N THR A 67 -1.37 -66.12 5.25
CA THR A 67 -1.83 -66.83 6.44
C THR A 67 -0.79 -66.66 7.52
N GLY A 68 -1.24 -66.91 8.74
CA GLY A 68 -0.44 -66.65 9.94
C GLY A 68 -0.33 -65.17 10.20
N ILE A 69 0.64 -64.83 11.05
CA ILE A 69 0.82 -63.49 11.56
C ILE A 69 2.07 -62.90 10.96
N ARG A 70 1.91 -61.65 10.53
CA ARG A 70 2.97 -60.88 9.92
C ARG A 70 3.39 -59.79 10.91
N ASN A 71 4.66 -59.80 11.25
CA ASN A 71 5.19 -58.75 12.08
C ASN A 71 5.28 -57.44 11.34
N THR A 72 4.59 -56.44 11.88
CA THR A 72 4.64 -55.08 11.39
C THR A 72 5.15 -54.29 12.56
N THR A 73 6.40 -54.53 12.92
CA THR A 73 6.99 -53.97 14.15
C THR A 73 8.25 -53.12 13.92
N GLN A 74 8.59 -52.88 12.66
CA GLN A 74 9.62 -51.93 12.33
C GLN A 74 9.39 -51.39 10.92
N PHE A 75 9.89 -50.19 10.66
CA PHE A 75 9.76 -49.56 9.35
C PHE A 75 10.33 -50.42 8.23
N ALA A 76 9.58 -50.53 7.14
CA ALA A 76 10.05 -51.21 5.93
C ALA A 76 11.14 -50.38 5.26
N ALA A 77 11.71 -50.90 4.17
CA ALA A 77 12.62 -50.12 3.36
C ALA A 77 11.89 -48.93 2.75
N VAL A 78 12.61 -47.84 2.59
CA VAL A 78 12.04 -46.60 2.12
C VAL A 78 12.09 -46.56 0.57
N CYS A 79 11.40 -45.62 -0.08
CA CYS A 79 11.42 -45.58 -1.56
C CYS A 79 12.69 -44.95 -2.09
N PRO A 80 13.11 -45.34 -3.29
CA PRO A 80 14.43 -44.89 -3.69
C PRO A 80 14.57 -43.37 -3.92
N GLN A 81 15.72 -42.86 -3.52
CA GLN A 81 16.04 -41.44 -3.53
C GLN A 81 17.54 -41.29 -3.32
N HIS A 82 18.11 -40.29 -3.97
CA HIS A 82 19.53 -40.02 -3.86
C HIS A 82 19.69 -38.60 -3.38
N LEU A 83 20.05 -38.46 -2.09
CA LEU A 83 20.14 -37.14 -1.46
C LEU A 83 21.55 -36.55 -1.68
N ASP A 84 21.59 -35.49 -2.47
CA ASP A 84 22.84 -34.86 -2.84
C ASP A 84 22.61 -33.36 -3.00
N GLU A 85 23.15 -32.60 -2.06
CA GLU A 85 23.34 -31.17 -2.26
C GLU A 85 23.78 -30.95 -3.71
N ARG A 86 23.01 -30.17 -4.47
CA ARG A 86 23.27 -29.84 -5.91
C ARG A 86 22.38 -30.62 -6.88
N SER A 87 21.88 -31.78 -6.45
CA SER A 87 20.72 -32.40 -7.09
C SER A 87 19.43 -31.90 -6.34
N LEU A 88 19.53 -31.75 -5.01
CA LEU A 88 18.40 -31.29 -4.16
C LEU A 88 17.77 -29.95 -4.54
N LEU A 89 16.45 -29.90 -4.43
CA LEU A 89 15.70 -28.68 -4.71
C LEU A 89 15.56 -27.89 -3.41
N HIS A 90 16.65 -27.18 -3.11
CA HIS A 90 16.90 -26.48 -1.86
C HIS A 90 15.78 -25.53 -1.49
N ASP A 91 15.39 -24.68 -2.44
CA ASP A 91 14.43 -23.63 -2.18
C ASP A 91 13.05 -24.13 -1.81
N MET A 92 12.82 -25.40 -2.07
CA MET A 92 11.52 -26.00 -1.94
C MET A 92 11.41 -26.89 -0.71
N LEU A 93 12.55 -27.32 -0.20
CA LEU A 93 12.60 -28.20 0.94
C LEU A 93 12.47 -27.39 2.21
N PRO A 94 11.83 -27.95 3.25
CA PRO A 94 11.70 -27.20 4.48
C PRO A 94 13.02 -27.11 5.23
N ILE A 95 13.11 -26.14 6.12
CA ILE A 95 14.34 -25.77 6.80
C ILE A 95 14.90 -26.96 7.62
N TRP A 96 14.03 -27.65 8.36
CA TRP A 96 14.50 -28.78 9.18
C TRP A 96 15.11 -29.90 8.37
N PHE A 97 14.69 -30.03 7.11
CA PHE A 97 15.24 -31.05 6.24
C PHE A 97 16.64 -30.66 5.85
N THR A 98 16.78 -29.49 5.24
CA THR A 98 18.07 -29.05 4.73
C THR A 98 19.11 -28.74 5.81
N ALA A 99 18.64 -28.33 6.98
CA ALA A 99 19.53 -27.98 8.10
C ALA A 99 20.16 -29.23 8.70
N ASN A 100 19.44 -30.33 8.61
CA ASN A 100 19.81 -31.56 9.32
C ASN A 100 19.98 -32.76 8.39
N LEU A 101 20.67 -32.60 7.27
CA LEU A 101 20.60 -33.63 6.24
C LEU A 101 21.53 -34.81 6.44
N ASP A 102 22.50 -34.72 7.36
CA ASP A 102 23.26 -35.91 7.77
C ASP A 102 22.41 -36.87 8.57
N THR A 103 21.78 -36.36 9.62
CA THR A 103 20.97 -37.20 10.48
C THR A 103 19.64 -37.53 9.78
N LEU A 104 19.39 -36.89 8.65
CA LEU A 104 18.25 -37.22 7.81
C LEU A 104 18.53 -38.36 6.80
N MET A 105 19.70 -38.33 6.15
CA MET A 105 20.12 -39.43 5.26
C MET A 105 20.04 -40.76 6.02
N THR A 106 20.13 -40.66 7.34
CA THR A 106 19.92 -41.78 8.26
C THR A 106 18.59 -42.48 8.10
N TYR A 107 17.53 -41.73 7.82
CA TYR A 107 16.18 -42.30 7.66
C TYR A 107 15.93 -42.86 6.27
N VAL A 108 16.75 -42.51 5.29
CA VAL A 108 16.57 -43.00 3.94
C VAL A 108 17.70 -43.93 3.47
N GLN A 109 18.61 -44.31 4.36
CA GLN A 109 19.76 -45.13 3.97
C GLN A 109 19.41 -46.57 3.59
N ASP A 110 18.19 -47.00 3.88
CA ASP A 110 17.74 -48.35 3.60
C ASP A 110 16.59 -48.30 2.59
N GLN A 111 16.92 -48.41 1.31
CA GLN A 111 15.96 -48.22 0.22
C GLN A 111 15.59 -49.50 -0.50
N ASN A 112 14.48 -49.47 -1.22
CA ASN A 112 14.05 -50.58 -2.06
C ASN A 112 12.89 -50.15 -2.95
N GLU A 113 12.87 -50.60 -4.19
CA GLU A 113 11.78 -50.21 -5.10
C GLU A 113 10.48 -50.72 -4.53
N ASP A 114 10.59 -51.80 -3.77
CA ASP A 114 9.48 -52.36 -3.00
C ASP A 114 9.34 -51.54 -1.72
N CYS A 115 8.50 -50.52 -1.78
CA CYS A 115 8.38 -49.57 -0.68
C CYS A 115 6.98 -49.02 -0.39
N LEU A 116 5.94 -49.65 -0.91
CA LEU A 116 4.60 -49.18 -0.62
C LEU A 116 4.12 -49.73 0.72
N TYR A 117 4.55 -49.07 1.79
CA TYR A 117 4.16 -49.42 3.17
C TYR A 117 3.70 -48.19 3.93
N LEU A 118 2.76 -48.41 4.84
CA LEU A 118 2.27 -47.34 5.71
C LEU A 118 2.40 -47.77 7.16
N ASN A 119 2.22 -46.81 8.06
CA ASN A 119 2.39 -47.01 9.48
C ASN A 119 1.18 -46.49 10.23
N ILE A 120 0.71 -47.24 11.22
CA ILE A 120 -0.51 -46.90 11.91
C ILE A 120 -0.27 -46.67 13.38
N TYR A 121 -0.72 -45.54 13.88
CA TYR A 121 -0.62 -45.21 15.29
C TYR A 121 -2.01 -45.13 15.89
N VAL A 122 -2.29 -46.05 16.81
CA VAL A 122 -3.62 -46.24 17.38
C VAL A 122 -3.56 -45.98 18.88
N PRO A 123 -4.34 -45.00 19.35
CA PRO A 123 -4.35 -44.76 20.79
C PRO A 123 -5.14 -45.82 21.51
N THR A 124 -4.61 -46.30 22.63
CA THR A 124 -5.35 -47.15 23.56
C THR A 124 -6.15 -46.15 24.39
N GLU A 125 -7.39 -46.48 24.77
CA GLU A 125 -8.24 -45.54 25.56
C GLU A 125 -9.64 -46.11 25.82
N SER A 133 -16.75 -45.90 20.65
CA SER A 133 -17.18 -46.49 19.37
C SER A 133 -16.02 -46.64 18.36
N LYS A 134 -15.60 -45.54 17.73
CA LYS A 134 -14.95 -45.62 16.40
C LYS A 134 -14.23 -44.32 16.03
N LYS A 135 -12.90 -44.36 15.94
CA LYS A 135 -12.11 -43.15 15.99
C LYS A 135 -11.80 -42.50 14.63
N PRO A 136 -11.66 -41.16 14.61
CA PRO A 136 -11.28 -40.48 13.40
C PRO A 136 -9.85 -40.83 13.00
N VAL A 137 -9.56 -40.69 11.71
CA VAL A 137 -8.30 -41.12 11.16
C VAL A 137 -7.68 -39.98 10.40
N MET A 138 -6.47 -39.61 10.80
CA MET A 138 -5.73 -38.56 10.14
C MET A 138 -4.60 -39.19 9.34
N VAL A 139 -4.60 -38.98 8.04
CA VAL A 139 -3.56 -39.60 7.20
C VAL A 139 -2.58 -38.55 6.67
N TYR A 140 -1.31 -38.68 7.04
CA TYR A 140 -0.33 -37.66 6.67
C TYR A 140 0.45 -37.98 5.40
N ILE A 141 0.50 -37.00 4.52
CA ILE A 141 1.21 -37.17 3.27
C ILE A 141 2.44 -36.29 3.32
N HIS A 142 3.58 -36.92 3.58
CA HIS A 142 4.84 -36.21 3.68
C HIS A 142 5.29 -35.71 2.31
N GLY A 143 6.27 -34.82 2.31
CA GLY A 143 6.99 -34.50 1.08
C GLY A 143 7.46 -33.08 0.86
N GLY A 144 8.76 -32.96 0.54
CA GLY A 144 9.35 -31.66 0.30
C GLY A 144 9.35 -31.20 -1.13
N SER A 145 9.74 -32.10 -2.04
CA SER A 145 9.90 -31.74 -3.45
C SER A 145 9.43 -32.79 -4.42
N TYR A 146 8.72 -33.79 -3.91
CA TYR A 146 8.32 -34.99 -4.65
C TYR A 146 9.49 -35.98 -4.89
N MET A 147 10.71 -35.54 -4.68
CA MET A 147 11.89 -36.39 -4.93
C MET A 147 12.39 -37.18 -3.72
N GLU A 148 11.95 -36.82 -2.51
CA GLU A 148 12.59 -37.34 -1.30
C GLU A 148 11.63 -37.56 -0.14
N GLY A 149 12.11 -38.22 0.90
CA GLY A 149 11.42 -38.36 2.17
C GLY A 149 10.88 -39.73 2.53
N THR A 150 10.20 -39.77 3.67
CA THR A 150 9.46 -40.92 4.12
C THR A 150 8.54 -40.48 5.25
N GLY A 151 7.34 -41.05 5.29
CA GLY A 151 6.39 -40.85 6.37
C GLY A 151 6.93 -41.30 7.72
N ASN A 152 7.96 -42.15 7.67
CA ASN A 152 8.59 -42.71 8.84
C ASN A 152 9.30 -41.73 9.76
N MET A 153 9.62 -40.54 9.29
CA MET A 153 10.33 -39.61 10.15
C MET A 153 9.41 -38.78 11.05
N ILE A 154 8.11 -38.84 10.77
CA ILE A 154 7.09 -38.32 11.64
C ILE A 154 6.56 -39.45 12.51
N ASP A 155 6.71 -39.31 13.82
CA ASP A 155 6.10 -40.24 14.76
C ASP A 155 4.70 -39.75 15.13
N GLY A 156 3.69 -40.48 14.75
CA GLY A 156 2.29 -40.05 14.98
C GLY A 156 1.75 -40.30 16.38
N SER A 157 2.57 -40.88 17.26
CA SER A 157 2.12 -41.35 18.59
C SER A 157 1.53 -40.25 19.46
N ILE A 158 2.20 -39.10 19.52
CA ILE A 158 1.72 -38.02 20.37
C ILE A 158 0.41 -37.41 19.85
N LEU A 159 0.35 -37.18 18.56
CA LEU A 159 -0.86 -36.63 17.99
C LEU A 159 -2.02 -37.61 18.18
N ALA A 160 -1.76 -38.89 17.97
CA ALA A 160 -2.77 -39.94 18.17
C ALA A 160 -3.25 -39.98 19.61
N SER A 161 -2.31 -40.05 20.55
CA SER A 161 -2.66 -40.17 21.94
C SER A 161 -3.30 -38.89 22.50
N TYR A 162 -2.74 -37.76 22.14
CA TYR A 162 -3.32 -36.48 22.58
C TYR A 162 -4.71 -36.26 22.01
N GLY A 163 -4.89 -36.56 20.73
CA GLY A 163 -6.16 -36.24 20.05
C GLY A 163 -7.22 -37.35 20.12
N ASN A 164 -6.80 -38.51 20.62
CA ASN A 164 -7.62 -39.70 20.54
C ASN A 164 -8.10 -39.97 19.11
N VAL A 165 -7.14 -39.96 18.19
CA VAL A 165 -7.39 -40.21 16.78
C VAL A 165 -6.36 -41.17 16.30
N ILE A 166 -6.68 -41.95 15.28
CA ILE A 166 -5.70 -42.81 14.66
C ILE A 166 -4.87 -41.96 13.69
N VAL A 167 -3.55 -42.04 13.74
CA VAL A 167 -2.71 -41.32 12.78
C VAL A 167 -2.02 -42.33 11.90
N ILE A 168 -2.09 -42.15 10.59
CA ILE A 168 -1.40 -43.02 9.65
C ILE A 168 -0.37 -42.20 8.87
N THR A 169 0.82 -42.75 8.69
CA THR A 169 1.82 -42.12 7.83
C THR A 169 2.14 -43.08 6.71
N ILE A 170 2.53 -42.57 5.55
CA ILE A 170 2.65 -43.42 4.38
C ILE A 170 3.99 -43.27 3.66
N ASN A 171 4.30 -44.23 2.79
CA ASN A 171 5.38 -44.07 1.82
C ASN A 171 4.79 -44.20 0.44
N TYR A 172 5.09 -43.28 -0.46
CA TYR A 172 4.58 -43.38 -1.84
C TYR A 172 5.76 -43.23 -2.82
N ARG A 173 5.59 -43.70 -4.04
CA ARG A 173 6.68 -43.64 -4.99
C ARG A 173 7.12 -42.19 -5.22
N LEU A 174 8.44 -42.03 -5.31
CA LEU A 174 9.12 -40.76 -5.32
C LEU A 174 9.86 -40.54 -6.63
N GLY A 175 9.97 -39.27 -7.02
CA GLY A 175 10.80 -38.83 -8.12
C GLY A 175 10.47 -39.53 -9.41
N ILE A 176 11.51 -40.10 -10.03
CA ILE A 176 11.35 -40.70 -11.32
C ILE A 176 10.33 -41.84 -11.27
N LEU A 177 10.60 -42.79 -10.39
CA LEU A 177 9.75 -43.97 -10.24
C LEU A 177 8.29 -43.57 -9.94
N GLY A 178 8.10 -42.45 -9.24
CA GLY A 178 6.77 -41.99 -8.86
C GLY A 178 6.04 -41.07 -9.83
N PHE A 179 6.80 -40.39 -10.69
CA PHE A 179 6.22 -39.32 -11.50
C PHE A 179 6.71 -39.20 -12.93
N LEU A 180 7.49 -40.16 -13.42
CA LEU A 180 7.97 -40.12 -14.82
C LEU A 180 6.77 -40.12 -15.75
N SER A 181 6.79 -39.23 -16.73
CA SER A 181 5.75 -39.19 -17.75
C SER A 181 6.32 -38.76 -19.08
N THR A 182 5.70 -39.27 -20.13
CA THR A 182 6.08 -38.98 -21.52
C THR A 182 5.15 -37.94 -22.17
N GLY A 183 4.06 -37.60 -21.49
CA GLY A 183 3.05 -36.72 -22.06
C GLY A 183 2.18 -37.42 -23.09
N ASP A 184 2.33 -38.75 -23.19
CA ASP A 184 1.44 -39.57 -24.01
C ASP A 184 1.08 -40.86 -23.23
N GLN A 185 0.53 -41.84 -23.93
CA GLN A 185 0.01 -43.05 -23.28
C GLN A 185 1.11 -43.99 -22.76
N ALA A 186 2.34 -43.81 -23.25
CA ALA A 186 3.46 -44.66 -22.87
C ALA A 186 3.70 -44.65 -21.36
N ALA A 187 3.67 -43.45 -20.76
CA ALA A 187 3.81 -43.30 -19.31
C ALA A 187 3.01 -42.08 -18.86
N LYS A 188 1.83 -42.36 -18.32
CA LYS A 188 0.88 -41.31 -18.00
C LYS A 188 1.25 -40.52 -16.74
N GLY A 189 2.14 -41.06 -15.91
CA GLY A 189 2.63 -40.41 -14.69
C GLY A 189 1.73 -40.58 -13.45
N ASN A 190 1.95 -39.72 -12.46
CA ASN A 190 1.15 -39.67 -11.24
C ASN A 190 1.13 -40.95 -10.39
N TYR A 191 2.14 -41.80 -10.58
CA TYR A 191 2.15 -43.09 -9.87
C TYR A 191 2.12 -42.82 -8.35
N GLY A 192 2.88 -41.82 -7.90
CA GLY A 192 2.94 -41.50 -6.47
C GLY A 192 1.60 -41.03 -5.92
N LEU A 193 0.87 -40.28 -6.72
CA LEU A 193 -0.48 -39.87 -6.35
C LEU A 193 -1.37 -41.07 -6.35
N LEU A 194 -1.25 -41.92 -7.36
CA LEU A 194 -2.03 -43.16 -7.37
C LEU A 194 -1.71 -43.99 -6.11
N ASP A 195 -0.45 -43.97 -5.69
CA ASP A 195 -0.08 -44.70 -4.47
C ASP A 195 -0.79 -44.18 -3.21
N GLN A 196 -0.90 -42.88 -3.11
CA GLN A 196 -1.59 -42.24 -2.00
C GLN A 196 -3.05 -42.65 -2.04
N ILE A 197 -3.63 -42.69 -3.24
CA ILE A 197 -5.00 -43.17 -3.39
C ILE A 197 -5.13 -44.64 -2.96
N GLN A 198 -4.17 -45.47 -3.35
CA GLN A 198 -4.27 -46.88 -2.99
C GLN A 198 -4.15 -47.06 -1.48
N ALA A 199 -3.32 -46.25 -0.84
CA ALA A 199 -3.20 -46.29 0.60
C ALA A 199 -4.55 -45.93 1.24
N LEU A 200 -5.14 -44.83 0.77
CA LEU A 200 -6.46 -44.43 1.25
C LEU A 200 -7.53 -45.53 1.02
N ARG A 201 -7.43 -46.28 -0.07
CA ARG A 201 -8.36 -47.41 -0.30
C ARG A 201 -8.14 -48.49 0.75
N TRP A 202 -6.89 -48.83 0.99
CA TRP A 202 -6.57 -49.78 2.04
C TRP A 202 -7.20 -49.33 3.36
N ILE A 203 -7.00 -48.05 3.70
CA ILE A 203 -7.50 -47.46 4.94
C ILE A 203 -9.04 -47.58 4.99
N GLU A 204 -9.69 -47.22 3.90
CA GLU A 204 -11.16 -47.30 3.87
C GLU A 204 -11.66 -48.70 4.21
N GLU A 205 -10.98 -49.71 3.68
CA GLU A 205 -11.43 -51.09 3.83
C GLU A 205 -10.94 -51.76 5.10
N ASN A 206 -9.83 -51.28 5.67
CA ASN A 206 -9.20 -51.95 6.82
C ASN A 206 -9.13 -51.16 8.15
N VAL A 207 -9.34 -49.83 8.14
CA VAL A 207 -9.15 -49.07 9.38
C VAL A 207 -10.13 -49.51 10.45
N GLY A 208 -11.31 -49.93 10.03
CA GLY A 208 -12.31 -50.39 10.96
C GLY A 208 -11.75 -51.41 11.92
N ALA A 209 -10.92 -52.33 11.41
CA ALA A 209 -10.30 -53.38 12.23
C ALA A 209 -9.35 -52.83 13.31
N PHE A 210 -8.87 -51.59 13.16
CA PHE A 210 -8.06 -50.94 14.20
C PHE A 210 -8.90 -50.02 15.09
N GLY A 211 -10.21 -49.99 14.88
CA GLY A 211 -11.11 -49.11 15.62
C GLY A 211 -11.21 -47.73 14.98
N GLY A 212 -10.89 -47.66 13.70
CA GLY A 212 -11.04 -46.44 12.92
C GLY A 212 -12.40 -46.33 12.25
N ASP A 213 -12.77 -45.09 11.92
CA ASP A 213 -14.03 -44.79 11.26
C ASP A 213 -13.74 -44.32 9.85
N PRO A 214 -14.11 -45.12 8.82
CA PRO A 214 -13.79 -44.75 7.45
C PRO A 214 -14.58 -43.57 6.96
N LYS A 215 -15.62 -43.23 7.68
CA LYS A 215 -16.40 -42.06 7.34
C LYS A 215 -15.85 -40.76 7.95
N ARG A 216 -14.69 -40.85 8.61
CA ARG A 216 -14.02 -39.68 9.18
C ARG A 216 -12.48 -39.71 9.03
N VAL A 217 -12.09 -39.63 7.77
CA VAL A 217 -10.71 -39.63 7.36
C VAL A 217 -10.41 -38.23 6.89
N THR A 218 -9.45 -37.62 7.57
CA THR A 218 -8.91 -36.37 7.18
C THR A 218 -7.55 -36.65 6.55
N ILE A 219 -7.27 -36.11 5.36
CA ILE A 219 -5.89 -36.19 4.86
C ILE A 219 -5.20 -34.88 5.16
N PHE A 220 -3.91 -34.96 5.42
CA PHE A 220 -3.13 -33.74 5.63
C PHE A 220 -1.69 -33.86 5.24
N GLY A 221 -1.08 -32.69 5.08
CA GLY A 221 0.32 -32.64 4.64
C GLY A 221 0.89 -31.25 4.60
N SER A 222 2.21 -31.18 4.52
CA SER A 222 2.95 -29.91 4.49
C SER A 222 3.77 -29.84 3.20
N GLY A 223 3.89 -28.67 2.60
CA GLY A 223 4.77 -28.50 1.47
C GLY A 223 4.28 -29.25 0.27
N ALA A 224 5.16 -30.01 -0.36
CA ALA A 224 4.80 -30.80 -1.53
C ALA A 224 3.72 -31.83 -1.14
N GLY A 225 3.74 -32.24 0.12
CA GLY A 225 2.70 -33.13 0.60
C GLY A 225 1.36 -32.39 0.59
N ALA A 226 1.37 -31.12 0.99
CA ALA A 226 0.17 -30.27 0.91
C ALA A 226 -0.27 -30.12 -0.54
N SER A 227 0.69 -29.99 -1.46
CA SER A 227 0.35 -29.93 -2.87
C SER A 227 -0.36 -31.21 -3.29
N CYS A 228 0.13 -32.37 -2.83
CA CYS A 228 -0.56 -33.62 -3.15
C CYS A 228 -2.00 -33.57 -2.62
N VAL A 229 -2.13 -33.22 -1.35
CA VAL A 229 -3.44 -33.16 -0.76
C VAL A 229 -4.35 -32.27 -1.61
N SER A 230 -3.88 -31.12 -2.07
CA SER A 230 -4.76 -30.25 -2.88
C SER A 230 -5.14 -30.89 -4.20
N LEU A 231 -4.17 -31.53 -4.85
CA LEU A 231 -4.40 -32.22 -6.09
C LEU A 231 -5.40 -33.33 -5.88
N LEU A 232 -5.25 -34.11 -4.80
CA LEU A 232 -6.18 -35.20 -4.54
C LEU A 232 -7.61 -34.71 -4.36
N THR A 233 -7.81 -33.51 -3.84
CA THR A 233 -9.19 -32.98 -3.72
C THR A 233 -9.82 -32.68 -5.07
N LEU A 234 -9.03 -32.66 -6.15
CA LEU A 234 -9.52 -32.36 -7.51
C LEU A 234 -9.69 -33.63 -8.35
N SER A 235 -9.39 -34.80 -7.78
CA SER A 235 -9.39 -36.06 -8.56
C SER A 235 -10.60 -36.91 -8.27
N HIS A 236 -11.20 -37.46 -9.33
CA HIS A 236 -12.38 -38.29 -9.16
C HIS A 236 -12.01 -39.56 -8.43
N TYR A 237 -10.72 -39.90 -8.40
CA TYR A 237 -10.27 -41.10 -7.72
C TYR A 237 -10.43 -41.01 -6.20
N SER A 238 -10.50 -39.79 -5.68
CA SER A 238 -10.60 -39.53 -4.25
C SER A 238 -11.98 -39.76 -3.65
N GLU A 239 -12.98 -39.74 -4.51
CA GLU A 239 -14.37 -39.92 -4.11
C GLU A 239 -14.61 -41.04 -3.10
N GLY A 240 -15.06 -40.62 -1.91
CA GLY A 240 -15.39 -41.53 -0.80
C GLY A 240 -14.22 -41.94 0.08
N LEU A 241 -13.01 -41.53 -0.27
CA LEU A 241 -11.85 -42.07 0.42
C LEU A 241 -11.46 -41.18 1.60
N PHE A 242 -11.97 -39.93 1.60
CA PHE A 242 -11.77 -39.00 2.71
C PHE A 242 -12.74 -37.85 2.66
N GLN A 243 -12.98 -37.21 3.79
CA GLN A 243 -14.01 -36.17 3.86
C GLN A 243 -13.48 -34.76 4.21
N LYS A 244 -12.24 -34.69 4.68
CA LYS A 244 -11.64 -33.45 5.17
C LYS A 244 -10.18 -33.39 4.72
N ALA A 245 -9.64 -32.20 4.62
CA ALA A 245 -8.23 -32.04 4.31
C ALA A 245 -7.60 -30.86 5.07
N ILE A 246 -6.36 -31.03 5.51
CA ILE A 246 -5.62 -29.91 6.07
C ILE A 246 -4.40 -29.70 5.18
N ILE A 247 -4.31 -28.51 4.58
CA ILE A 247 -3.32 -28.22 3.54
C ILE A 247 -2.29 -27.17 4.06
N GLN A 248 -1.18 -27.64 4.60
CA GLN A 248 -0.22 -26.79 5.29
C GLN A 248 0.91 -26.37 4.37
N SER A 249 1.00 -25.06 4.09
CA SER A 249 2.16 -24.50 3.41
C SER A 249 2.40 -25.11 2.00
N GLY A 250 1.35 -25.28 1.22
CA GLY A 250 1.52 -25.69 -0.15
C GLY A 250 0.18 -25.73 -0.82
N THR A 251 0.19 -25.69 -2.15
CA THR A 251 -1.07 -25.69 -2.89
C THR A 251 -0.83 -26.36 -4.23
N ALA A 252 -1.88 -26.46 -5.03
CA ALA A 252 -1.79 -27.07 -6.35
C ALA A 252 -1.42 -26.03 -7.39
N LEU A 253 -1.21 -24.78 -6.97
CA LEU A 253 -1.08 -23.62 -7.89
C LEU A 253 0.31 -22.96 -7.93
N SER A 254 1.22 -23.37 -7.06
CA SER A 254 2.57 -22.82 -7.13
C SER A 254 3.34 -23.28 -8.38
N SER A 255 4.38 -22.53 -8.73
CA SER A 255 5.24 -22.88 -9.85
C SER A 255 5.73 -24.32 -9.74
N TRP A 256 5.94 -24.79 -8.52
CA TRP A 256 6.54 -26.09 -8.32
C TRP A 256 5.58 -27.21 -7.91
N ALA A 257 4.28 -26.97 -8.02
CA ALA A 257 3.28 -27.99 -7.64
C ALA A 257 3.08 -29.04 -8.71
N VAL A 258 3.05 -28.56 -9.97
CA VAL A 258 2.80 -29.41 -11.13
C VAL A 258 3.86 -29.25 -12.21
N ASN A 259 4.19 -30.34 -12.91
CA ASN A 259 5.13 -30.30 -14.03
C ASN A 259 4.35 -30.18 -15.31
N TYR A 260 4.48 -29.04 -16.01
CA TYR A 260 3.80 -28.83 -17.31
C TYR A 260 4.65 -29.28 -18.50
N GLN A 261 5.87 -29.75 -18.23
CA GLN A 261 6.82 -30.16 -19.28
C GLN A 261 7.53 -31.48 -18.99
N PRO A 262 6.75 -32.53 -18.67
CA PRO A 262 7.35 -33.84 -18.37
C PRO A 262 8.14 -34.50 -19.52
N ALA A 263 7.65 -34.47 -20.75
CA ALA A 263 8.35 -35.15 -21.87
C ALA A 263 9.79 -34.71 -21.94
N LYS A 264 10.01 -33.39 -21.93
CA LYS A 264 11.34 -32.77 -21.96
C LYS A 264 12.32 -33.41 -20.97
N TYR A 265 11.88 -33.63 -19.74
CA TYR A 265 12.77 -34.13 -18.71
C TYR A 265 12.95 -35.64 -18.79
N THR A 266 11.90 -36.33 -19.15
CA THR A 266 11.98 -37.76 -19.38
C THR A 266 13.00 -38.04 -20.49
N ARG A 267 12.95 -37.28 -21.57
CA ARG A 267 13.89 -37.48 -22.66
C ARG A 267 15.34 -37.28 -22.18
N ILE A 268 15.59 -36.22 -21.41
CA ILE A 268 16.94 -35.96 -20.90
C ILE A 268 17.44 -37.15 -20.09
N LEU A 269 16.55 -37.72 -19.28
CA LEU A 269 16.89 -38.90 -18.49
C LEU A 269 17.19 -40.09 -19.42
N ALA A 270 16.25 -40.42 -20.29
CA ALA A 270 16.41 -41.54 -21.23
C ALA A 270 17.76 -41.49 -21.97
N ASP A 271 18.07 -40.35 -22.57
CA ASP A 271 19.33 -40.16 -23.30
C ASP A 271 20.56 -40.34 -22.38
N LYS A 272 20.47 -39.93 -21.13
CA LYS A 272 21.58 -40.06 -20.19
C LYS A 272 21.86 -41.53 -19.87
N VAL A 273 20.84 -42.37 -19.86
CA VAL A 273 20.98 -43.78 -19.45
C VAL A 273 21.01 -44.74 -20.63
N GLY A 274 21.00 -44.19 -21.84
CA GLY A 274 21.19 -44.95 -23.08
C GLY A 274 19.90 -45.50 -23.66
N CYS A 275 18.77 -44.93 -23.27
CA CYS A 275 17.46 -45.25 -23.86
C CYS A 275 17.08 -44.17 -24.86
N ASN A 276 17.80 -44.12 -25.98
CA ASN A 276 17.63 -43.06 -26.98
C ASN A 276 16.52 -43.28 -28.01
N MET A 277 15.88 -44.44 -27.99
CA MET A 277 14.78 -44.72 -28.92
C MET A 277 13.73 -43.60 -28.89
N LEU A 278 13.21 -43.29 -30.07
CA LEU A 278 12.26 -42.19 -30.24
C LEU A 278 10.82 -42.61 -29.94
N ASP A 279 10.52 -43.89 -30.17
CA ASP A 279 9.22 -44.43 -29.83
C ASP A 279 9.06 -44.38 -28.31
N THR A 280 8.04 -43.68 -27.84
CA THR A 280 7.85 -43.48 -26.40
C THR A 280 7.53 -44.78 -25.68
N THR A 281 6.86 -45.71 -26.39
CA THR A 281 6.54 -47.02 -25.79
C THR A 281 7.81 -47.86 -25.59
N ASP A 282 8.69 -47.86 -26.59
CA ASP A 282 9.95 -48.58 -26.47
C ASP A 282 10.84 -47.90 -25.44
N MET A 283 10.81 -46.57 -25.44
CA MET A 283 11.61 -45.79 -24.50
C MET A 283 11.25 -46.14 -23.05
N VAL A 284 9.96 -46.24 -22.75
CA VAL A 284 9.53 -46.59 -21.39
C VAL A 284 9.94 -48.02 -21.02
N GLU A 285 9.82 -48.96 -21.94
CA GLU A 285 10.21 -50.36 -21.65
C GLU A 285 11.71 -50.47 -21.38
N CYS A 286 12.52 -49.73 -22.13
CA CYS A 286 13.94 -49.66 -21.86
C CYS A 286 14.20 -49.09 -20.45
N LEU A 287 13.60 -47.95 -20.14
CA LEU A 287 13.67 -47.40 -18.78
C LEU A 287 13.18 -48.37 -17.71
N ARG A 288 12.14 -49.14 -18.05
CA ARG A 288 11.57 -50.08 -17.10
C ARG A 288 12.54 -51.23 -16.75
N ASN A 289 13.43 -51.58 -17.67
CA ASN A 289 14.41 -52.63 -17.43
C ASN A 289 15.74 -52.15 -16.85
N LYS A 290 15.93 -50.84 -16.80
CA LYS A 290 17.15 -50.28 -16.23
C LYS A 290 17.12 -50.49 -14.73
N ASN A 291 18.30 -50.61 -14.14
CA ASN A 291 18.43 -50.64 -12.68
C ASN A 291 18.11 -49.25 -12.13
N TYR A 292 17.30 -49.18 -11.08
CA TYR A 292 16.81 -47.90 -10.58
C TYR A 292 17.96 -47.02 -10.09
N LYS A 293 19.01 -47.61 -9.54
CA LYS A 293 20.12 -46.84 -8.98
C LYS A 293 20.79 -45.99 -10.05
N GLU A 294 20.87 -46.54 -11.25
CA GLU A 294 21.39 -45.81 -12.40
C GLU A 294 20.50 -44.61 -12.72
N LEU A 295 19.19 -44.77 -12.51
CA LEU A 295 18.24 -43.71 -12.85
C LEU A 295 18.32 -42.54 -11.88
N ILE A 296 18.32 -42.83 -10.57
CA ILE A 296 18.32 -41.78 -9.55
C ILE A 296 19.66 -41.05 -9.42
N GLN A 297 20.75 -41.64 -9.92
CA GLN A 297 22.10 -41.02 -9.85
C GLN A 297 22.30 -39.87 -10.84
N GLN A 298 21.42 -39.79 -11.83
CA GLN A 298 21.46 -38.73 -12.81
C GLN A 298 21.03 -37.39 -12.24
N THR A 299 21.60 -36.35 -12.83
CA THR A 299 21.25 -34.96 -12.54
C THR A 299 20.35 -34.45 -13.65
N ILE A 300 19.07 -34.30 -13.35
CA ILE A 300 18.20 -33.58 -14.26
C ILE A 300 17.72 -32.32 -13.54
N THR A 301 18.31 -31.20 -13.91
CA THR A 301 18.07 -29.92 -13.24
C THR A 301 16.94 -29.16 -13.94
N PRO A 302 15.87 -28.85 -13.21
CA PRO A 302 14.76 -28.12 -13.80
C PRO A 302 14.94 -26.61 -13.81
N ALA A 303 14.16 -25.93 -14.65
CA ALA A 303 14.12 -24.48 -14.62
C ALA A 303 13.90 -24.01 -13.16
N THR A 304 14.54 -22.91 -12.79
CA THR A 304 14.43 -22.40 -11.44
C THR A 304 12.97 -22.32 -10.98
N TYR A 305 12.74 -22.85 -9.78
CA TYR A 305 11.44 -22.88 -9.13
C TYR A 305 10.42 -23.83 -9.79
N HIS A 306 10.91 -24.77 -10.59
CA HIS A 306 10.03 -25.72 -11.25
C HIS A 306 10.51 -27.11 -10.95
N ILE A 307 9.76 -28.12 -11.34
CA ILE A 307 10.12 -29.51 -11.04
C ILE A 307 10.32 -30.35 -12.32
N ALA A 308 11.27 -31.27 -12.24
CA ALA A 308 11.62 -32.13 -13.37
C ALA A 308 10.71 -33.37 -13.39
N PHE A 309 10.41 -33.89 -12.19
CA PHE A 309 9.51 -35.00 -11.98
C PHE A 309 8.53 -34.73 -10.86
N GLY A 310 7.26 -34.71 -11.20
CA GLY A 310 6.20 -34.47 -10.25
C GLY A 310 4.86 -34.69 -10.88
N PRO A 311 3.80 -34.33 -10.17
CA PRO A 311 2.44 -34.47 -10.70
C PRO A 311 2.32 -33.80 -12.06
N VAL A 312 1.55 -34.42 -12.96
CA VAL A 312 1.33 -33.89 -14.32
C VAL A 312 -0.18 -33.83 -14.62
N ILE A 313 -0.54 -33.07 -15.64
CA ILE A 313 -1.94 -33.02 -16.05
C ILE A 313 -2.15 -34.12 -17.06
N ASP A 314 -2.61 -35.28 -16.61
CA ASP A 314 -2.76 -36.47 -17.47
C ASP A 314 -4.14 -36.59 -18.07
N GLY A 315 -5.08 -35.76 -17.62
CA GLY A 315 -6.45 -35.83 -18.12
C GLY A 315 -7.37 -36.82 -17.44
N ASP A 316 -6.84 -37.70 -16.60
CA ASP A 316 -7.68 -38.66 -15.89
C ASP A 316 -7.60 -38.52 -14.35
N VAL A 317 -6.40 -38.69 -13.81
CA VAL A 317 -6.15 -38.51 -12.37
C VAL A 317 -6.27 -37.05 -11.96
N ILE A 318 -5.52 -36.20 -12.65
CA ILE A 318 -5.69 -34.76 -12.57
C ILE A 318 -6.21 -34.33 -13.94
N PRO A 319 -7.50 -34.01 -14.03
CA PRO A 319 -8.12 -33.90 -15.38
C PRO A 319 -7.89 -32.60 -16.13
N ASP A 320 -7.39 -31.57 -15.46
CA ASP A 320 -7.11 -30.29 -16.12
C ASP A 320 -6.22 -29.44 -15.20
N ASP A 321 -5.76 -28.28 -15.69
CA ASP A 321 -5.01 -27.35 -14.87
C ASP A 321 -5.83 -27.08 -13.61
N PRO A 322 -5.24 -27.25 -12.43
CA PRO A 322 -5.96 -27.06 -11.17
C PRO A 322 -6.60 -25.68 -11.05
N GLN A 323 -5.94 -24.68 -11.61
CA GLN A 323 -6.51 -23.33 -11.62
C GLN A 323 -7.89 -23.41 -12.26
N ILE A 324 -7.97 -24.03 -13.44
CA ILE A 324 -9.24 -24.10 -14.17
C ILE A 324 -10.25 -24.91 -13.37
N LEU A 325 -9.86 -26.06 -12.87
CA LEU A 325 -10.78 -26.93 -12.14
C LEU A 325 -11.37 -26.22 -10.92
N MET A 326 -10.54 -25.44 -10.23
CA MET A 326 -11.00 -24.72 -9.04
C MET A 326 -11.83 -23.47 -9.35
N GLU A 327 -11.42 -22.72 -10.36
CA GLU A 327 -12.20 -21.60 -10.85
C GLU A 327 -13.60 -22.06 -11.20
N GLN A 328 -13.67 -23.23 -11.81
CA GLN A 328 -14.93 -23.73 -12.34
C GLN A 328 -15.77 -24.53 -11.34
N GLY A 329 -15.25 -24.72 -10.13
CA GLY A 329 -15.95 -25.49 -9.11
C GLY A 329 -16.00 -27.00 -9.31
N GLU A 330 -15.00 -27.60 -9.98
CA GLU A 330 -15.04 -29.05 -10.25
C GLU A 330 -14.31 -29.85 -9.19
N PHE A 331 -14.90 -29.86 -8.02
CA PHE A 331 -14.40 -30.59 -6.89
C PHE A 331 -15.56 -30.78 -5.93
N LEU A 332 -15.47 -31.83 -5.14
CA LEU A 332 -16.48 -32.18 -4.19
C LEU A 332 -16.30 -31.34 -2.90
N ASN A 333 -17.17 -31.58 -1.93
CA ASN A 333 -17.35 -30.72 -0.78
C ASN A 333 -16.58 -31.20 0.43
N TYR A 334 -15.29 -30.99 0.47
CA TYR A 334 -14.49 -31.45 1.59
C TYR A 334 -14.45 -30.35 2.64
N ASP A 335 -14.61 -30.65 3.94
CA ASP A 335 -14.20 -29.65 4.99
C ASP A 335 -12.70 -29.39 4.75
N ILE A 336 -12.30 -28.12 4.60
CA ILE A 336 -10.89 -27.77 4.34
C ILE A 336 -10.29 -26.79 5.33
N MET A 337 -9.10 -27.13 5.83
CA MET A 337 -8.31 -26.19 6.60
C MET A 337 -6.98 -26.00 5.88
N LEU A 338 -6.58 -24.74 5.71
CA LEU A 338 -5.30 -24.42 5.10
C LEU A 338 -4.65 -23.17 5.69
N GLY A 339 -3.35 -23.01 5.41
CA GLY A 339 -2.61 -21.88 5.94
C GLY A 339 -1.17 -21.85 5.48
N VAL A 340 -0.46 -20.86 6.02
CA VAL A 340 0.91 -20.56 5.70
C VAL A 340 1.59 -19.99 6.95
N ASN A 341 2.92 -20.06 6.94
CA ASN A 341 3.78 -19.55 8.01
C ASN A 341 4.32 -18.18 7.62
N GLN A 342 4.67 -17.36 8.60
CA GLN A 342 5.00 -15.96 8.35
C GLN A 342 6.12 -15.77 7.33
N GLY A 343 7.21 -16.51 7.46
CA GLY A 343 8.35 -16.36 6.56
C GLY A 343 8.83 -17.62 5.86
N GLU A 344 7.90 -18.34 5.26
CA GLU A 344 8.11 -19.57 4.48
C GLU A 344 9.37 -19.47 3.67
N GLY A 345 9.52 -18.32 3.05
CA GLY A 345 10.51 -18.11 2.02
C GLY A 345 11.90 -17.68 2.46
N LEU A 346 12.27 -18.03 3.68
CA LEU A 346 13.59 -17.68 4.21
C LEU A 346 14.71 -17.84 3.17
N LYS A 347 14.73 -18.96 2.47
CA LYS A 347 15.89 -19.30 1.62
C LYS A 347 16.10 -18.31 0.46
N PHE A 348 15.09 -17.53 0.16
CA PHE A 348 15.18 -16.53 -0.91
C PHE A 348 16.29 -15.49 -0.63
N VAL A 349 16.62 -15.28 0.65
CA VAL A 349 17.71 -14.36 1.06
C VAL A 349 19.02 -15.05 1.44
N ASP A 350 19.15 -16.32 1.10
CA ASP A 350 20.42 -17.02 1.21
C ASP A 350 21.50 -16.19 0.56
N GLY A 351 22.63 -16.07 1.25
CA GLY A 351 23.81 -15.43 0.70
C GLY A 351 23.89 -13.93 0.63
N ILE A 352 22.85 -13.19 0.99
CA ILE A 352 22.88 -11.73 0.80
C ILE A 352 22.61 -10.99 2.10
N VAL A 353 22.57 -11.73 3.21
CA VAL A 353 22.36 -11.14 4.55
C VAL A 353 23.72 -10.88 5.20
N ASP A 354 23.98 -9.64 5.60
CA ASP A 354 25.31 -9.29 6.11
C ASP A 354 25.44 -9.52 7.60
N ASN A 355 26.56 -9.09 8.13
CA ASN A 355 26.85 -9.15 9.55
C ASN A 355 25.86 -8.55 10.48
N GLU A 356 25.18 -7.52 10.01
CA GLU A 356 24.21 -6.78 10.82
C GLU A 356 22.79 -7.23 10.52
N ASP A 357 22.68 -8.43 9.93
CA ASP A 357 21.41 -9.02 9.55
C ASP A 357 20.65 -8.18 8.54
N GLY A 358 21.37 -7.45 7.69
CA GLY A 358 20.75 -6.59 6.70
C GLY A 358 21.04 -6.97 5.25
N VAL A 359 20.28 -6.35 4.36
CA VAL A 359 20.47 -6.53 2.93
C VAL A 359 20.61 -5.14 2.32
N THR A 360 21.58 -4.99 1.43
CA THR A 360 21.82 -3.70 0.74
C THR A 360 20.83 -3.41 -0.40
N PRO A 361 20.65 -2.13 -0.77
CA PRO A 361 19.84 -1.86 -1.94
C PRO A 361 20.26 -2.58 -3.22
N ASN A 362 21.56 -2.67 -3.48
CA ASN A 362 22.00 -3.35 -4.70
C ASN A 362 21.58 -4.80 -4.69
N ASP A 363 21.61 -5.42 -3.51
CA ASP A 363 21.24 -6.83 -3.41
C ASP A 363 19.72 -6.99 -3.49
N PHE A 364 18.99 -6.01 -2.99
CA PHE A 364 17.55 -5.98 -3.14
C PHE A 364 17.20 -5.90 -4.64
N ASP A 365 17.83 -4.99 -5.36
CA ASP A 365 17.56 -4.86 -6.79
C ASP A 365 17.86 -6.14 -7.56
N PHE A 366 19.01 -6.70 -7.27
CA PHE A 366 19.48 -7.87 -7.99
C PHE A 366 18.53 -9.03 -7.74
N SER A 367 18.06 -9.10 -6.52
CA SER A 367 17.26 -10.16 -6.04
C SER A 367 15.87 -10.14 -6.69
N VAL A 368 15.29 -8.95 -6.77
CA VAL A 368 14.02 -8.76 -7.49
C VAL A 368 14.21 -8.93 -8.98
N SER A 369 15.32 -8.47 -9.51
CA SER A 369 15.61 -8.64 -10.94
C SER A 369 15.67 -10.13 -11.34
N ASN A 370 16.42 -10.91 -10.59
CA ASN A 370 16.52 -12.35 -10.85
C ASN A 370 15.18 -13.07 -10.68
N PHE A 371 14.40 -12.65 -9.67
CA PHE A 371 13.03 -13.16 -9.47
C PHE A 371 12.22 -12.98 -10.75
N VAL A 372 12.18 -11.77 -11.26
CA VAL A 372 11.47 -11.48 -12.48
C VAL A 372 11.95 -12.39 -13.62
N ASP A 373 13.26 -12.55 -13.78
CA ASP A 373 13.78 -13.43 -14.84
C ASP A 373 13.33 -14.90 -14.66
N ASN A 374 13.22 -15.35 -13.42
CA ASN A 374 12.89 -16.74 -13.15
C ASN A 374 11.40 -17.07 -13.20
N LEU A 375 10.55 -16.13 -12.85
CA LEU A 375 9.11 -16.40 -12.80
C LEU A 375 8.30 -15.65 -13.83
N TYR A 376 8.87 -14.60 -14.42
CA TYR A 376 8.15 -13.78 -15.38
C TYR A 376 9.06 -13.45 -16.55
N GLY A 377 9.72 -14.48 -17.08
CA GLY A 377 10.75 -14.31 -18.12
C GLY A 377 10.35 -13.78 -19.49
N TYR A 378 9.24 -13.06 -19.57
CA TYR A 378 8.72 -12.47 -20.84
C TYR A 378 9.50 -11.22 -21.25
N PRO A 379 10.11 -11.21 -22.44
CA PRO A 379 10.62 -9.93 -22.92
C PRO A 379 9.59 -9.29 -23.87
N GLU A 380 9.07 -8.09 -23.63
CA GLU A 380 9.42 -7.19 -22.52
C GLU A 380 8.17 -6.80 -21.72
N GLY A 381 8.27 -5.75 -20.91
CA GLY A 381 7.30 -5.47 -19.85
C GLY A 381 7.91 -5.73 -18.48
N LYS A 382 9.12 -6.28 -18.46
CA LYS A 382 9.76 -6.62 -17.19
C LYS A 382 10.57 -5.51 -16.52
N ASP A 383 10.92 -4.45 -17.24
CA ASP A 383 11.49 -3.27 -16.56
C ASP A 383 10.41 -2.73 -15.66
N THR A 384 9.21 -2.60 -16.23
CA THR A 384 8.04 -2.14 -15.50
C THR A 384 7.77 -3.01 -14.28
N LEU A 385 7.73 -4.31 -14.49
CA LEU A 385 7.32 -5.23 -13.44
C LEU A 385 8.33 -5.16 -12.29
N ARG A 386 9.58 -5.07 -12.65
CA ARG A 386 10.65 -5.05 -11.68
C ARG A 386 10.56 -3.82 -10.79
N GLU A 387 10.39 -2.67 -11.42
CA GLU A 387 10.20 -1.42 -10.71
C GLU A 387 8.96 -1.46 -9.81
N THR A 388 7.86 -2.02 -10.31
CA THR A 388 6.65 -2.10 -9.52
C THR A 388 6.84 -3.01 -8.30
N ILE A 389 7.46 -4.16 -8.50
CA ILE A 389 7.69 -5.08 -7.40
C ILE A 389 8.55 -4.41 -6.34
N LYS A 390 9.62 -3.73 -6.76
CA LYS A 390 10.49 -3.04 -5.82
C LYS A 390 9.70 -2.05 -4.98
N PHE A 391 8.81 -1.32 -5.64
CA PHE A 391 8.01 -0.30 -4.95
C PHE A 391 7.13 -0.94 -3.93
N MET A 392 6.40 -1.96 -4.37
CA MET A 392 5.48 -2.71 -3.49
C MET A 392 6.18 -3.28 -2.29
N TYR A 393 7.40 -3.75 -2.47
CA TYR A 393 8.09 -4.37 -1.36
C TYR A 393 9.14 -3.47 -0.67
N THR A 394 8.89 -2.17 -0.68
CA THR A 394 9.68 -1.23 0.10
C THR A 394 8.79 -0.63 1.20
N ASP A 395 9.32 -0.60 2.41
CA ASP A 395 8.63 0.02 3.52
C ASP A 395 8.84 1.51 3.50
N TRP A 396 7.92 2.20 2.83
CA TRP A 396 8.12 3.62 2.61
C TRP A 396 8.14 4.43 3.89
N ALA A 397 7.82 3.81 5.02
CA ALA A 397 7.86 4.49 6.33
C ALA A 397 9.17 4.21 7.08
N ASP A 398 10.05 3.44 6.46
CA ASP A 398 11.34 3.03 7.07
C ASP A 398 12.26 2.49 5.97
N LYS A 399 12.38 3.27 4.90
CA LYS A 399 13.02 2.82 3.68
C LYS A 399 14.55 2.71 3.73
N GLU A 400 15.15 3.11 4.84
CA GLU A 400 16.61 3.08 4.97
C GLU A 400 17.07 1.86 5.76
N ASN A 401 16.14 1.14 6.39
CA ASN A 401 16.49 0.13 7.37
C ASN A 401 16.86 -1.18 6.70
N PRO A 402 18.13 -1.61 6.83
CA PRO A 402 18.57 -2.81 6.06
C PRO A 402 17.90 -4.11 6.52
N GLU A 403 17.58 -4.20 7.80
CA GLU A 403 16.86 -5.37 8.31
C GLU A 403 15.43 -5.47 7.75
N THR A 404 14.79 -4.34 7.52
CA THR A 404 13.46 -4.33 6.97
C THR A 404 13.56 -4.74 5.50
N ARG A 405 14.62 -4.32 4.83
CA ARG A 405 14.80 -4.71 3.46
C ARG A 405 14.83 -6.23 3.39
N ARG A 406 15.49 -6.85 4.37
CA ARG A 406 15.61 -8.28 4.42
C ARG A 406 14.25 -8.91 4.58
N LYS A 407 13.49 -8.46 5.59
CA LYS A 407 12.14 -8.99 5.81
C LYS A 407 11.25 -8.90 4.56
N THR A 408 11.34 -7.80 3.84
CA THR A 408 10.46 -7.60 2.69
C THR A 408 10.77 -8.56 1.55
N LEU A 409 12.02 -8.90 1.42
CA LEU A 409 12.48 -9.84 0.40
C LEU A 409 11.96 -11.24 0.73
N VAL A 410 12.07 -11.63 1.99
CA VAL A 410 11.51 -12.88 2.42
C VAL A 410 10.01 -12.87 2.23
N ALA A 411 9.41 -11.70 2.42
CA ALA A 411 7.97 -11.53 2.23
C ALA A 411 7.59 -11.68 0.73
N LEU A 412 8.38 -11.09 -0.16
CA LEU A 412 8.12 -11.17 -1.60
C LEU A 412 7.96 -12.62 -2.03
N PHE A 413 8.92 -13.43 -1.66
CA PHE A 413 8.92 -14.81 -2.11
C PHE A 413 7.85 -15.62 -1.40
N THR A 414 7.65 -15.34 -0.10
CA THR A 414 6.64 -16.02 0.71
C THR A 414 5.25 -15.71 0.17
N ASP A 415 5.04 -14.43 -0.14
CA ASP A 415 3.78 -14.00 -0.72
C ASP A 415 3.49 -14.67 -2.03
N HIS A 416 4.51 -14.69 -2.90
CA HIS A 416 4.32 -15.16 -4.26
C HIS A 416 4.15 -16.67 -4.38
N GLN A 417 4.95 -17.42 -3.63
CA GLN A 417 4.97 -18.89 -3.73
C GLN A 417 3.98 -19.60 -2.82
N TRP A 418 3.61 -18.91 -1.73
CA TRP A 418 2.76 -19.54 -0.71
C TRP A 418 1.46 -18.84 -0.39
N VAL A 419 1.49 -17.53 -0.15
CA VAL A 419 0.33 -16.82 0.37
C VAL A 419 -0.67 -16.60 -0.71
N ALA A 420 -0.24 -16.03 -1.82
CA ALA A 420 -1.17 -15.72 -2.90
C ALA A 420 -1.93 -16.96 -3.34
N PRO A 421 -1.23 -18.06 -3.60
CA PRO A 421 -1.99 -19.25 -4.03
C PRO A 421 -2.81 -19.91 -2.94
N ALA A 422 -2.40 -19.76 -1.70
CA ALA A 422 -3.17 -20.33 -0.60
C ALA A 422 -4.49 -19.60 -0.56
N VAL A 423 -4.44 -18.28 -0.67
CA VAL A 423 -5.64 -17.48 -0.56
C VAL A 423 -6.51 -17.73 -1.78
N ALA A 424 -5.89 -17.78 -2.96
CA ALA A 424 -6.61 -18.15 -4.17
C ALA A 424 -7.40 -19.46 -3.95
N THR A 425 -6.73 -20.43 -3.32
CA THR A 425 -7.33 -21.73 -3.08
C THR A 425 -8.44 -21.62 -2.03
N ALA A 426 -8.16 -20.94 -0.93
CA ALA A 426 -9.15 -20.71 0.10
C ALA A 426 -10.37 -20.03 -0.48
N ASP A 427 -10.19 -19.00 -1.28
CA ASP A 427 -11.35 -18.27 -1.81
C ASP A 427 -12.23 -19.20 -2.64
N LEU A 428 -11.62 -19.98 -3.51
CA LEU A 428 -12.40 -20.86 -4.40
C LEU A 428 -13.14 -21.99 -3.69
N HIS A 429 -12.56 -22.59 -2.63
CA HIS A 429 -13.32 -23.57 -1.82
C HIS A 429 -14.48 -22.90 -1.16
N ALA A 430 -14.22 -21.76 -0.53
CA ALA A 430 -15.27 -21.05 0.19
C ALA A 430 -16.41 -20.65 -0.74
N GLN A 431 -16.06 -20.19 -1.92
CA GLN A 431 -17.02 -19.71 -2.93
C GLN A 431 -17.97 -20.78 -3.39
N TYR A 432 -17.52 -22.03 -3.44
CA TYR A 432 -18.36 -23.16 -3.84
C TYR A 432 -18.91 -23.92 -2.62
N GLY A 433 -18.94 -23.24 -1.48
CA GLY A 433 -19.69 -23.71 -0.34
C GLY A 433 -19.04 -24.72 0.59
N SER A 434 -17.80 -25.11 0.33
CA SER A 434 -17.08 -26.01 1.23
C SER A 434 -16.58 -25.28 2.45
N PRO A 435 -16.84 -25.81 3.67
CA PRO A 435 -16.38 -25.15 4.89
C PRO A 435 -14.86 -24.95 4.91
N THR A 436 -14.43 -23.71 5.01
CA THR A 436 -13.03 -23.38 4.86
C THR A 436 -12.52 -22.66 6.10
N TYR A 437 -11.29 -23.01 6.52
CA TYR A 437 -10.63 -22.37 7.68
C TYR A 437 -9.17 -22.05 7.36
N PHE A 438 -8.79 -20.79 7.56
CA PHE A 438 -7.50 -20.29 7.16
C PHE A 438 -6.72 -19.87 8.40
N TYR A 439 -5.41 -20.15 8.36
CA TYR A 439 -4.48 -19.76 9.43
C TYR A 439 -3.16 -19.14 8.92
N ALA A 440 -2.58 -18.26 9.71
CA ALA A 440 -1.25 -17.72 9.48
C ALA A 440 -0.45 -18.11 10.70
N PHE A 441 0.61 -18.87 10.50
CA PHE A 441 1.35 -19.45 11.62
C PHE A 441 2.55 -18.58 11.95
N TYR A 442 2.49 -17.93 13.11
CA TYR A 442 3.48 -16.94 13.49
C TYR A 442 4.27 -17.42 14.72
N HIS A 443 4.64 -18.69 14.75
CA HIS A 443 5.51 -19.17 15.80
C HIS A 443 6.46 -20.20 15.23
N HIS A 444 7.50 -20.50 15.99
CA HIS A 444 8.55 -21.42 15.57
C HIS A 444 9.48 -21.54 16.75
N CYS A 445 10.20 -22.64 16.82
CA CYS A 445 11.01 -22.93 17.98
C CYS A 445 12.36 -22.24 17.87
N GLN A 446 12.94 -21.94 19.01
CA GLN A 446 14.31 -21.47 19.06
C GLN A 446 15.29 -22.61 18.77
N SER A 447 16.21 -22.40 17.80
CA SER A 447 17.19 -23.43 17.41
C SER A 447 18.39 -22.88 16.65
N GLU A 448 19.30 -23.75 16.22
CA GLU A 448 20.49 -23.34 15.48
C GLU A 448 20.36 -23.74 14.02
N MET A 449 19.20 -24.27 13.68
CA MET A 449 18.90 -24.72 12.33
C MET A 449 18.70 -23.57 11.37
N LYS A 450 18.69 -22.37 11.92
CA LYS A 450 18.13 -21.24 11.23
C LYS A 450 18.68 -20.02 11.93
N PRO A 451 18.91 -18.90 11.21
CA PRO A 451 19.43 -17.74 11.91
C PRO A 451 18.41 -17.15 12.86
N SER A 452 18.90 -16.52 13.90
CA SER A 452 18.07 -16.05 15.00
C SER A 452 17.12 -14.95 14.59
N TRP A 453 17.46 -14.20 13.55
CA TRP A 453 16.57 -13.16 13.04
C TRP A 453 15.39 -13.67 12.24
N ALA A 454 15.39 -14.94 11.87
CA ALA A 454 14.38 -15.47 10.94
C ALA A 454 13.06 -15.63 11.65
N ASP A 455 11.98 -15.42 10.93
CA ASP A 455 10.64 -15.74 11.39
C ASP A 455 10.31 -17.16 10.95
N SER A 456 9.21 -17.68 11.49
CA SER A 456 8.71 -19.00 11.09
C SER A 456 8.93 -19.33 9.60
N ALA A 457 9.65 -20.40 9.37
CA ALA A 457 10.10 -20.73 8.02
C ALA A 457 9.34 -21.96 7.52
N HIS A 458 9.61 -22.33 6.27
CA HIS A 458 8.94 -23.47 5.66
C HIS A 458 9.26 -24.70 6.46
N GLY A 459 8.18 -25.36 6.92
CA GLY A 459 8.26 -26.54 7.75
C GLY A 459 8.16 -26.30 9.26
N ASP A 460 8.22 -25.06 9.71
CA ASP A 460 8.30 -24.87 11.18
C ASP A 460 7.04 -25.24 11.96
N GLU A 461 5.95 -25.50 11.27
CA GLU A 461 4.71 -25.83 11.98
C GLU A 461 4.73 -27.29 12.39
N VAL A 462 5.53 -28.09 11.70
CA VAL A 462 5.45 -29.54 11.81
C VAL A 462 5.60 -30.02 13.24
N PRO A 463 6.56 -29.49 13.98
CA PRO A 463 6.74 -29.89 15.37
C PRO A 463 5.54 -29.61 16.27
N TYR A 464 4.78 -28.59 15.95
CA TYR A 464 3.62 -28.26 16.75
C TYR A 464 2.46 -29.15 16.40
N VAL A 465 2.26 -29.40 15.10
CA VAL A 465 1.19 -30.29 14.67
C VAL A 465 1.38 -31.66 15.27
N PHE A 466 2.62 -32.11 15.40
CA PHE A 466 2.86 -33.51 15.86
C PHE A 466 3.27 -33.65 17.30
N GLY A 467 3.15 -32.58 18.07
CA GLY A 467 3.35 -32.63 19.51
C GLY A 467 4.78 -32.85 19.99
N ILE A 468 5.77 -32.57 19.15
CA ILE A 468 7.16 -32.87 19.50
C ILE A 468 7.63 -32.27 20.82
N PRO A 469 7.21 -31.03 21.16
CA PRO A 469 7.53 -30.39 22.44
C PRO A 469 7.09 -31.17 23.68
N MET A 470 6.06 -31.99 23.52
CA MET A 470 5.55 -32.81 24.61
C MET A 470 6.53 -33.85 25.04
N ILE A 471 7.46 -34.19 24.15
CA ILE A 471 8.49 -35.19 24.44
C ILE A 471 9.82 -34.54 24.68
N GLY A 472 10.22 -33.65 23.78
CA GLY A 472 11.52 -33.02 23.85
C GLY A 472 12.14 -32.89 22.48
N PRO A 473 13.32 -32.25 22.42
CA PRO A 473 13.98 -32.14 21.13
C PRO A 473 14.37 -33.51 20.61
N THR A 474 14.36 -33.62 19.30
CA THR A 474 14.74 -34.84 18.63
C THR A 474 15.89 -34.48 17.71
N GLU A 475 16.47 -35.49 17.07
CA GLU A 475 17.57 -35.27 16.16
C GLU A 475 17.18 -34.42 14.94
N LEU A 476 15.93 -34.50 14.50
CA LEU A 476 15.48 -33.70 13.37
C LEU A 476 15.09 -32.29 13.77
N PHE A 477 14.38 -32.19 14.90
CA PHE A 477 14.00 -30.90 15.48
C PHE A 477 14.75 -30.70 16.79
N SER A 478 15.94 -30.15 16.66
CA SER A 478 16.78 -29.85 17.79
C SER A 478 16.44 -28.44 18.23
N CYS A 479 15.25 -28.34 18.79
CA CYS A 479 14.74 -27.10 19.30
C CYS A 479 14.97 -27.09 20.78
N ASN A 480 15.19 -25.90 21.30
CA ASN A 480 15.11 -25.68 22.72
C ASN A 480 13.73 -25.22 23.13
N PHE A 481 12.90 -26.16 23.58
CA PHE A 481 11.51 -25.86 23.79
C PHE A 481 11.26 -25.23 25.15
N SER A 482 10.27 -24.34 25.21
CA SER A 482 9.79 -23.73 26.46
C SER A 482 8.36 -24.19 26.81
N LYS A 483 7.93 -23.93 28.03
CA LYS A 483 6.56 -24.19 28.42
C LYS A 483 5.56 -23.66 27.38
N ASN A 484 5.86 -22.49 26.84
CA ASN A 484 5.04 -21.89 25.80
C ASN A 484 4.92 -22.78 24.57
N ASP A 485 6.04 -23.32 24.11
CA ASP A 485 6.04 -24.24 22.98
C ASP A 485 5.11 -25.42 23.23
N VAL A 486 5.19 -25.99 24.42
CA VAL A 486 4.33 -27.14 24.79
C VAL A 486 2.87 -26.74 24.68
N MET A 487 2.55 -25.55 25.13
CA MET A 487 1.19 -25.12 25.14
C MET A 487 0.67 -24.74 23.76
N LEU A 488 1.53 -24.20 22.93
CA LEU A 488 1.10 -23.86 21.60
C LEU A 488 0.85 -25.15 20.83
N SER A 489 1.71 -26.15 21.05
CA SER A 489 1.51 -27.45 20.45
C SER A 489 0.18 -28.02 20.89
N ALA A 490 -0.12 -27.95 22.18
CA ALA A 490 -1.43 -28.39 22.67
C ALA A 490 -2.54 -27.70 21.90
N VAL A 491 -2.46 -26.37 21.74
CA VAL A 491 -3.50 -25.61 21.02
C VAL A 491 -3.66 -26.09 19.57
N VAL A 492 -2.55 -26.22 18.87
CA VAL A 492 -2.57 -26.65 17.49
C VAL A 492 -3.14 -28.06 17.37
N MET A 493 -2.67 -28.99 18.18
CA MET A 493 -3.20 -30.35 18.08
C MET A 493 -4.69 -30.40 18.41
N THR A 494 -5.14 -29.57 19.36
CA THR A 494 -6.55 -29.53 19.68
C THR A 494 -7.34 -29.07 18.46
N TYR A 495 -6.88 -28.02 17.80
CA TYR A 495 -7.59 -27.51 16.64
C TYR A 495 -7.61 -28.56 15.56
N TRP A 496 -6.44 -29.14 15.30
CA TRP A 496 -6.30 -30.10 14.21
C TRP A 496 -7.19 -31.31 14.42
N THR A 497 -7.18 -31.86 15.63
CA THR A 497 -7.91 -33.08 15.87
C THR A 497 -9.41 -32.79 16.05
N ASN A 498 -9.74 -31.60 16.54
CA ASN A 498 -11.14 -31.19 16.55
C ASN A 498 -11.70 -31.20 15.14
N PHE A 499 -10.94 -30.64 14.24
CA PHE A 499 -11.34 -30.60 12.85
C PHE A 499 -11.50 -32.02 12.32
N ALA A 500 -10.55 -32.89 12.64
CA ALA A 500 -10.68 -34.28 12.22
C ALA A 500 -12.01 -34.85 12.73
N LYS A 501 -12.38 -34.52 13.97
CA LYS A 501 -13.59 -35.08 14.62
C LYS A 501 -14.91 -34.55 14.06
N THR A 502 -15.02 -33.25 13.80
CA THR A 502 -16.31 -32.61 13.50
C THR A 502 -16.37 -31.74 12.25
N GLY A 503 -15.23 -31.45 11.65
CA GLY A 503 -15.18 -30.47 10.56
C GLY A 503 -15.01 -29.01 11.01
N ASP A 504 -14.85 -28.82 12.32
CA ASP A 504 -14.81 -27.49 12.96
C ASP A 504 -13.71 -27.62 14.01
N PRO A 505 -12.66 -26.79 13.92
CA PRO A 505 -11.56 -26.87 14.87
C PRO A 505 -11.92 -26.40 16.27
N ASN A 506 -13.07 -25.76 16.42
CA ASN A 506 -13.57 -25.36 17.73
C ASN A 506 -14.36 -26.44 18.47
N GLN A 507 -14.69 -27.53 17.78
CA GLN A 507 -15.64 -28.53 18.31
C GLN A 507 -15.04 -29.92 18.42
N PRO A 508 -15.00 -30.47 19.66
CA PRO A 508 -14.60 -31.89 19.78
C PRO A 508 -15.76 -32.89 19.62
N VAL A 509 -17.02 -32.43 19.66
CA VAL A 509 -18.21 -33.26 19.39
C VAL A 509 -19.26 -32.41 18.67
N VAL A 526 -9.72 -20.05 22.08
CA VAL A 526 -10.00 -18.95 21.11
C VAL A 526 -10.78 -19.44 19.87
N ALA A 527 -11.92 -18.83 19.61
CA ALA A 527 -12.81 -19.25 18.56
C ALA A 527 -12.20 -18.96 17.18
N TRP A 528 -12.09 -19.99 16.36
CA TRP A 528 -11.59 -19.85 14.99
C TRP A 528 -12.74 -19.73 14.00
N SER A 529 -13.06 -18.51 13.60
CA SER A 529 -14.15 -18.29 12.66
C SER A 529 -13.93 -18.91 11.29
N ARG A 530 -15.02 -19.36 10.70
CA ARG A 530 -14.99 -19.86 9.34
C ARG A 530 -14.51 -18.78 8.38
N TYR A 531 -13.94 -19.22 7.25
CA TYR A 531 -13.45 -18.35 6.19
C TYR A 531 -14.44 -18.31 5.04
N ASN A 532 -14.92 -17.11 4.70
CA ASN A 532 -15.57 -16.90 3.40
C ASN A 532 -15.02 -15.65 2.74
N PRO A 533 -15.13 -15.54 1.39
CA PRO A 533 -14.30 -14.52 0.72
C PRO A 533 -14.79 -13.08 0.97
N LYS A 534 -15.97 -12.94 1.58
CA LYS A 534 -16.45 -11.66 2.06
C LYS A 534 -15.66 -11.07 3.23
N ASP A 535 -15.71 -11.70 4.42
CA ASP A 535 -14.98 -11.19 5.58
C ASP A 535 -13.55 -11.64 5.58
N GLN A 536 -13.31 -12.83 5.06
CA GLN A 536 -11.99 -13.44 4.99
C GLN A 536 -11.29 -13.51 6.33
N LEU A 537 -12.00 -14.04 7.31
CA LEU A 537 -11.45 -14.19 8.64
C LEU A 537 -10.49 -15.35 8.67
N TYR A 538 -9.39 -15.19 9.42
CA TYR A 538 -8.37 -16.21 9.57
C TYR A 538 -7.85 -16.13 10.98
N LEU A 539 -7.24 -17.25 11.41
CA LEU A 539 -6.62 -17.33 12.74
C LEU A 539 -5.14 -17.02 12.65
N HIS A 540 -4.70 -16.01 13.37
CA HIS A 540 -3.27 -15.71 13.56
C HIS A 540 -2.81 -16.63 14.66
N ILE A 541 -2.02 -17.63 14.32
CA ILE A 541 -1.56 -18.61 15.32
C ILE A 541 -0.20 -18.19 15.82
N GLY A 542 -0.14 -17.91 17.11
CA GLY A 542 1.09 -17.51 17.76
C GLY A 542 0.89 -17.69 19.25
N LEU A 543 1.83 -17.23 20.06
CA LEU A 543 1.67 -17.33 21.50
C LEU A 543 0.28 -16.82 21.92
N LYS A 544 -0.16 -15.69 21.36
CA LYS A 544 -1.50 -15.14 21.58
C LYS A 544 -2.34 -15.26 20.30
N PRO A 545 -3.06 -16.37 20.12
CA PRO A 545 -3.87 -16.50 18.93
C PRO A 545 -5.02 -15.52 18.86
N ARG A 546 -5.34 -15.03 17.68
CA ARG A 546 -6.44 -14.12 17.51
C ARG A 546 -6.97 -14.15 16.10
N VAL A 547 -8.28 -13.96 15.96
CA VAL A 547 -8.88 -13.87 14.65
C VAL A 547 -8.64 -12.47 14.05
N ARG A 548 -8.26 -12.44 12.78
CA ARG A 548 -7.99 -11.23 12.03
C ARG A 548 -8.63 -11.43 10.65
N ASP A 549 -8.51 -10.44 9.78
CA ASP A 549 -9.14 -10.56 8.47
C ASP A 549 -8.24 -10.09 7.32
N HIS A 550 -8.54 -10.55 6.11
CA HIS A 550 -7.84 -10.16 4.87
C HIS A 550 -6.31 -10.22 4.93
N TYR A 551 -5.81 -11.39 5.30
CA TYR A 551 -4.37 -11.63 5.40
C TYR A 551 -3.66 -11.13 4.18
N ARG A 552 -2.87 -10.08 4.38
CA ARG A 552 -2.01 -9.49 3.37
C ARG A 552 -2.76 -9.29 2.07
N ALA A 553 -3.97 -8.76 2.20
CA ALA A 553 -4.85 -8.65 1.05
C ALA A 553 -4.25 -7.81 -0.08
N THR A 554 -3.53 -6.75 0.24
CA THR A 554 -2.99 -5.87 -0.80
C THR A 554 -1.90 -6.61 -1.56
N LYS A 555 -1.07 -7.32 -0.84
CA LYS A 555 0.00 -8.08 -1.50
C LYS A 555 -0.55 -9.24 -2.33
N VAL A 556 -1.55 -9.92 -1.83
CA VAL A 556 -2.21 -11.00 -2.59
C VAL A 556 -2.89 -10.41 -3.84
N ALA A 557 -3.55 -9.27 -3.68
CA ALA A 557 -4.15 -8.60 -4.82
C ALA A 557 -3.08 -8.27 -5.86
N PHE A 558 -1.94 -7.79 -5.40
CA PHE A 558 -0.89 -7.41 -6.30
C PHE A 558 -0.51 -8.57 -7.19
N TRP A 559 -0.37 -9.75 -6.57
CA TRP A 559 0.03 -10.92 -7.35
C TRP A 559 -1.11 -11.50 -8.14
N LEU A 560 -2.32 -11.55 -7.59
CA LEU A 560 -3.41 -12.21 -8.29
C LEU A 560 -4.07 -11.30 -9.30
N GLU A 561 -4.03 -10.00 -9.07
CA GLU A 561 -4.88 -9.08 -9.82
C GLU A 561 -4.05 -8.17 -10.74
N LEU A 562 -3.12 -7.41 -10.17
CA LEU A 562 -2.37 -6.45 -10.98
C LEU A 562 -1.35 -7.09 -11.90
N VAL A 563 -0.53 -8.00 -11.38
CA VAL A 563 0.60 -8.52 -12.15
C VAL A 563 0.12 -9.27 -13.42
N PRO A 564 -0.99 -10.02 -13.35
CA PRO A 564 -1.51 -10.64 -14.57
C PRO A 564 -1.79 -9.61 -15.66
N HIS A 565 -2.64 -8.61 -15.37
CA HIS A 565 -2.78 -7.47 -16.31
C HIS A 565 -1.39 -6.91 -16.20
N LEU A 566 -0.83 -6.27 -17.21
CA LEU A 566 0.63 -6.06 -17.23
C LEU A 566 1.26 -7.26 -17.94
N HIS A 567 0.50 -7.84 -18.87
CA HIS A 567 0.84 -9.08 -19.58
C HIS A 567 -0.40 -9.65 -20.29
N LYS B 3 -1.87 60.02 23.00
CA LYS B 3 -2.82 60.84 23.82
C LYS B 3 -2.22 62.25 23.99
N ASP B 4 -2.86 63.19 23.30
CA ASP B 4 -2.50 64.62 23.26
C ASP B 4 -3.43 65.33 22.22
N ASP B 5 -3.64 64.66 21.08
CA ASP B 5 -4.39 65.11 19.87
C ASP B 5 -5.47 66.22 19.99
N ASP B 6 -6.05 66.38 21.18
CA ASP B 6 -6.96 67.48 21.51
C ASP B 6 -8.42 67.03 21.30
N ASP B 7 -8.75 66.44 20.15
CA ASP B 7 -10.04 65.72 20.10
C ASP B 7 -9.82 64.24 20.38
N LYS B 8 -9.87 63.90 21.66
CA LYS B 8 -9.50 62.59 22.14
C LYS B 8 -10.48 61.49 21.75
N LEU B 9 -11.75 61.83 21.69
CA LEU B 9 -12.73 60.85 21.26
C LEU B 9 -12.42 60.53 19.79
N ALA B 10 -12.19 61.56 18.98
CA ALA B 10 -11.90 61.29 17.55
C ALA B 10 -10.63 60.46 17.41
N ALA B 11 -9.62 60.76 18.23
CA ALA B 11 -8.33 60.06 18.13
C ALA B 11 -8.47 58.60 18.49
N ALA B 12 -9.44 58.24 19.33
CA ALA B 12 -9.48 56.86 19.84
C ALA B 12 -10.37 56.02 18.94
N GLN B 13 -11.35 56.73 18.32
CA GLN B 13 -12.35 56.00 17.56
C GLN B 13 -11.97 55.90 16.10
N TYR B 14 -11.27 56.93 15.62
CA TYR B 14 -10.81 57.00 14.24
C TYR B 14 -9.31 57.28 14.22
N PRO B 15 -8.52 56.28 14.57
CA PRO B 15 -7.12 56.52 14.90
C PRO B 15 -6.29 56.82 13.67
N VAL B 16 -5.29 57.66 13.87
CA VAL B 16 -4.53 58.19 12.79
C VAL B 16 -3.11 57.72 12.98
N VAL B 17 -2.51 57.22 11.92
CA VAL B 17 -1.12 56.80 11.93
C VAL B 17 -0.37 57.51 10.81
N ASN B 18 0.82 57.99 11.12
CA ASN B 18 1.63 58.68 10.12
C ASN B 18 2.55 57.69 9.46
N THR B 19 2.28 57.36 8.20
CA THR B 19 3.11 56.46 7.43
C THR B 19 4.17 57.28 6.76
N ASN B 20 5.08 56.66 6.04
CA ASN B 20 6.09 57.43 5.30
C ASN B 20 5.53 58.22 4.13
N TYR B 21 4.29 57.97 3.76
CA TYR B 21 3.67 58.69 2.64
C TYR B 21 2.64 59.71 3.10
N GLY B 22 2.45 59.82 4.41
CA GLY B 22 1.46 60.71 4.96
C GLY B 22 0.57 59.99 5.94
N LYS B 23 -0.34 60.74 6.53
CA LYS B 23 -1.16 60.21 7.59
C LYS B 23 -2.36 59.55 7.05
N ILE B 24 -2.72 58.41 7.64
CA ILE B 24 -3.98 57.74 7.34
C ILE B 24 -4.89 57.64 8.56
N ARG B 25 -6.20 57.65 8.32
CA ARG B 25 -7.22 57.51 9.37
C ARG B 25 -8.01 56.20 9.17
N GLY B 26 -8.08 55.41 10.24
CA GLY B 26 -8.72 54.11 10.24
C GLY B 26 -9.91 54.09 11.18
N LEU B 27 -10.41 52.89 11.50
CA LEU B 27 -11.51 52.72 12.48
C LEU B 27 -11.15 51.84 13.65
N ARG B 28 -11.64 52.18 14.82
CA ARG B 28 -11.61 51.27 15.94
C ARG B 28 -12.90 50.43 15.92
N THR B 29 -12.73 49.12 15.88
CA THR B 29 -13.84 48.18 15.72
C THR B 29 -13.85 47.10 16.79
N PRO B 30 -14.92 47.05 17.60
CA PRO B 30 -15.01 46.00 18.61
C PRO B 30 -15.49 44.69 17.99
N LEU B 31 -15.21 43.57 18.66
CA LEU B 31 -15.61 42.24 18.17
C LEU B 31 -16.68 41.58 19.06
N PRO B 32 -17.72 41.00 18.47
CA PRO B 32 -18.80 40.50 19.30
C PRO B 32 -18.49 39.15 19.98
N ASN B 33 -17.54 39.17 20.90
CA ASN B 33 -17.15 37.97 21.63
C ASN B 33 -16.33 38.32 22.86
N GLU B 34 -16.79 37.87 24.03
CA GLU B 34 -16.19 38.34 25.28
C GLU B 34 -14.67 38.20 25.39
N ILE B 35 -14.05 37.22 24.75
CA ILE B 35 -12.61 37.12 24.87
C ILE B 35 -11.84 38.08 23.94
N LEU B 36 -12.51 38.69 22.97
CA LEU B 36 -11.78 39.47 21.97
C LEU B 36 -11.90 40.97 22.18
N GLY B 37 -10.76 41.63 22.33
CA GLY B 37 -10.73 43.09 22.43
C GLY B 37 -10.77 43.76 21.08
N PRO B 38 -10.95 45.09 21.08
CA PRO B 38 -11.07 45.80 19.81
C PRO B 38 -9.82 45.78 18.96
N VAL B 39 -10.05 46.04 17.68
CA VAL B 39 -9.06 46.12 16.66
C VAL B 39 -9.16 47.45 15.90
N GLU B 40 -8.00 48.03 15.58
CA GLU B 40 -7.94 49.18 14.70
C GLU B 40 -7.78 48.69 13.27
N GLN B 41 -8.71 49.08 12.40
CA GLN B 41 -8.75 48.64 11.03
C GLN B 41 -8.41 49.79 10.08
N TYR B 42 -7.36 49.62 9.28
CA TYR B 42 -7.00 50.54 8.22
C TYR B 42 -7.27 49.82 6.90
N LEU B 43 -8.33 50.25 6.22
CA LEU B 43 -8.75 49.59 5.01
C LEU B 43 -8.46 50.44 3.78
N GLY B 44 -7.98 49.78 2.74
CA GLY B 44 -7.83 50.41 1.44
C GLY B 44 -6.63 51.30 1.43
N VAL B 45 -5.56 50.85 2.08
CA VAL B 45 -4.30 51.61 2.13
C VAL B 45 -3.53 51.35 0.85
N PRO B 46 -3.06 52.38 0.19
CA PRO B 46 -2.34 52.18 -1.04
C PRO B 46 -0.88 51.82 -0.83
N TYR B 47 -0.42 50.74 -1.45
CA TYR B 47 0.96 50.31 -1.27
C TYR B 47 1.84 50.48 -2.50
N ALA B 48 1.23 50.89 -3.60
CA ALA B 48 1.93 51.13 -4.87
C ALA B 48 1.17 52.15 -5.71
N SER B 49 1.82 52.67 -6.74
CA SER B 49 1.13 53.53 -7.69
C SER B 49 0.19 52.71 -8.54
N PRO B 50 -0.92 53.30 -8.98
CA PRO B 50 -1.81 52.53 -9.86
C PRO B 50 -1.03 51.92 -11.03
N PRO B 51 -1.22 50.62 -11.31
CA PRO B 51 -0.53 50.03 -12.46
C PRO B 51 -1.35 50.22 -13.73
N THR B 52 -1.59 51.49 -14.07
CA THR B 52 -2.49 51.87 -15.18
C THR B 52 -1.73 52.59 -16.26
N GLY B 53 -2.25 52.54 -17.48
CA GLY B 53 -1.63 53.19 -18.62
C GLY B 53 -0.28 52.59 -18.99
N GLU B 54 0.77 53.42 -18.98
CA GLU B 54 2.15 52.96 -19.32
C GLU B 54 2.59 51.84 -18.38
N ARG B 55 1.93 51.76 -17.23
CA ARG B 55 2.35 50.89 -16.18
C ARG B 55 1.54 49.60 -16.06
N ARG B 56 0.59 49.39 -16.96
CA ARG B 56 0.05 48.04 -17.18
C ARG B 56 1.18 47.17 -17.79
N PHE B 57 1.22 45.91 -17.37
CA PHE B 57 2.30 44.97 -17.71
C PHE B 57 3.71 45.46 -17.38
N GLN B 58 3.82 46.30 -16.35
CA GLN B 58 5.11 46.68 -15.79
C GLN B 58 5.15 46.44 -14.30
N PRO B 59 6.35 46.34 -13.73
CA PRO B 59 6.46 46.15 -12.30
C PRO B 59 5.80 47.28 -11.55
N PRO B 60 5.35 47.01 -10.32
CA PRO B 60 4.72 48.10 -9.59
C PRO B 60 5.75 49.11 -9.11
N GLU B 61 5.29 50.32 -8.86
CA GLU B 61 6.14 51.44 -8.52
C GLU B 61 5.65 51.91 -7.15
N PRO B 62 6.49 52.60 -6.38
CA PRO B 62 5.99 53.02 -5.06
C PRO B 62 4.82 54.02 -5.14
N PRO B 63 4.04 54.11 -4.07
CA PRO B 63 2.92 55.03 -4.15
C PRO B 63 3.34 56.47 -3.96
N SER B 64 2.42 57.35 -4.28
CA SER B 64 2.61 58.79 -4.09
C SER B 64 2.38 59.16 -2.64
N SER B 65 3.06 60.18 -2.18
CA SER B 65 2.79 60.65 -0.82
C SER B 65 1.74 61.77 -0.87
N TRP B 66 1.24 62.19 0.29
CA TRP B 66 0.22 63.24 0.38
C TRP B 66 0.42 64.07 1.64
N THR B 67 -0.23 65.23 1.67
CA THR B 67 -0.39 66.00 2.91
C THR B 67 -1.82 65.90 3.41
N GLY B 68 -1.99 66.26 4.69
CA GLY B 68 -3.24 66.07 5.39
C GLY B 68 -3.46 64.59 5.70
N ILE B 69 -4.71 64.27 5.96
CA ILE B 69 -5.09 62.93 6.36
C ILE B 69 -5.88 62.26 5.27
N ARG B 70 -5.56 61.00 5.04
CA ARG B 70 -6.24 60.19 4.08
C ARG B 70 -7.08 59.15 4.82
N ASN B 71 -8.38 59.19 4.60
CA ASN B 71 -9.24 58.20 5.12
C ASN B 71 -8.92 56.86 4.50
N THR B 72 -8.60 55.90 5.34
CA THR B 72 -8.46 54.54 4.96
C THR B 72 -9.45 53.76 5.81
N THR B 73 -10.74 53.96 5.55
CA THR B 73 -11.84 53.46 6.39
C THR B 73 -12.85 52.59 5.64
N GLN B 74 -12.59 52.32 4.37
CA GLN B 74 -13.37 51.33 3.63
C GLN B 74 -12.51 50.69 2.55
N PHE B 75 -12.87 49.49 2.13
CA PHE B 75 -12.14 48.80 1.07
C PHE B 75 -12.09 49.61 -0.20
N ALA B 76 -10.93 49.63 -0.84
CA ALA B 76 -10.79 50.19 -2.17
C ALA B 76 -11.47 49.31 -3.23
N ALA B 77 -11.51 49.82 -4.46
CA ALA B 77 -11.92 48.98 -5.59
C ALA B 77 -10.98 47.77 -5.69
N VAL B 78 -11.56 46.68 -6.13
CA VAL B 78 -10.90 45.40 -6.21
C VAL B 78 -10.24 45.24 -7.60
N CYS B 79 -9.34 44.29 -7.80
CA CYS B 79 -8.68 44.18 -9.11
C CYS B 79 -9.62 43.52 -10.07
N PRO B 80 -9.50 43.87 -11.37
CA PRO B 80 -10.44 43.42 -12.37
C PRO B 80 -10.49 41.92 -12.49
N GLN B 81 -11.70 41.38 -12.50
CA GLN B 81 -11.94 39.96 -12.65
C GLN B 81 -13.37 39.73 -13.18
N HIS B 82 -13.58 38.58 -13.83
CA HIS B 82 -14.87 38.20 -14.39
C HIS B 82 -15.29 36.82 -13.91
N LEU B 83 -16.21 36.77 -12.97
CA LEU B 83 -16.68 35.53 -12.38
C LEU B 83 -17.83 35.03 -13.23
N ASP B 84 -17.53 34.07 -14.09
CA ASP B 84 -18.45 33.66 -15.10
C ASP B 84 -19.05 32.32 -14.74
N GLU B 85 -18.22 31.35 -14.35
CA GLU B 85 -18.76 30.05 -13.93
C GLU B 85 -18.59 29.03 -15.02
N ARG B 86 -18.81 29.45 -16.25
CA ARG B 86 -18.43 28.67 -17.40
C ARG B 86 -16.93 28.67 -17.60
N SER B 87 -16.23 29.63 -17.00
CA SER B 87 -14.78 29.77 -17.21
C SER B 87 -13.93 29.75 -15.91
N LEU B 88 -14.58 29.56 -14.76
CA LEU B 88 -13.89 29.41 -13.48
C LEU B 88 -13.11 28.10 -13.49
N LEU B 89 -11.85 28.16 -13.09
CA LEU B 89 -11.05 26.97 -12.92
C LEU B 89 -11.55 26.27 -11.65
N HIS B 90 -12.68 25.61 -11.83
CA HIS B 90 -13.54 25.07 -10.79
C HIS B 90 -12.76 24.13 -9.86
N ASP B 91 -11.90 23.32 -10.47
CA ASP B 91 -11.19 22.26 -9.76
C ASP B 91 -10.10 22.77 -8.81
N MET B 92 -9.66 24.01 -8.97
CA MET B 92 -8.64 24.52 -8.10
C MET B 92 -9.14 25.55 -7.12
N LEU B 93 -10.42 25.87 -7.20
CA LEU B 93 -11.02 26.85 -6.32
C LEU B 93 -11.56 26.19 -5.07
N PRO B 94 -11.38 26.83 -3.90
CA PRO B 94 -11.95 26.30 -2.68
C PRO B 94 -13.43 26.11 -2.79
N ILE B 95 -13.99 25.19 -2.03
CA ILE B 95 -15.43 24.92 -2.09
C ILE B 95 -16.27 26.11 -1.63
N TRP B 96 -15.86 26.82 -0.59
CA TRP B 96 -16.69 27.92 -0.12
C TRP B 96 -16.78 29.04 -1.16
N PHE B 97 -15.83 29.05 -2.10
CA PHE B 97 -15.88 29.98 -3.21
C PHE B 97 -16.92 29.57 -4.27
N THR B 98 -16.76 28.39 -4.85
CA THR B 98 -17.65 27.94 -5.90
C THR B 98 -19.08 27.70 -5.43
N ALA B 99 -19.25 27.39 -4.15
CA ALA B 99 -20.57 27.18 -3.59
C ALA B 99 -21.30 28.49 -3.28
N ASN B 100 -20.59 29.61 -3.23
CA ASN B 100 -21.23 30.90 -2.92
C ASN B 100 -20.99 31.96 -3.99
N LEU B 101 -21.10 31.57 -5.25
CA LEU B 101 -20.75 32.46 -6.34
C LEU B 101 -21.64 33.73 -6.40
N ASP B 102 -22.90 33.64 -5.98
CA ASP B 102 -23.79 34.80 -5.89
C ASP B 102 -23.34 35.79 -4.81
N THR B 103 -23.01 35.27 -3.64
CA THR B 103 -22.55 36.10 -2.54
C THR B 103 -21.21 36.76 -2.83
N LEU B 104 -20.33 36.03 -3.49
CA LEU B 104 -18.98 36.51 -3.75
C LEU B 104 -18.96 37.64 -4.75
N MET B 105 -19.79 37.56 -5.77
CA MET B 105 -19.89 38.65 -6.71
C MET B 105 -20.17 40.01 -6.01
N THR B 106 -20.75 39.97 -4.81
CA THR B 106 -20.89 41.16 -3.94
C THR B 106 -19.55 41.78 -3.52
N TYR B 107 -18.57 40.93 -3.26
CA TYR B 107 -17.26 41.37 -2.81
C TYR B 107 -16.41 41.90 -3.95
N VAL B 108 -16.80 41.61 -5.19
CA VAL B 108 -16.03 41.98 -6.38
C VAL B 108 -16.78 42.87 -7.39
N GLN B 109 -17.93 43.39 -6.95
CA GLN B 109 -18.70 44.40 -7.69
C GLN B 109 -17.92 45.66 -8.06
N ASP B 110 -17.09 46.14 -7.14
CA ASP B 110 -16.47 47.44 -7.32
C ASP B 110 -15.03 47.19 -7.79
N GLN B 111 -14.82 47.20 -9.10
CA GLN B 111 -13.54 46.89 -9.70
C GLN B 111 -12.94 48.08 -10.38
N ASN B 112 -11.60 48.07 -10.48
CA ASN B 112 -10.80 49.12 -11.09
C ASN B 112 -9.39 48.62 -11.32
N GLU B 113 -8.78 49.01 -12.44
CA GLU B 113 -7.40 48.61 -12.71
C GLU B 113 -6.50 49.18 -11.61
N ASP B 114 -6.91 50.30 -11.04
CA ASP B 114 -6.27 50.91 -9.88
C ASP B 114 -6.70 50.16 -8.61
N CYS B 115 -5.93 49.16 -8.22
CA CYS B 115 -6.36 48.26 -7.15
C CYS B 115 -5.27 47.75 -6.22
N LEU B 116 -4.10 48.35 -6.26
CA LEU B 116 -3.05 47.91 -5.40
C LEU B 116 -3.19 48.56 -4.03
N TYR B 117 -4.06 47.96 -3.22
CA TYR B 117 -4.31 48.40 -1.84
C TYR B 117 -4.24 47.22 -0.88
N LEU B 118 -3.87 47.53 0.36
CA LEU B 118 -3.88 46.51 1.42
C LEU B 118 -4.66 46.98 2.64
N ASN B 119 -4.95 46.03 3.54
CA ASN B 119 -5.75 46.31 4.73
C ASN B 119 -5.04 45.81 5.98
N ILE B 120 -5.03 46.65 7.02
CA ILE B 120 -4.24 46.41 8.23
C ILE B 120 -5.15 46.30 9.47
N TYR B 121 -4.99 45.20 10.19
CA TYR B 121 -5.77 44.93 11.38
C TYR B 121 -4.82 44.91 12.59
N VAL B 122 -4.99 45.88 13.48
CA VAL B 122 -4.06 46.12 14.58
C VAL B 122 -4.80 45.92 15.88
N PRO B 123 -4.31 45.02 16.73
CA PRO B 123 -4.99 44.83 17.99
C PRO B 123 -4.68 45.95 18.95
N THR B 124 -5.69 46.46 19.63
CA THR B 124 -5.50 47.34 20.79
C THR B 124 -5.14 46.44 21.99
N GLU B 125 -4.17 46.81 22.82
CA GLU B 125 -3.79 45.94 23.97
C GLU B 125 -2.72 46.57 24.88
N LYS B 134 6.35 45.57 20.34
CA LYS B 134 6.46 45.59 18.89
C LYS B 134 6.00 44.26 18.27
N LYS B 135 4.86 44.28 17.59
CA LYS B 135 4.13 43.06 17.35
C LYS B 135 4.49 42.33 16.04
N PRO B 136 4.34 40.99 16.04
CA PRO B 136 4.55 40.24 14.82
C PRO B 136 3.47 40.52 13.79
N VAL B 137 3.80 40.32 12.52
CA VAL B 137 2.91 40.72 11.45
C VAL B 137 2.68 39.54 10.55
N MET B 138 1.42 39.17 10.36
CA MET B 138 1.08 38.05 9.49
C MET B 138 0.45 38.60 8.24
N VAL B 139 1.07 38.37 7.10
CA VAL B 139 0.56 38.91 5.83
C VAL B 139 -0.09 37.84 4.96
N TYR B 140 -1.39 37.96 4.71
CA TYR B 140 -2.10 36.90 3.99
C TYR B 140 -2.18 37.15 2.50
N ILE B 141 -1.84 36.15 1.73
CA ILE B 141 -1.93 36.21 0.27
C ILE B 141 -3.09 35.33 -0.17
N HIS B 142 -4.17 35.96 -0.56
CA HIS B 142 -5.36 35.23 -0.95
C HIS B 142 -5.15 34.59 -2.31
N GLY B 143 -6.00 33.65 -2.69
CA GLY B 143 -6.10 33.29 -4.13
C GLY B 143 -6.52 31.88 -4.49
N GLY B 144 -7.53 31.75 -5.34
CA GLY B 144 -7.92 30.43 -5.77
C GLY B 144 -7.22 29.95 -7.02
N SER B 145 -7.18 30.78 -8.04
CA SER B 145 -6.69 30.32 -9.35
C SER B 145 -5.79 31.31 -10.05
N TYR B 146 -5.36 32.34 -9.33
CA TYR B 146 -4.66 33.50 -9.88
C TYR B 146 -5.57 34.46 -10.64
N MET B 147 -6.78 34.02 -10.99
CA MET B 147 -7.68 34.86 -11.82
C MET B 147 -8.67 35.71 -10.98
N GLU B 148 -8.88 35.37 -9.71
CA GLU B 148 -10.01 35.93 -8.96
C GLU B 148 -9.67 36.19 -7.53
N GLY B 149 -10.54 36.93 -6.84
CA GLY B 149 -10.47 37.14 -5.41
C GLY B 149 -10.09 38.53 -4.94
N THR B 150 -10.03 38.68 -3.61
CA THR B 150 -9.57 39.89 -2.96
C THR B 150 -9.24 39.57 -1.51
N GLY B 151 -8.18 40.18 -0.99
CA GLY B 151 -7.89 40.07 0.45
C GLY B 151 -9.03 40.52 1.35
N ASN B 152 -9.91 41.33 0.80
CA ASN B 152 -11.00 41.93 1.56
C ASN B 152 -12.05 40.98 2.07
N MET B 153 -12.12 39.77 1.55
CA MET B 153 -13.18 38.89 2.03
C MET B 153 -12.80 38.11 3.28
N ILE B 154 -11.53 38.17 3.66
CA ILE B 154 -11.06 37.66 4.94
C ILE B 154 -10.91 38.82 5.90
N ASP B 155 -11.66 38.77 7.00
CA ASP B 155 -11.52 39.78 8.04
C ASP B 155 -10.43 39.32 8.98
N GLY B 156 -9.36 40.10 9.09
CA GLY B 156 -8.25 39.73 9.94
C GLY B 156 -8.41 40.07 11.40
N SER B 157 -9.54 40.68 11.77
CA SER B 157 -9.75 41.19 13.14
C SER B 157 -9.64 40.10 14.18
N ILE B 158 -10.32 39.00 13.98
CA ILE B 158 -10.32 37.98 15.02
C ILE B 158 -8.95 37.40 15.27
N LEU B 159 -8.25 37.09 14.20
CA LEU B 159 -6.92 36.52 14.31
C LEU B 159 -5.99 37.52 14.99
N ALA B 160 -6.11 38.79 14.59
CA ALA B 160 -5.32 39.87 15.18
C ALA B 160 -5.59 39.99 16.69
N SER B 161 -6.86 40.02 17.06
CA SER B 161 -7.21 40.24 18.43
C SER B 161 -6.88 39.04 19.28
N TYR B 162 -7.19 37.85 18.80
CA TYR B 162 -6.89 36.65 19.55
C TYR B 162 -5.38 36.42 19.67
N GLY B 163 -4.63 36.62 18.61
CA GLY B 163 -3.21 36.27 18.64
C GLY B 163 -2.30 37.38 19.13
N ASN B 164 -2.85 38.57 19.30
CA ASN B 164 -2.06 39.76 19.55
C ASN B 164 -0.96 39.94 18.50
N VAL B 165 -1.38 39.92 17.25
CA VAL B 165 -0.52 40.11 16.10
C VAL B 165 -1.24 41.06 15.15
N ILE B 166 -0.46 41.76 14.31
CA ILE B 166 -1.02 42.56 13.26
C ILE B 166 -1.28 41.66 12.07
N VAL B 167 -2.49 41.72 11.52
CA VAL B 167 -2.79 40.93 10.31
C VAL B 167 -2.99 41.87 9.16
N ILE B 168 -2.32 41.61 8.03
CA ILE B 168 -2.48 42.42 6.83
C ILE B 168 -3.03 41.55 5.73
N THR B 169 -4.04 42.03 5.03
CA THR B 169 -4.53 41.35 3.83
C THR B 169 -4.23 42.22 2.64
N ILE B 170 -4.09 41.64 1.46
CA ILE B 170 -3.66 42.42 0.28
C ILE B 170 -4.46 42.21 -0.99
N ASN B 171 -4.36 43.14 -1.92
CA ASN B 171 -4.90 42.96 -3.26
C ASN B 171 -3.74 43.05 -4.25
N TYR B 172 -3.64 42.08 -5.14
CA TYR B 172 -2.54 42.09 -6.11
C TYR B 172 -3.12 41.88 -7.50
N ARG B 173 -2.40 42.27 -8.54
CA ARG B 173 -2.96 42.13 -9.88
C ARG B 173 -3.30 40.68 -10.18
N LEU B 174 -4.42 40.50 -10.87
CA LEU B 174 -5.00 39.22 -11.14
C LEU B 174 -5.06 38.93 -12.66
N GLY B 175 -4.99 37.64 -13.00
CA GLY B 175 -5.17 37.13 -14.32
C GLY B 175 -4.28 37.77 -15.33
N ILE B 176 -4.92 38.28 -16.38
CA ILE B 176 -4.21 38.81 -17.51
C ILE B 176 -3.38 40.00 -17.06
N LEU B 177 -4.03 40.94 -16.41
CA LEU B 177 -3.33 42.12 -15.96
C LEU B 177 -2.15 41.78 -15.03
N GLY B 178 -2.30 40.73 -14.22
CA GLY B 178 -1.27 40.33 -13.28
C GLY B 178 -0.21 39.37 -13.79
N PHE B 179 -0.52 38.61 -14.85
CA PHE B 179 0.35 37.49 -15.24
C PHE B 179 0.59 37.25 -16.73
N LEU B 180 0.14 38.16 -17.58
CA LEU B 180 0.37 38.06 -19.02
C LEU B 180 1.88 38.06 -19.31
N SER B 181 2.30 37.12 -20.13
CA SER B 181 3.69 37.02 -20.55
C SER B 181 3.76 36.53 -21.97
N THR B 182 4.80 36.96 -22.65
CA THR B 182 5.09 36.60 -24.04
C THR B 182 6.18 35.56 -24.14
N GLY B 183 6.85 35.26 -23.04
CA GLY B 183 8.00 34.36 -23.04
C GLY B 183 9.27 35.03 -23.53
N ASP B 184 9.20 36.33 -23.79
CA ASP B 184 10.37 37.13 -24.15
C ASP B 184 10.34 38.46 -23.37
N GLN B 185 11.16 39.40 -23.78
CA GLN B 185 11.34 40.65 -23.04
C GLN B 185 10.15 41.59 -23.12
N ALA B 186 9.28 41.38 -24.11
CA ALA B 186 8.12 42.25 -24.33
C ALA B 186 7.20 42.32 -23.10
N ALA B 187 6.90 41.17 -22.50
CA ALA B 187 6.15 41.09 -21.25
C ALA B 187 6.63 39.89 -20.45
N LYS B 188 7.43 40.17 -19.45
CA LYS B 188 8.12 39.17 -18.65
C LYS B 188 7.19 38.48 -17.62
N GLY B 189 6.00 39.04 -17.38
CA GLY B 189 5.03 38.46 -16.47
C GLY B 189 5.29 38.73 -15.01
N ASN B 190 4.68 37.88 -14.17
CA ASN B 190 4.78 37.91 -12.71
C ASN B 190 4.39 39.22 -12.03
N TYR B 191 3.61 40.05 -12.71
CA TYR B 191 3.31 41.38 -12.16
C TYR B 191 2.63 41.23 -10.77
N GLY B 192 1.77 40.23 -10.63
CA GLY B 192 1.06 39.98 -9.37
C GLY B 192 1.98 39.58 -8.22
N LEU B 193 3.00 38.79 -8.57
CA LEU B 193 4.03 38.41 -7.61
C LEU B 193 4.85 39.62 -7.25
N LEU B 194 5.22 40.41 -8.25
CA LEU B 194 5.94 41.66 -7.97
C LEU B 194 5.08 42.60 -7.12
N ASP B 195 3.76 42.55 -7.26
CA ASP B 195 2.89 43.35 -6.40
C ASP B 195 2.98 42.90 -4.93
N GLN B 196 2.98 41.58 -4.73
CA GLN B 196 3.02 41.02 -3.41
C GLN B 196 4.33 41.45 -2.77
N ILE B 197 5.43 41.38 -3.53
CA ILE B 197 6.71 41.89 -3.06
C ILE B 197 6.64 43.38 -2.71
N GLN B 198 5.98 44.18 -3.55
CA GLN B 198 5.92 45.61 -3.29
C GLN B 198 5.13 45.89 -2.05
N ALA B 199 4.10 45.08 -1.78
CA ALA B 199 3.34 45.23 -0.55
C ALA B 199 4.26 44.92 0.62
N LEU B 200 4.99 43.82 0.51
CA LEU B 200 5.95 43.45 1.57
C LEU B 200 7.01 44.56 1.82
N ARG B 201 7.38 45.31 0.77
CA ARG B 201 8.32 46.41 0.95
C ARG B 201 7.66 47.55 1.72
N TRP B 202 6.45 47.88 1.33
CA TRP B 202 5.69 48.85 2.07
C TRP B 202 5.64 48.47 3.59
N ILE B 203 5.31 47.21 3.86
CA ILE B 203 5.17 46.70 5.21
C ILE B 203 6.50 46.88 5.96
N GLU B 204 7.60 46.47 5.34
CA GLU B 204 8.88 46.55 5.98
C GLU B 204 9.19 47.97 6.40
N GLU B 205 8.84 48.92 5.56
CA GLU B 205 9.20 50.32 5.82
C GLU B 205 8.19 51.03 6.71
N ASN B 206 6.94 50.55 6.74
CA ASN B 206 5.86 51.25 7.42
C ASN B 206 5.15 50.53 8.60
N VAL B 207 5.30 49.18 8.78
CA VAL B 207 4.56 48.57 9.87
C VAL B 207 4.97 49.09 11.26
N GLY B 208 6.22 49.52 11.40
CA GLY B 208 6.70 50.05 12.64
C GLY B 208 5.79 51.13 13.20
N ALA B 209 5.28 52.00 12.32
CA ALA B 209 4.37 53.06 12.70
C ALA B 209 3.04 52.53 13.28
N PHE B 210 2.66 51.30 12.93
CA PHE B 210 1.44 50.68 13.51
C PHE B 210 1.76 49.83 14.72
N GLY B 211 3.03 49.82 15.12
CA GLY B 211 3.45 48.96 16.21
C GLY B 211 3.80 47.55 15.77
N GLY B 212 4.11 47.39 14.50
CA GLY B 212 4.57 46.12 13.97
C GLY B 212 6.07 46.01 13.99
N ASP B 213 6.55 44.78 13.94
CA ASP B 213 7.97 44.47 13.93
C ASP B 213 8.36 43.93 12.54
N PRO B 214 9.15 44.69 11.77
CA PRO B 214 9.52 44.22 10.43
C PRO B 214 10.43 43.02 10.44
N LYS B 215 11.02 42.72 11.60
CA LYS B 215 11.88 41.55 11.72
C LYS B 215 11.07 40.31 12.07
N ARG B 216 9.74 40.43 12.15
CA ARG B 216 8.84 39.31 12.41
C ARG B 216 7.59 39.29 11.53
N VAL B 217 7.87 39.15 10.24
CA VAL B 217 6.85 39.06 9.25
C VAL B 217 6.77 37.62 8.78
N THR B 218 5.60 37.05 8.97
CA THR B 218 5.23 35.77 8.42
C THR B 218 4.30 36.00 7.23
N ILE B 219 4.59 35.43 6.06
CA ILE B 219 3.61 35.42 5.00
C ILE B 219 2.86 34.10 5.02
N PHE B 220 1.57 34.16 4.71
CA PHE B 220 0.78 32.94 4.61
C PHE B 220 -0.28 33.02 3.57
N GLY B 221 -0.78 31.85 3.19
CA GLY B 221 -1.80 31.76 2.14
C GLY B 221 -2.31 30.34 1.91
N SER B 222 -3.48 30.24 1.28
CA SER B 222 -4.15 28.99 0.99
C SER B 222 -4.30 28.84 -0.53
N GLY B 223 -4.13 27.63 -1.05
CA GLY B 223 -4.40 27.40 -2.46
C GLY B 223 -3.41 28.14 -3.35
N ALA B 224 -3.91 28.83 -4.36
CA ALA B 224 -3.00 29.54 -5.28
C ALA B 224 -2.22 30.61 -4.53
N GLY B 225 -2.78 31.09 -3.43
CA GLY B 225 -2.08 32.01 -2.55
C GLY B 225 -0.88 31.32 -1.95
N ALA B 226 -1.09 30.07 -1.49
CA ALA B 226 0.01 29.26 -0.95
C ALA B 226 1.03 29.05 -2.04
N SER B 227 0.59 28.81 -3.26
CA SER B 227 1.53 28.70 -4.36
C SER B 227 2.38 29.95 -4.50
N CYS B 228 1.74 31.11 -4.39
CA CYS B 228 2.50 32.36 -4.41
C CYS B 228 3.52 32.41 -3.29
N VAL B 229 3.08 32.14 -2.07
CA VAL B 229 4.01 32.06 -0.96
C VAL B 229 5.19 31.17 -1.32
N SER B 230 4.95 29.96 -1.83
CA SER B 230 6.11 29.09 -2.11
C SER B 230 7.04 29.70 -3.13
N LEU B 231 6.46 30.26 -4.18
CA LEU B 231 7.26 30.90 -5.21
C LEU B 231 8.04 32.10 -4.67
N LEU B 232 7.44 32.88 -3.79
CA LEU B 232 8.19 33.98 -3.19
C LEU B 232 9.39 33.46 -2.42
N THR B 233 9.27 32.33 -1.74
CA THR B 233 10.45 31.84 -0.98
C THR B 233 11.66 31.51 -1.89
N LEU B 234 11.42 31.39 -3.19
CA LEU B 234 12.43 31.00 -4.15
C LEU B 234 12.95 32.18 -4.93
N SER B 235 12.45 33.37 -4.63
CA SER B 235 12.86 34.58 -5.35
C SER B 235 13.80 35.49 -4.58
N HIS B 236 14.85 35.95 -5.25
CA HIS B 236 15.82 36.86 -4.61
C HIS B 236 15.20 38.19 -4.23
N TYR B 237 14.05 38.53 -4.81
CA TYR B 237 13.32 39.76 -4.43
C TYR B 237 12.73 39.73 -3.03
N SER B 238 12.57 38.53 -2.48
CA SER B 238 11.98 38.34 -1.14
C SER B 238 12.94 38.61 0.00
N GLU B 239 14.24 38.59 -0.30
CA GLU B 239 15.27 38.76 0.72
C GLU B 239 15.01 39.91 1.70
N GLY B 240 14.90 39.54 2.97
CA GLY B 240 14.68 40.50 4.04
C GLY B 240 13.23 40.93 4.26
N LEU B 241 12.32 40.56 3.37
CA LEU B 241 10.96 41.09 3.45
C LEU B 241 10.06 40.24 4.34
N PHE B 242 10.53 39.04 4.68
CA PHE B 242 9.82 38.18 5.64
C PHE B 242 10.71 37.05 6.11
N GLN B 243 10.38 36.46 7.25
CA GLN B 243 11.26 35.45 7.86
C GLN B 243 10.61 34.09 8.07
N LYS B 244 9.29 34.04 7.92
CA LYS B 244 8.53 32.80 8.13
C LYS B 244 7.46 32.70 7.08
N ALA B 245 7.01 31.48 6.79
CA ALA B 245 5.89 31.23 5.86
C ALA B 245 4.97 30.10 6.31
N ILE B 246 3.66 30.27 6.13
CA ILE B 246 2.72 29.19 6.33
C ILE B 246 2.04 28.93 4.98
N ILE B 247 2.20 27.73 4.47
CA ILE B 247 1.81 27.36 3.12
C ILE B 247 0.68 26.35 3.23
N GLN B 248 -0.56 26.82 3.09
CA GLN B 248 -1.71 25.97 3.32
C GLN B 248 -2.28 25.47 1.98
N SER B 249 -2.26 24.15 1.78
CA SER B 249 -3.00 23.54 0.69
C SER B 249 -2.57 24.06 -0.70
N GLY B 250 -1.28 24.26 -0.91
CA GLY B 250 -0.80 24.62 -2.23
C GLY B 250 0.70 24.66 -2.20
N THR B 251 1.31 24.54 -3.36
CA THR B 251 2.77 24.47 -3.46
C THR B 251 3.17 25.03 -4.80
N ALA B 252 4.48 25.14 -5.03
CA ALA B 252 5.00 25.63 -6.29
C ALA B 252 5.11 24.54 -7.35
N LEU B 253 4.74 23.32 -7.00
CA LEU B 253 5.02 22.13 -7.84
C LEU B 253 3.77 21.46 -8.49
N SER B 254 2.58 21.86 -8.13
CA SER B 254 1.41 21.29 -8.77
C SER B 254 1.27 21.68 -10.25
N SER B 255 0.46 20.93 -10.97
CA SER B 255 0.28 21.17 -12.39
C SER B 255 -0.21 22.60 -12.66
N TRP B 256 -0.93 23.15 -11.70
CA TRP B 256 -1.54 24.46 -11.85
C TRP B 256 -0.85 25.57 -11.10
N ALA B 257 0.34 25.34 -10.56
CA ALA B 257 1.11 26.40 -9.82
C ALA B 257 1.74 27.40 -10.77
N VAL B 258 2.36 26.88 -11.82
CA VAL B 258 3.12 27.67 -12.79
C VAL B 258 2.64 27.43 -14.22
N ASN B 259 2.66 28.48 -15.05
CA ASN B 259 2.37 28.35 -16.49
C ASN B 259 3.65 28.16 -17.29
N TYR B 260 3.86 26.99 -17.86
CA TYR B 260 5.04 26.71 -18.70
C TYR B 260 4.82 27.06 -20.15
N GLN B 261 3.63 27.54 -20.50
CA GLN B 261 3.30 27.90 -21.90
C GLN B 261 2.55 29.21 -22.05
N PRO B 262 3.10 30.30 -21.50
CA PRO B 262 2.42 31.61 -21.56
C PRO B 262 2.24 32.20 -22.97
N ALA B 263 3.25 32.14 -23.82
CA ALA B 263 3.16 32.73 -25.19
C ALA B 263 1.90 32.23 -25.90
N LYS B 264 1.70 30.92 -25.88
CA LYS B 264 0.54 30.29 -26.47
C LYS B 264 -0.78 30.97 -26.06
N TYR B 265 -0.95 31.23 -24.79
CA TYR B 265 -2.21 31.78 -24.31
C TYR B 265 -2.33 33.29 -24.58
N THR B 266 -1.21 33.99 -24.48
CA THR B 266 -1.16 35.40 -24.78
C THR B 266 -1.55 35.65 -26.24
N ARG B 267 -1.03 34.82 -27.14
CA ARG B 267 -1.35 34.97 -28.57
C ARG B 267 -2.85 34.76 -28.81
N ILE B 268 -3.44 33.73 -28.18
CA ILE B 268 -4.87 33.47 -28.28
C ILE B 268 -5.67 34.70 -27.85
N LEU B 269 -5.23 35.34 -26.78
CA LEU B 269 -5.88 36.56 -26.30
C LEU B 269 -5.74 37.71 -27.31
N ALA B 270 -4.49 38.00 -27.68
CA ALA B 270 -4.18 39.08 -28.64
C ALA B 270 -5.04 38.94 -29.91
N ASP B 271 -5.06 37.75 -30.50
CA ASP B 271 -5.85 37.50 -31.72
C ASP B 271 -7.34 37.73 -31.48
N LYS B 272 -7.84 37.36 -30.31
CA LYS B 272 -9.26 37.54 -30.00
C LYS B 272 -9.64 39.02 -29.93
N VAL B 273 -8.73 39.87 -29.50
CA VAL B 273 -9.05 41.30 -29.29
C VAL B 273 -8.54 42.18 -30.41
N GLY B 274 -7.95 41.55 -31.42
CA GLY B 274 -7.53 42.25 -32.64
C GLY B 274 -6.11 42.77 -32.59
N CYS B 275 -5.28 42.23 -31.71
CA CYS B 275 -3.86 42.59 -31.67
C CYS B 275 -3.06 41.47 -32.33
N ASN B 276 -3.20 41.34 -33.66
CA ASN B 276 -2.60 40.23 -34.41
C ASN B 276 -1.14 40.41 -34.80
N MET B 277 -0.56 41.59 -34.57
CA MET B 277 0.84 41.81 -34.90
C MET B 277 1.73 40.69 -34.37
N LEU B 278 2.75 40.32 -35.13
CA LEU B 278 3.66 39.24 -34.78
C LEU B 278 4.81 39.70 -33.91
N ASP B 279 5.19 40.97 -34.03
CA ASP B 279 6.19 41.54 -33.15
C ASP B 279 5.64 41.59 -31.72
N THR B 280 6.32 40.92 -30.79
CA THR B 280 5.81 40.82 -29.43
C THR B 280 5.77 42.18 -28.74
N THR B 281 6.71 43.06 -29.06
CA THR B 281 6.72 44.39 -28.45
C THR B 281 5.52 45.23 -28.93
N ASP B 282 5.22 45.15 -30.21
CA ASP B 282 4.05 45.84 -30.73
C ASP B 282 2.75 45.20 -30.23
N MET B 283 2.78 43.88 -30.11
CA MET B 283 1.63 43.14 -29.59
C MET B 283 1.29 43.58 -28.17
N VAL B 284 2.29 43.69 -27.30
CA VAL B 284 2.05 44.14 -25.92
C VAL B 284 1.53 45.59 -25.86
N GLU B 285 2.08 46.47 -26.70
CA GLU B 285 1.65 47.88 -26.70
C GLU B 285 0.21 47.99 -27.14
N CYS B 286 -0.17 47.18 -28.11
CA CYS B 286 -1.55 47.12 -28.53
C CYS B 286 -2.42 46.63 -27.35
N LEU B 287 -2.08 45.52 -26.73
CA LEU B 287 -2.78 45.05 -25.53
C LEU B 287 -2.85 46.11 -24.41
N ARG B 288 -1.77 46.87 -24.27
CA ARG B 288 -1.68 47.85 -23.21
C ARG B 288 -2.69 48.98 -23.39
N ASN B 289 -3.04 49.28 -24.64
CA ASN B 289 -4.00 50.34 -24.97
C ASN B 289 -5.45 49.87 -25.02
N LYS B 290 -5.67 48.56 -24.99
CA LYS B 290 -7.02 48.01 -25.03
C LYS B 290 -7.71 48.28 -23.70
N ASN B 291 -9.03 48.43 -23.73
CA ASN B 291 -9.80 48.51 -22.50
C ASN B 291 -9.79 47.18 -21.75
N TYR B 292 -9.56 47.21 -20.44
CA TYR B 292 -9.34 45.97 -19.71
C TYR B 292 -10.57 45.08 -19.72
N LYS B 293 -11.75 45.68 -19.75
CA LYS B 293 -13.00 44.92 -19.74
C LYS B 293 -13.10 44.01 -20.95
N GLU B 294 -12.65 44.51 -22.10
CA GLU B 294 -12.60 43.74 -23.32
C GLU B 294 -11.68 42.54 -23.13
N LEU B 295 -10.60 42.71 -22.38
CA LEU B 295 -9.64 41.64 -22.17
C LEU B 295 -10.18 40.51 -21.25
N ILE B 296 -10.77 40.87 -20.12
CA ILE B 296 -11.24 39.88 -19.16
C ILE B 296 -12.49 39.11 -19.60
N GLN B 297 -13.22 39.63 -20.61
CA GLN B 297 -14.46 39.00 -21.09
C GLN B 297 -14.18 37.80 -21.97
N GLN B 298 -12.96 37.72 -22.49
CA GLN B 298 -12.56 36.61 -23.34
C GLN B 298 -12.48 35.31 -22.56
N THR B 299 -12.75 34.23 -23.28
CA THR B 299 -12.58 32.86 -22.81
C THR B 299 -11.28 32.30 -23.36
N ILE B 300 -10.28 32.16 -22.51
CA ILE B 300 -9.08 31.41 -22.87
C ILE B 300 -9.01 30.21 -21.96
N THR B 301 -9.37 29.05 -22.49
CA THR B 301 -9.48 27.84 -21.69
C THR B 301 -8.18 27.04 -21.75
N PRO B 302 -7.57 26.79 -20.57
CA PRO B 302 -6.30 26.05 -20.56
C PRO B 302 -6.48 24.55 -20.57
N ALA B 303 -5.42 23.83 -20.93
CA ALA B 303 -5.42 22.39 -20.78
C ALA B 303 -5.93 22.03 -19.36
N THR B 304 -6.66 20.93 -19.28
CA THR B 304 -7.18 20.48 -18.00
C THR B 304 -6.06 20.49 -16.94
N TYR B 305 -6.41 21.07 -15.78
CA TYR B 305 -5.54 21.13 -14.61
C TYR B 305 -4.31 22.02 -14.80
N HIS B 306 -4.38 22.94 -15.77
CA HIS B 306 -3.29 23.87 -16.03
C HIS B 306 -3.86 25.26 -16.00
N ILE B 307 -3.01 26.26 -16.17
CA ILE B 307 -3.44 27.67 -16.10
C ILE B 307 -2.99 28.45 -17.34
N ALA B 308 -3.85 29.37 -17.77
CA ALA B 308 -3.60 30.17 -18.96
C ALA B 308 -2.81 31.42 -18.64
N PHE B 309 -3.10 31.98 -17.47
CA PHE B 309 -2.38 33.13 -16.95
C PHE B 309 -2.02 32.91 -15.48
N GLY B 310 -0.73 32.87 -15.20
CA GLY B 310 -0.23 32.72 -13.87
C GLY B 310 1.27 32.91 -13.82
N PRO B 311 1.88 32.61 -12.65
CA PRO B 311 3.34 32.74 -12.52
C PRO B 311 4.03 32.01 -13.63
N VAL B 312 5.12 32.58 -14.12
CA VAL B 312 5.94 31.99 -15.18
C VAL B 312 7.40 31.98 -14.77
N ILE B 313 8.20 31.15 -15.44
CA ILE B 313 9.62 31.08 -15.16
C ILE B 313 10.30 32.10 -16.03
N ASP B 314 10.52 33.29 -15.50
CA ASP B 314 11.08 34.42 -16.28
C ASP B 314 12.58 34.53 -16.21
N GLY B 315 13.22 33.73 -15.37
CA GLY B 315 14.66 33.82 -15.16
C GLY B 315 15.17 34.85 -14.17
N ASP B 316 14.33 35.74 -13.66
CA ASP B 316 14.77 36.78 -12.72
C ASP B 316 13.96 36.75 -11.42
N VAL B 317 12.65 36.92 -11.50
CA VAL B 317 11.78 36.80 -10.36
C VAL B 317 11.74 35.38 -9.87
N ILE B 318 11.36 34.46 -10.78
CA ILE B 318 11.39 33.02 -10.57
C ILE B 318 12.48 32.54 -11.50
N PRO B 319 13.66 32.22 -10.95
CA PRO B 319 14.81 32.06 -11.85
C PRO B 319 14.93 30.72 -12.56
N ASP B 320 14.16 29.73 -12.15
CA ASP B 320 14.23 28.39 -12.77
C ASP B 320 13.03 27.60 -12.29
N ASP B 321 12.82 26.43 -12.87
CA ASP B 321 11.76 25.52 -12.44
C ASP B 321 11.87 25.30 -10.92
N PRO B 322 10.79 25.54 -10.17
CA PRO B 322 10.87 25.40 -8.71
C PRO B 322 11.37 24.06 -8.24
N GLN B 323 11.04 23.00 -8.97
CA GLN B 323 11.51 21.67 -8.61
C GLN B 323 13.04 21.64 -8.58
N ILE B 324 13.68 22.24 -9.59
CA ILE B 324 15.13 22.30 -9.63
C ILE B 324 15.63 23.20 -8.47
N LEU B 325 15.06 24.39 -8.34
CA LEU B 325 15.52 25.32 -7.34
C LEU B 325 15.45 24.71 -5.98
N MET B 326 14.40 23.97 -5.71
CA MET B 326 14.30 23.29 -4.41
C MET B 326 15.17 22.07 -4.27
N GLU B 327 15.23 21.23 -5.30
CA GLU B 327 16.15 20.10 -5.28
C GLU B 327 17.54 20.57 -4.93
N GLN B 328 17.92 21.72 -5.49
CA GLN B 328 19.29 22.20 -5.40
C GLN B 328 19.54 23.12 -4.20
N GLY B 329 18.52 23.34 -3.39
CA GLY B 329 18.67 24.14 -2.18
C GLY B 329 18.73 25.64 -2.39
N GLU B 330 18.21 26.15 -3.50
CA GLU B 330 18.38 27.57 -3.82
C GLU B 330 17.27 28.37 -3.22
N PHE B 331 17.30 28.43 -1.89
CA PHE B 331 16.40 29.26 -1.15
C PHE B 331 17.04 29.56 0.21
N LEU B 332 16.64 30.68 0.79
CA LEU B 332 17.09 31.09 2.09
C LEU B 332 16.34 30.34 3.19
N ASN B 333 16.71 30.62 4.43
CA ASN B 333 16.32 29.85 5.60
C ASN B 333 15.09 30.44 6.26
N TYR B 334 13.92 30.09 5.81
CA TYR B 334 12.73 30.61 6.41
C TYR B 334 12.21 29.56 7.42
N ASP B 335 11.74 29.95 8.60
CA ASP B 335 10.85 29.03 9.34
C ASP B 335 9.59 28.75 8.46
N ILE B 336 9.31 27.47 8.17
CA ILE B 336 8.20 27.08 7.31
C ILE B 336 7.18 26.15 7.97
N MET B 337 5.90 26.47 7.82
CA MET B 337 4.82 25.55 8.20
C MET B 337 3.92 25.33 6.99
N LEU B 338 3.59 24.07 6.75
CA LEU B 338 2.79 23.70 5.62
C LEU B 338 1.94 22.46 5.86
N GLY B 339 0.93 22.27 5.04
CA GLY B 339 0.00 21.17 5.24
C GLY B 339 -1.12 21.09 4.24
N VAL B 340 -1.95 20.08 4.45
CA VAL B 340 -3.00 19.73 3.54
C VAL B 340 -4.20 19.27 4.34
N ASN B 341 -5.37 19.35 3.71
CA ASN B 341 -6.63 18.87 4.27
C ASN B 341 -6.96 17.45 3.80
N GLN B 342 -7.75 16.71 4.56
CA GLN B 342 -7.96 15.29 4.27
C GLN B 342 -8.47 15.02 2.86
N GLY B 343 -9.48 15.77 2.42
CA GLY B 343 -10.09 15.53 1.11
C GLY B 343 -10.20 16.76 0.21
N GLU B 344 -9.07 17.46 0.08
CA GLU B 344 -8.88 18.62 -0.81
C GLU B 344 -9.61 18.41 -2.12
N GLY B 345 -9.45 17.22 -2.68
CA GLY B 345 -9.87 16.94 -4.02
C GLY B 345 -11.31 16.58 -4.27
N LEU B 346 -12.22 16.99 -3.38
CA LEU B 346 -13.64 16.66 -3.48
C LEU B 346 -14.20 16.73 -4.90
N LYS B 347 -13.85 17.77 -5.64
CA LYS B 347 -14.48 18.06 -6.93
C LYS B 347 -14.18 17.01 -7.98
N PHE B 348 -13.15 16.22 -7.74
CA PHE B 348 -12.75 15.19 -8.66
C PHE B 348 -13.87 14.16 -8.89
N VAL B 349 -14.77 14.00 -7.89
CA VAL B 349 -15.92 13.08 -7.98
C VAL B 349 -17.27 13.75 -8.30
N ASP B 350 -17.21 15.03 -8.67
CA ASP B 350 -18.38 15.70 -9.21
C ASP B 350 -19.06 14.79 -10.24
N GLY B 351 -20.39 14.66 -10.13
CA GLY B 351 -21.22 14.02 -11.15
C GLY B 351 -21.28 12.50 -11.18
N ILE B 352 -20.48 11.82 -10.36
CA ILE B 352 -20.42 10.36 -10.42
C ILE B 352 -20.78 9.70 -9.08
N VAL B 353 -21.24 10.48 -8.12
CA VAL B 353 -21.64 9.94 -6.82
C VAL B 353 -23.14 9.76 -6.83
N ASP B 354 -23.59 8.55 -6.55
CA ASP B 354 -25.00 8.19 -6.67
C ASP B 354 -25.79 8.45 -5.39
N ASN B 355 -27.04 8.07 -5.41
CA ASN B 355 -27.95 8.23 -4.28
C ASN B 355 -27.49 7.70 -2.93
N GLU B 356 -26.70 6.64 -2.99
CA GLU B 356 -26.22 5.95 -1.83
C GLU B 356 -24.80 6.39 -1.48
N ASP B 357 -24.41 7.55 -2.02
CA ASP B 357 -23.11 8.15 -1.81
C ASP B 357 -21.98 7.27 -2.28
N GLY B 358 -22.22 6.52 -3.36
CA GLY B 358 -21.25 5.58 -3.90
C GLY B 358 -20.86 5.87 -5.34
N VAL B 359 -19.74 5.26 -5.75
CA VAL B 359 -19.27 5.32 -7.12
C VAL B 359 -19.17 3.88 -7.66
N THR B 360 -19.62 3.68 -8.90
CA THR B 360 -19.56 2.36 -9.57
C THR B 360 -18.16 2.03 -10.11
N PRO B 361 -17.84 0.74 -10.30
CA PRO B 361 -16.57 0.40 -10.93
C PRO B 361 -16.36 1.02 -12.29
N ASN B 362 -17.40 1.10 -13.11
CA ASN B 362 -17.22 1.72 -14.45
C ASN B 362 -16.83 3.17 -14.30
N ASP B 363 -17.39 3.85 -13.32
CA ASP B 363 -17.08 5.27 -13.14
C ASP B 363 -15.71 5.45 -12.51
N PHE B 364 -15.28 4.50 -11.70
CA PHE B 364 -13.95 4.47 -11.16
C PHE B 364 -12.95 4.32 -12.33
N ASP B 365 -13.16 3.35 -13.19
CA ASP B 365 -12.26 3.15 -14.33
C ASP B 365 -12.18 4.40 -15.22
N PHE B 366 -13.34 4.97 -15.50
CA PHE B 366 -13.43 6.09 -16.43
C PHE B 366 -12.66 7.27 -15.84
N SER B 367 -12.80 7.39 -14.53
CA SER B 367 -12.27 8.50 -13.79
C SER B 367 -10.74 8.43 -13.73
N VAL B 368 -10.19 7.26 -13.46
CA VAL B 368 -8.74 7.07 -13.51
C VAL B 368 -8.21 7.21 -14.97
N SER B 369 -8.97 6.69 -15.92
CA SER B 369 -8.57 6.77 -17.31
C SER B 369 -8.44 8.20 -17.76
N ASN B 370 -9.42 9.02 -17.44
CA ASN B 370 -9.38 10.45 -17.81
C ASN B 370 -8.29 11.21 -17.07
N PHE B 371 -8.04 10.83 -15.82
CA PHE B 371 -6.92 11.37 -15.06
C PHE B 371 -5.62 11.14 -15.82
N VAL B 372 -5.38 9.91 -16.25
CA VAL B 372 -4.16 9.58 -16.96
C VAL B 372 -4.06 10.42 -18.23
N ASP B 373 -5.15 10.58 -18.96
CA ASP B 373 -5.12 11.37 -20.20
C ASP B 373 -4.76 12.83 -19.92
N ASN B 374 -5.23 13.35 -18.79
CA ASN B 374 -5.06 14.76 -18.49
C ASN B 374 -3.68 15.14 -17.90
N LEU B 375 -3.11 14.24 -17.10
CA LEU B 375 -1.86 14.53 -16.41
C LEU B 375 -0.65 13.71 -16.88
N TYR B 376 -0.89 12.64 -17.65
CA TYR B 376 0.16 11.74 -18.15
C TYR B 376 -0.09 11.27 -19.59
N GLY B 377 -0.49 12.18 -20.48
CA GLY B 377 -0.91 11.75 -21.81
C GLY B 377 0.23 11.46 -22.78
N TYR B 378 1.09 10.50 -22.44
CA TYR B 378 2.32 10.28 -23.23
C TYR B 378 2.09 9.35 -24.39
N PRO B 379 3.01 9.37 -25.38
CA PRO B 379 2.84 8.43 -26.49
C PRO B 379 2.24 7.12 -25.98
N GLU B 380 2.89 6.51 -24.98
CA GLU B 380 2.30 5.37 -24.24
C GLU B 380 2.95 5.12 -22.85
N GLY B 381 2.83 3.89 -22.35
CA GLY B 381 3.00 3.56 -20.94
C GLY B 381 1.69 3.78 -20.19
N LYS B 382 0.62 4.15 -20.90
CA LYS B 382 -0.62 4.59 -20.26
C LYS B 382 -1.46 3.45 -19.73
N ASP B 383 -1.56 2.34 -20.48
CA ASP B 383 -2.38 1.18 -20.07
C ASP B 383 -1.84 0.69 -18.75
N THR B 384 -0.52 0.52 -18.73
CA THR B 384 0.20 0.12 -17.54
C THR B 384 -0.09 1.04 -16.35
N LEU B 385 0.01 2.34 -16.61
CA LEU B 385 -0.10 3.32 -15.56
C LEU B 385 -1.51 3.33 -14.99
N ARG B 386 -2.47 3.20 -15.88
CA ARG B 386 -3.88 3.21 -15.52
C ARG B 386 -4.18 2.02 -14.61
N GLU B 387 -3.75 0.84 -15.04
CA GLU B 387 -3.94 -0.36 -14.26
C GLU B 387 -3.26 -0.29 -12.88
N THR B 388 -2.07 0.29 -12.83
CA THR B 388 -1.35 0.42 -11.57
C THR B 388 -2.05 1.38 -10.62
N ILE B 389 -2.52 2.51 -11.15
CA ILE B 389 -3.23 3.50 -10.34
C ILE B 389 -4.52 2.87 -9.79
N LYS B 390 -5.27 2.19 -10.62
CA LYS B 390 -6.49 1.52 -10.13
C LYS B 390 -6.16 0.57 -8.98
N PHE B 391 -5.08 -0.21 -9.13
CA PHE B 391 -4.69 -1.18 -8.10
C PHE B 391 -4.34 -0.48 -6.82
N MET B 392 -3.51 0.55 -6.94
CA MET B 392 -3.09 1.34 -5.78
C MET B 392 -4.25 1.98 -5.06
N TYR B 393 -5.28 2.41 -5.79
CA TYR B 393 -6.39 3.12 -5.15
C TYR B 393 -7.65 2.25 -4.97
N THR B 394 -7.43 0.95 -4.78
CA THR B 394 -8.48 0.04 -4.40
C THR B 394 -8.20 -0.51 -3.01
N ASP B 395 -9.21 -0.43 -2.15
CA ASP B 395 -9.13 -1.01 -0.83
C ASP B 395 -9.34 -2.49 -0.95
N TRP B 396 -8.25 -3.23 -1.07
CA TRP B 396 -8.33 -4.67 -1.25
C TRP B 396 -8.94 -5.42 -0.07
N ALA B 397 -9.15 -4.72 1.05
CA ALA B 397 -9.79 -5.33 2.22
C ALA B 397 -11.32 -5.06 2.27
N ASP B 398 -11.81 -4.30 1.28
CA ASP B 398 -13.21 -3.90 1.21
C ASP B 398 -13.51 -3.42 -0.21
N LYS B 399 -13.18 -4.26 -1.17
CA LYS B 399 -13.16 -3.87 -2.57
C LYS B 399 -14.52 -3.79 -3.20
N GLU B 400 -15.58 -4.15 -2.47
CA GLU B 400 -16.94 -4.11 -3.04
C GLU B 400 -17.71 -2.86 -2.60
N ASN B 401 -17.17 -2.09 -1.67
CA ASN B 401 -17.88 -1.00 -1.03
C ASN B 401 -17.92 0.28 -1.88
N PRO B 402 -19.10 0.67 -2.37
CA PRO B 402 -19.13 1.81 -3.31
C PRO B 402 -18.73 3.14 -2.67
N GLU B 403 -19.06 3.32 -1.39
CA GLU B 403 -18.58 4.51 -0.65
C GLU B 403 -17.05 4.60 -0.53
N THR B 404 -16.40 3.46 -0.35
CA THR B 404 -14.93 3.45 -0.23
C THR B 404 -14.31 3.77 -1.59
N ARG B 405 -14.97 3.33 -2.64
CA ARG B 405 -14.52 3.65 -3.99
C ARG B 405 -14.50 5.17 -4.18
N ARG B 406 -15.52 5.83 -3.67
CA ARG B 406 -15.62 7.27 -3.72
C ARG B 406 -14.46 7.90 -2.95
N LYS B 407 -14.25 7.49 -1.70
CA LYS B 407 -13.17 8.07 -0.90
C LYS B 407 -11.83 7.93 -1.58
N THR B 408 -11.60 6.77 -2.20
CA THR B 408 -10.31 6.49 -2.81
C THR B 408 -10.07 7.35 -4.02
N LEU B 409 -11.13 7.69 -4.70
CA LEU B 409 -11.05 8.58 -5.87
C LEU B 409 -10.73 10.01 -5.46
N VAL B 410 -11.36 10.47 -4.39
CA VAL B 410 -11.05 11.77 -3.81
C VAL B 410 -9.63 11.74 -3.31
N ALA B 411 -9.22 10.59 -2.81
CA ALA B 411 -7.88 10.43 -2.31
C ALA B 411 -6.85 10.51 -3.48
N LEU B 412 -7.15 9.86 -4.60
CA LEU B 412 -6.23 9.87 -5.73
C LEU B 412 -5.88 11.30 -6.11
N PHE B 413 -6.88 12.13 -6.25
CA PHE B 413 -6.64 13.48 -6.78
C PHE B 413 -6.01 14.35 -5.70
N THR B 414 -6.47 14.17 -4.45
CA THR B 414 -5.91 14.87 -3.30
C THR B 414 -4.41 14.57 -3.12
N ASP B 415 -4.05 13.29 -3.23
CA ASP B 415 -2.68 12.85 -3.11
C ASP B 415 -1.83 13.47 -4.22
N HIS B 416 -2.36 13.42 -5.43
CA HIS B 416 -1.56 13.80 -6.58
C HIS B 416 -1.33 15.31 -6.64
N GLN B 417 -2.38 16.09 -6.44
CA GLN B 417 -2.31 17.56 -6.61
C GLN B 417 -1.81 18.30 -5.36
N TRP B 418 -2.01 17.71 -4.19
CA TRP B 418 -1.72 18.41 -2.95
C TRP B 418 -0.70 17.71 -2.05
N VAL B 419 -0.91 16.41 -1.78
CA VAL B 419 -0.15 15.77 -0.73
C VAL B 419 1.28 15.49 -1.18
N ALA B 420 1.40 14.85 -2.34
CA ALA B 420 2.71 14.47 -2.84
C ALA B 420 3.59 15.72 -2.98
N PRO B 421 3.07 16.79 -3.56
CA PRO B 421 3.97 17.96 -3.71
C PRO B 421 4.25 18.71 -2.42
N ALA B 422 3.29 18.67 -1.49
CA ALA B 422 3.50 19.25 -0.16
C ALA B 422 4.66 18.51 0.52
N VAL B 423 4.61 17.18 0.48
CA VAL B 423 5.63 16.42 1.14
C VAL B 423 7.00 16.67 0.46
N ALA B 424 7.02 16.61 -0.88
CA ALA B 424 8.24 16.93 -1.65
C ALA B 424 8.83 18.25 -1.18
N THR B 425 7.96 19.24 -0.98
CA THR B 425 8.39 20.57 -0.56
C THR B 425 8.90 20.54 0.89
N ALA B 426 8.12 19.94 1.77
CA ALA B 426 8.49 19.79 3.19
C ALA B 426 9.81 19.07 3.33
N ASP B 427 10.02 18.00 2.57
CA ASP B 427 11.28 17.26 2.63
C ASP B 427 12.45 18.13 2.26
N LEU B 428 12.34 18.85 1.14
CA LEU B 428 13.47 19.69 0.68
C LEU B 428 13.77 20.88 1.64
N HIS B 429 12.77 21.51 2.23
CA HIS B 429 13.11 22.56 3.20
C HIS B 429 13.88 21.93 4.37
N ALA B 430 13.39 20.80 4.84
CA ALA B 430 13.93 20.17 6.04
C ALA B 430 15.37 19.70 5.79
N GLN B 431 15.59 19.18 4.60
CA GLN B 431 16.88 18.67 4.16
C GLN B 431 17.95 19.76 4.13
N TYR B 432 17.55 21.00 3.81
CA TYR B 432 18.49 22.13 3.77
C TYR B 432 18.45 22.98 5.04
N GLY B 433 17.96 22.35 6.12
CA GLY B 433 18.11 22.86 7.47
C GLY B 433 17.15 23.91 7.92
N SER B 434 16.14 24.22 7.11
CA SER B 434 15.11 25.16 7.52
C SER B 434 14.10 24.50 8.45
N PRO B 435 13.81 25.11 9.60
CA PRO B 435 12.81 24.53 10.49
C PRO B 435 11.44 24.36 9.81
N THR B 436 10.97 23.12 9.79
CA THR B 436 9.78 22.74 9.05
C THR B 436 8.72 22.10 9.97
N TYR B 437 7.45 22.46 9.75
CA TYR B 437 6.35 21.83 10.47
C TYR B 437 5.28 21.38 9.49
N PHE B 438 4.79 20.16 9.62
CA PHE B 438 3.79 19.66 8.69
C PHE B 438 2.49 19.33 9.41
N TYR B 439 1.37 19.59 8.75
CA TYR B 439 0.06 19.25 9.31
C TYR B 439 -0.88 18.56 8.29
N ALA B 440 -1.78 17.72 8.80
CA ALA B 440 -2.89 17.16 8.00
C ALA B 440 -4.13 17.61 8.70
N PHE B 441 -4.98 18.34 8.00
CA PHE B 441 -6.12 18.97 8.62
C PHE B 441 -7.37 18.14 8.40
N TYR B 442 -7.88 17.54 9.47
CA TYR B 442 -8.92 16.53 9.41
C TYR B 442 -10.19 17.02 10.06
N HIS B 443 -10.54 18.28 9.87
CA HIS B 443 -11.79 18.82 10.38
C HIS B 443 -12.35 19.85 9.38
N HIS B 444 -13.61 20.20 9.58
CA HIS B 444 -14.34 21.09 8.70
C HIS B 444 -15.72 21.22 9.28
N CYS B 445 -16.37 22.32 8.99
CA CYS B 445 -17.60 22.67 9.66
C CYS B 445 -18.79 22.01 8.97
N GLN B 446 -19.84 21.78 9.73
CA GLN B 446 -21.08 21.27 9.15
C GLN B 446 -21.77 22.37 8.32
N SER B 447 -22.13 22.08 7.08
CA SER B 447 -22.83 23.06 6.23
C SER B 447 -23.56 22.42 5.05
N GLU B 448 -24.17 23.25 4.22
CA GLU B 448 -24.90 22.80 3.02
C GLU B 448 -24.10 23.09 1.74
N MET B 449 -22.91 23.66 1.93
CA MET B 449 -22.02 24.03 0.82
C MET B 449 -21.45 22.81 0.13
N LYS B 450 -21.69 21.65 0.70
CA LYS B 450 -20.86 20.49 0.44
C LYS B 450 -21.64 19.28 0.94
N PRO B 451 -21.60 18.16 0.21
CA PRO B 451 -22.36 17.00 0.67
C PRO B 451 -21.89 16.49 2.02
N SER B 452 -22.81 15.91 2.75
CA SER B 452 -22.59 15.50 4.15
C SER B 452 -21.54 14.39 4.29
N TRP B 453 -21.39 13.57 3.25
CA TRP B 453 -20.37 12.54 3.24
C TRP B 453 -18.94 13.05 3.05
N ALA B 454 -18.76 14.30 2.64
CA ALA B 454 -17.44 14.79 2.24
C ALA B 454 -16.58 15.03 3.46
N ASP B 455 -15.29 14.78 3.31
CA ASP B 455 -14.31 15.14 4.32
C ASP B 455 -13.78 16.55 4.02
N SER B 456 -13.02 17.10 4.96
CA SER B 456 -12.43 18.40 4.78
C SER B 456 -11.92 18.63 3.34
N ALA B 457 -12.45 19.67 2.72
CA ALA B 457 -12.26 19.92 1.32
C ALA B 457 -11.35 21.13 1.14
N HIS B 458 -11.00 21.44 -0.12
CA HIS B 458 -10.08 22.54 -0.39
C HIS B 458 -10.69 23.83 0.13
N GLY B 459 -9.94 24.50 0.99
CA GLY B 459 -10.35 25.73 1.62
C GLY B 459 -10.97 25.58 2.99
N ASP B 460 -11.25 24.36 3.45
CA ASP B 460 -12.01 24.25 4.69
C ASP B 460 -11.24 24.69 5.96
N GLU B 461 -9.94 24.90 5.85
CA GLU B 461 -9.17 25.28 7.02
C GLU B 461 -9.33 26.77 7.30
N VAL B 462 -9.72 27.52 6.26
CA VAL B 462 -9.71 28.98 6.30
C VAL B 462 -10.51 29.56 7.49
N PRO B 463 -11.73 29.12 7.69
CA PRO B 463 -12.50 29.59 8.85
C PRO B 463 -11.82 29.38 10.18
N TYR B 464 -11.05 28.33 10.32
CA TYR B 464 -10.42 28.03 11.60
C TYR B 464 -9.17 28.89 11.79
N VAL B 465 -8.40 29.05 10.72
CA VAL B 465 -7.26 29.96 10.75
C VAL B 465 -7.67 31.39 11.10
N PHE B 466 -8.82 31.86 10.59
CA PHE B 466 -9.26 33.25 10.84
C PHE B 466 -10.33 33.44 11.93
N GLY B 467 -10.57 32.41 12.73
CA GLY B 467 -11.37 32.54 13.92
C GLY B 467 -12.84 32.76 13.70
N ILE B 468 -13.35 32.44 12.53
CA ILE B 468 -14.75 32.75 12.20
C ILE B 468 -15.79 32.22 13.19
N PRO B 469 -15.60 30.99 13.74
CA PRO B 469 -16.50 30.39 14.71
C PRO B 469 -16.67 31.23 15.95
N MET B 470 -15.66 32.03 16.23
CA MET B 470 -15.65 32.95 17.34
C MET B 470 -16.70 34.03 17.26
N ILE B 471 -17.17 34.30 16.05
CA ILE B 471 -18.20 35.29 15.84
C ILE B 471 -19.50 34.63 15.47
N GLY B 472 -19.42 33.69 14.55
CA GLY B 472 -20.62 33.04 14.04
C GLY B 472 -20.57 32.88 12.54
N PRO B 473 -21.61 32.26 11.98
CA PRO B 473 -21.62 32.07 10.54
C PRO B 473 -21.69 33.41 9.84
N THR B 474 -21.08 33.44 8.68
CA THR B 474 -21.09 34.61 7.84
C THR B 474 -21.69 34.19 6.51
N GLU B 475 -21.85 35.14 5.61
CA GLU B 475 -22.43 34.84 4.32
C GLU B 475 -21.54 33.94 3.45
N LEU B 476 -20.23 33.99 3.66
CA LEU B 476 -19.32 33.12 2.92
C LEU B 476 -19.17 31.74 3.55
N PHE B 477 -19.07 31.73 4.87
CA PHE B 477 -18.99 30.48 5.62
C PHE B 477 -20.26 30.40 6.43
N SER B 478 -21.25 29.78 5.80
CA SER B 478 -22.54 29.54 6.42
C SER B 478 -22.46 28.17 7.03
N CYS B 479 -21.65 28.08 8.08
CA CYS B 479 -21.50 26.85 8.82
C CYS B 479 -22.39 26.95 10.03
N ASN B 480 -22.88 25.82 10.46
CA ASN B 480 -23.46 25.70 11.77
C ASN B 480 -22.35 25.29 12.72
N PHE B 481 -21.80 26.24 13.47
CA PHE B 481 -20.68 25.93 14.35
C PHE B 481 -21.08 25.38 15.71
N SER B 482 -20.24 24.53 16.26
CA SER B 482 -20.42 23.96 17.60
C SER B 482 -19.33 24.50 18.53
N LYS B 483 -19.49 24.27 19.85
CA LYS B 483 -18.43 24.58 20.83
C LYS B 483 -17.10 24.00 20.36
N ASN B 484 -17.14 22.80 19.80
CA ASN B 484 -15.95 22.16 19.30
C ASN B 484 -15.27 23.00 18.23
N ASP B 485 -16.06 23.51 17.28
CA ASP B 485 -15.52 24.34 16.23
C ASP B 485 -14.77 25.53 16.82
N VAL B 486 -15.36 26.15 17.83
CA VAL B 486 -14.75 27.33 18.46
C VAL B 486 -13.42 26.94 19.05
N MET B 487 -13.38 25.78 19.68
CA MET B 487 -12.16 25.36 20.36
C MET B 487 -11.08 24.96 19.40
N LEU B 488 -11.47 24.35 18.28
CA LEU B 488 -10.47 23.94 17.32
C LEU B 488 -9.88 25.21 16.70
N SER B 489 -10.72 26.18 16.44
CA SER B 489 -10.24 27.46 15.93
C SER B 489 -9.26 28.09 16.91
N ALA B 490 -9.58 28.06 18.20
CA ALA B 490 -8.66 28.57 19.19
C ALA B 490 -7.31 27.87 19.07
N VAL B 491 -7.31 26.54 18.89
CA VAL B 491 -6.08 25.75 18.81
C VAL B 491 -5.26 26.14 17.58
N VAL B 492 -5.92 26.22 16.45
CA VAL B 492 -5.25 26.56 15.22
C VAL B 492 -4.66 27.97 15.31
N MET B 493 -5.46 28.93 15.76
CA MET B 493 -4.96 30.30 15.85
C MET B 493 -3.77 30.37 16.78
N THR B 494 -3.82 29.60 17.89
CA THR B 494 -2.72 29.60 18.82
C THR B 494 -1.45 29.09 18.16
N TYR B 495 -1.55 27.96 17.46
CA TYR B 495 -0.40 27.42 16.77
C TYR B 495 0.13 28.42 15.71
N TRP B 496 -0.78 28.93 14.88
CA TRP B 496 -0.38 29.84 13.82
C TRP B 496 0.34 31.05 14.41
N THR B 497 -0.25 31.67 15.41
CA THR B 497 0.27 32.93 15.90
C THR B 497 1.53 32.68 16.78
N ASN B 498 1.58 31.53 17.45
CA ASN B 498 2.81 31.15 18.12
C ASN B 498 3.96 31.07 17.14
N PHE B 499 3.72 30.39 16.03
CA PHE B 499 4.70 30.31 14.95
C PHE B 499 5.07 31.74 14.50
N ALA B 500 4.09 32.61 14.26
CA ALA B 500 4.42 33.99 13.90
C ALA B 500 5.40 34.56 14.93
N LYS B 501 5.13 34.32 16.21
CA LYS B 501 5.92 34.90 17.30
C LYS B 501 7.36 34.35 17.47
N THR B 502 7.55 33.05 17.32
CA THR B 502 8.81 32.44 17.71
C THR B 502 9.44 31.48 16.72
N GLY B 503 8.70 31.13 15.66
CA GLY B 503 9.13 30.13 14.69
C GLY B 503 8.76 28.72 15.12
N ASP B 504 8.03 28.61 16.23
CA ASP B 504 7.68 27.34 16.87
C ASP B 504 6.21 27.45 17.28
N PRO B 505 5.34 26.56 16.78
CA PRO B 505 3.91 26.69 17.11
C PRO B 505 3.59 26.32 18.56
N ASN B 506 4.56 25.73 19.23
CA ASN B 506 4.37 25.39 20.63
C ASN B 506 4.68 26.55 21.57
N GLN B 507 5.34 27.58 21.05
CA GLN B 507 5.95 28.63 21.88
C GLN B 507 5.37 30.00 21.61
N PRO B 508 4.79 30.64 22.63
CA PRO B 508 4.41 32.07 22.48
C PRO B 508 5.53 33.08 22.82
N VAL B 509 6.62 32.63 23.45
CA VAL B 509 7.80 33.49 23.73
C VAL B 509 9.08 32.63 23.63
N VAL B 526 -1.10 20.17 23.09
CA VAL B 526 -0.43 19.10 22.32
C VAL B 526 0.81 19.60 21.59
N ALA B 527 1.95 18.97 21.87
CA ALA B 527 3.24 19.38 21.33
C ALA B 527 3.31 19.01 19.85
N TRP B 528 3.58 19.99 19.00
CA TRP B 528 3.77 19.76 17.58
C TRP B 528 5.26 19.62 17.25
N SER B 529 5.72 18.39 17.09
CA SER B 529 7.11 18.13 16.75
C SER B 529 7.53 18.67 15.40
N ARG B 530 8.79 19.05 15.32
CA ARG B 530 9.42 19.44 14.09
C ARG B 530 9.42 18.29 13.05
N TYR B 531 9.44 18.67 11.78
CA TYR B 531 9.44 17.75 10.67
C TYR B 531 10.81 17.64 10.09
N ASN B 532 11.39 16.46 10.07
CA ASN B 532 12.56 16.19 9.22
C ASN B 532 12.33 14.92 8.41
N PRO B 533 13.09 14.71 7.32
CA PRO B 533 12.65 13.66 6.41
C PRO B 533 12.96 12.25 6.93
N LYS B 534 13.70 12.16 8.04
CA LYS B 534 13.90 10.89 8.70
C LYS B 534 12.63 10.37 9.36
N ASP B 535 12.18 11.06 10.42
CA ASP B 535 10.99 10.61 11.18
C ASP B 535 9.72 11.05 10.52
N GLN B 536 9.76 12.20 9.88
CA GLN B 536 8.63 12.75 9.19
C GLN B 536 7.42 12.91 10.08
N LEU B 537 7.60 13.56 11.21
CA LEU B 537 6.52 13.76 12.13
C LEU B 537 5.62 14.90 11.64
N TYR B 538 4.32 14.73 11.84
CA TYR B 538 3.34 15.74 11.46
C TYR B 538 2.20 15.80 12.45
N LEU B 539 1.49 16.92 12.47
CA LEU B 539 0.38 17.06 13.41
C LEU B 539 -0.93 16.74 12.69
N HIS B 540 -1.64 15.74 13.19
CA HIS B 540 -2.98 15.41 12.70
C HIS B 540 -3.89 16.39 13.42
N ILE B 541 -4.39 17.39 12.70
CA ILE B 541 -5.26 18.39 13.31
C ILE B 541 -6.73 17.97 13.14
N GLY B 542 -7.38 17.75 14.27
CA GLY B 542 -8.78 17.37 14.30
C GLY B 542 -9.30 17.63 15.70
N LEU B 543 -10.51 17.16 15.98
CA LEU B 543 -11.04 17.33 17.33
C LEU B 543 -10.02 16.88 18.37
N LYS B 544 -9.35 15.75 18.10
CA LYS B 544 -8.27 15.24 18.96
C LYS B 544 -6.95 15.30 18.22
N PRO B 545 -6.22 16.43 18.35
CA PRO B 545 -4.92 16.52 17.65
C PRO B 545 -3.89 15.58 18.22
N ARG B 546 -3.07 14.99 17.36
CA ARG B 546 -2.01 14.10 17.79
C ARG B 546 -0.91 14.08 16.75
N VAL B 547 0.33 13.92 17.19
CA VAL B 547 1.46 13.78 16.29
C VAL B 547 1.48 12.37 15.76
N ARG B 548 1.70 12.25 14.44
CA ARG B 548 1.80 10.97 13.74
C ARG B 548 2.98 11.11 12.82
N ASP B 549 3.27 10.09 12.01
CA ASP B 549 4.46 10.11 11.13
C ASP B 549 4.20 9.54 9.73
N HIS B 550 5.03 9.92 8.78
CA HIS B 550 4.95 9.43 7.40
C HIS B 550 3.53 9.47 6.76
N TYR B 551 2.90 10.64 6.81
CA TYR B 551 1.61 10.88 6.21
C TYR B 551 1.52 10.30 4.82
N ARG B 552 0.72 9.26 4.68
CA ARG B 552 0.46 8.62 3.40
C ARG B 552 1.75 8.37 2.61
N ALA B 553 2.73 7.78 3.27
CA ALA B 553 4.04 7.67 2.66
C ALA B 553 4.00 6.76 1.46
N THR B 554 3.17 5.73 1.49
CA THR B 554 3.20 4.80 0.39
C THR B 554 2.62 5.48 -0.82
N LYS B 555 1.53 6.21 -0.63
CA LYS B 555 0.93 6.94 -1.73
C LYS B 555 1.83 8.04 -2.25
N VAL B 556 2.50 8.77 -1.36
CA VAL B 556 3.46 9.80 -1.80
C VAL B 556 4.60 9.17 -2.60
N ALA B 557 5.09 8.05 -2.11
CA ALA B 557 6.17 7.31 -2.80
C ALA B 557 5.73 6.82 -4.17
N PHE B 558 4.48 6.38 -4.28
CA PHE B 558 3.94 5.95 -5.56
C PHE B 558 4.08 7.07 -6.56
N TRP B 559 3.62 8.27 -6.18
CA TRP B 559 3.66 9.39 -7.09
C TRP B 559 5.05 9.97 -7.29
N LEU B 560 5.87 10.05 -6.26
CA LEU B 560 7.17 10.72 -6.41
C LEU B 560 8.26 9.81 -6.90
N GLU B 561 8.11 8.51 -6.66
CA GLU B 561 9.15 7.54 -6.92
C GLU B 561 8.84 6.55 -8.06
N LEU B 562 7.71 5.84 -7.97
CA LEU B 562 7.39 4.82 -8.95
C LEU B 562 6.92 5.41 -10.25
N VAL B 563 5.96 6.31 -10.22
CA VAL B 563 5.34 6.79 -11.44
C VAL B 563 6.33 7.45 -12.42
N PRO B 564 7.30 8.23 -11.92
CA PRO B 564 8.33 8.80 -12.78
C PRO B 564 9.09 7.73 -13.57
N HIS B 565 9.65 6.73 -12.88
CA HIS B 565 10.17 5.53 -13.55
C HIS B 565 8.89 4.91 -14.06
N LEU B 566 8.84 4.30 -15.21
CA LEU B 566 7.54 4.06 -15.91
C LEU B 566 7.34 5.20 -16.89
N HIS B 567 8.46 5.74 -17.39
CA HIS B 567 8.50 6.92 -18.25
C HIS B 567 9.94 7.47 -18.32
N HIS C 3 -49.70 -45.78 -4.44
CA HIS C 3 -48.95 -44.97 -3.42
C HIS C 3 -48.56 -45.86 -2.26
N ALA C 4 -47.27 -45.97 -1.98
CA ALA C 4 -46.76 -46.88 -0.93
C ALA C 4 -46.01 -46.13 0.19
N GLY C 5 -46.33 -46.49 1.44
CA GLY C 5 -45.69 -45.90 2.63
C GLY C 5 -46.09 -44.44 2.90
N THR C 6 -45.12 -43.62 3.32
CA THR C 6 -45.39 -42.24 3.74
C THR C 6 -45.86 -41.35 2.60
N THR C 7 -47.13 -41.00 2.62
CA THR C 7 -47.74 -40.14 1.61
C THR C 7 -48.11 -38.79 2.23
N TYR C 8 -47.93 -37.71 1.47
CA TYR C 8 -48.37 -36.37 1.85
C TYR C 8 -49.34 -35.80 0.84
N ILE C 9 -50.41 -35.19 1.31
CA ILE C 9 -51.41 -34.57 0.45
C ILE C 9 -51.21 -33.07 0.48
N PHE C 10 -51.35 -32.44 -0.68
CA PHE C 10 -51.18 -31.00 -0.87
C PHE C 10 -52.48 -30.39 -1.38
N SER C 11 -53.10 -29.55 -0.56
CA SER C 11 -54.47 -29.07 -0.83
C SER C 11 -54.52 -27.65 -1.33
N LYS C 12 -55.73 -27.21 -1.66
CA LYS C 12 -55.99 -25.86 -2.18
C LYS C 12 -55.20 -24.78 -1.46
N GLY C 13 -54.59 -23.87 -2.22
CA GLY C 13 -53.79 -22.78 -1.66
C GLY C 13 -52.32 -23.12 -1.51
N GLY C 14 -51.99 -24.40 -1.50
CA GLY C 14 -50.60 -24.83 -1.51
C GLY C 14 -49.99 -25.17 -0.17
N GLY C 15 -48.79 -25.74 -0.23
CA GLY C 15 -48.00 -26.09 0.95
C GLY C 15 -46.56 -26.45 0.58
N GLN C 16 -45.71 -26.66 1.60
CA GLN C 16 -44.28 -26.85 1.39
C GLN C 16 -43.60 -27.71 2.47
N ILE C 17 -42.62 -28.50 2.05
CA ILE C 17 -41.76 -29.30 2.93
C ILE C 17 -40.31 -29.02 2.57
N THR C 18 -39.58 -28.38 3.48
CA THR C 18 -38.22 -27.95 3.23
C THR C 18 -37.22 -28.69 4.10
N TYR C 19 -36.25 -29.35 3.45
CA TYR C 19 -35.12 -29.94 4.12
C TYR C 19 -33.93 -29.00 3.91
N LYS C 20 -33.39 -28.48 5.02
CA LYS C 20 -32.13 -27.70 5.00
C LYS C 20 -30.97 -28.59 5.42
N TRP C 21 -29.90 -28.59 4.64
CA TRP C 21 -28.73 -29.32 5.03
C TRP C 21 -28.05 -28.49 6.10
N PRO C 22 -27.51 -29.14 7.14
CA PRO C 22 -26.68 -28.34 8.04
C PRO C 22 -25.61 -27.64 7.22
N PRO C 23 -25.40 -26.33 7.42
CA PRO C 23 -24.43 -25.54 6.61
C PRO C 23 -23.02 -26.13 6.51
N ASN C 24 -22.64 -26.92 7.50
CA ASN C 24 -21.32 -27.54 7.58
C ASN C 24 -21.26 -28.85 6.77
N ASP C 25 -22.31 -29.16 6.01
CA ASP C 25 -22.48 -30.49 5.40
C ASP C 25 -23.30 -30.55 4.10
N ARG C 26 -23.19 -29.51 3.30
CA ARG C 26 -23.90 -29.43 2.05
C ARG C 26 -23.17 -30.22 1.00
N PRO C 27 -23.78 -31.29 0.49
CA PRO C 27 -23.07 -32.14 -0.44
C PRO C 27 -22.90 -31.50 -1.78
N SER C 28 -21.76 -31.80 -2.40
CA SER C 28 -21.53 -31.52 -3.82
C SER C 28 -21.47 -32.86 -4.51
N THR C 29 -22.12 -32.98 -5.67
CA THR C 29 -22.21 -34.27 -6.34
C THR C 29 -21.89 -34.16 -7.81
N ARG C 30 -21.34 -35.25 -8.33
CA ARG C 30 -21.03 -35.42 -9.75
C ARG C 30 -22.13 -36.22 -10.45
N ALA C 31 -22.87 -37.00 -9.67
CA ALA C 31 -23.98 -37.80 -10.16
C ALA C 31 -25.13 -37.70 -9.15
N ASP C 32 -26.37 -37.61 -9.62
CA ASP C 32 -27.52 -37.53 -8.74
C ASP C 32 -28.57 -38.52 -9.16
N ARG C 33 -29.45 -38.79 -8.23
CA ARG C 33 -30.50 -39.72 -8.43
C ARG C 33 -31.73 -39.25 -7.68
N LEU C 34 -32.84 -39.08 -8.39
CA LEU C 34 -34.08 -38.56 -7.78
C LEU C 34 -35.26 -39.40 -8.22
N ALA C 35 -36.04 -39.87 -7.26
CA ALA C 35 -37.28 -40.58 -7.59
C ALA C 35 -38.39 -40.10 -6.69
N ILE C 36 -39.62 -40.13 -7.22
CA ILE C 36 -40.80 -39.83 -6.44
C ILE C 36 -42.06 -40.46 -7.06
N GLY C 37 -43.03 -40.76 -6.18
CA GLY C 37 -44.37 -41.21 -6.56
C GLY C 37 -45.34 -40.02 -6.48
N PHE C 38 -46.23 -39.87 -7.46
CA PHE C 38 -47.18 -38.76 -7.42
C PHE C 38 -48.50 -39.02 -8.09
N SER C 39 -49.48 -38.19 -7.73
CA SER C 39 -50.77 -38.11 -8.43
C SER C 39 -51.28 -36.67 -8.39
N THR C 40 -51.86 -36.21 -9.49
CA THR C 40 -52.26 -34.83 -9.64
C THR C 40 -53.12 -34.73 -10.87
N VAL C 41 -54.03 -33.78 -10.90
CA VAL C 41 -54.75 -33.46 -12.15
C VAL C 41 -54.17 -32.20 -12.81
N GLN C 42 -53.18 -31.56 -12.18
CA GLN C 42 -52.65 -30.27 -12.64
C GLN C 42 -51.92 -30.36 -13.97
N LYS C 43 -52.02 -29.31 -14.79
CA LYS C 43 -51.20 -29.20 -16.00
C LYS C 43 -49.84 -28.58 -15.70
N GLU C 44 -49.76 -27.85 -14.58
CA GLU C 44 -48.59 -27.05 -14.23
C GLU C 44 -48.26 -27.15 -12.73
N ALA C 45 -47.06 -27.58 -12.39
CA ALA C 45 -46.62 -27.56 -10.99
C ALA C 45 -45.13 -27.82 -10.91
N VAL C 46 -44.48 -27.27 -9.89
CA VAL C 46 -43.16 -27.70 -9.50
C VAL C 46 -43.33 -28.65 -8.31
N LEU C 47 -42.73 -29.83 -8.41
CA LEU C 47 -42.86 -30.88 -7.42
C LEU C 47 -41.74 -30.86 -6.40
N VAL C 48 -40.52 -30.90 -6.89
CA VAL C 48 -39.33 -30.95 -6.05
C VAL C 48 -38.27 -30.06 -6.65
N ARG C 49 -37.53 -29.38 -5.79
CA ARG C 49 -36.45 -28.54 -6.24
C ARG C 49 -35.28 -28.56 -5.27
N VAL C 50 -34.11 -28.90 -5.76
CA VAL C 50 -32.89 -28.89 -4.97
C VAL C 50 -32.11 -27.67 -5.38
N ASP C 51 -31.77 -26.85 -4.38
CA ASP C 51 -31.04 -25.61 -4.62
C ASP C 51 -29.68 -25.57 -3.94
N SER C 52 -28.70 -25.08 -4.69
CA SER C 52 -27.40 -24.78 -4.16
C SER C 52 -27.52 -23.56 -3.26
N SER C 53 -26.51 -23.35 -2.43
CA SER C 53 -26.44 -22.17 -1.54
C SER C 53 -26.58 -20.87 -2.32
N SER C 54 -26.94 -19.81 -1.60
CA SER C 54 -27.08 -18.46 -2.14
C SER C 54 -25.78 -18.03 -2.77
N GLY C 55 -25.87 -17.40 -3.94
CA GLY C 55 -24.71 -16.98 -4.66
C GLY C 55 -24.39 -17.90 -5.80
N LEU C 56 -24.76 -19.19 -5.68
CA LEU C 56 -24.47 -20.15 -6.75
C LEU C 56 -25.74 -20.49 -7.55
N GLY C 57 -25.56 -20.68 -8.85
CA GLY C 57 -26.69 -20.88 -9.75
C GLY C 57 -27.19 -22.30 -9.83
N ASP C 58 -26.46 -23.27 -9.27
CA ASP C 58 -26.78 -24.69 -9.52
C ASP C 58 -28.10 -25.08 -8.88
N TYR C 59 -28.88 -25.89 -9.58
CA TYR C 59 -30.20 -26.30 -9.13
C TYR C 59 -30.68 -27.50 -9.91
N LEU C 60 -31.70 -28.16 -9.39
CA LEU C 60 -32.32 -29.28 -10.05
C LEU C 60 -33.82 -29.22 -9.74
N GLU C 61 -34.67 -29.32 -10.75
CA GLU C 61 -36.11 -29.09 -10.54
C GLU C 61 -36.97 -30.07 -11.27
N LEU C 62 -37.77 -30.82 -10.50
CA LEU C 62 -38.73 -31.77 -11.06
C LEU C 62 -40.06 -31.05 -11.22
N HIS C 63 -40.60 -31.00 -12.44
CA HIS C 63 -41.80 -30.22 -12.66
C HIS C 63 -42.75 -30.87 -13.67
N ILE C 64 -43.99 -30.40 -13.67
CA ILE C 64 -45.02 -30.73 -14.67
C ILE C 64 -45.29 -29.48 -15.51
N HIS C 65 -45.28 -29.65 -16.83
CA HIS C 65 -45.56 -28.57 -17.77
C HIS C 65 -46.36 -29.14 -18.92
N GLN C 66 -47.51 -28.55 -19.17
CA GLN C 66 -48.53 -29.05 -20.10
C GLN C 66 -48.87 -30.52 -19.87
N GLY C 67 -49.04 -30.88 -18.60
CA GLY C 67 -49.38 -32.26 -18.21
C GLY C 67 -48.28 -33.31 -18.37
N LYS C 68 -47.05 -32.87 -18.60
CA LYS C 68 -45.95 -33.75 -18.89
C LYS C 68 -44.89 -33.56 -17.84
N ILE C 69 -44.38 -34.66 -17.28
CA ILE C 69 -43.35 -34.53 -16.26
C ILE C 69 -41.94 -34.43 -16.88
N GLY C 70 -41.09 -33.64 -16.24
CA GLY C 70 -39.73 -33.40 -16.68
C GLY C 70 -38.81 -32.85 -15.62
N VAL C 71 -37.53 -32.77 -15.93
CA VAL C 71 -36.58 -32.19 -15.01
C VAL C 71 -35.79 -31.17 -15.75
N LYS C 72 -35.56 -30.04 -15.08
CA LYS C 72 -34.65 -29.02 -15.57
C LYS C 72 -33.56 -28.83 -14.52
N PHE C 73 -32.31 -28.87 -14.95
CA PHE C 73 -31.21 -28.65 -14.02
C PHE C 73 -30.12 -27.82 -14.64
N ASN C 74 -29.26 -27.32 -13.78
CA ASN C 74 -28.09 -26.56 -14.19
C ASN C 74 -26.97 -26.81 -13.19
N VAL C 75 -25.78 -27.16 -13.69
CA VAL C 75 -24.63 -27.36 -12.79
C VAL C 75 -23.44 -26.47 -13.13
N GLY C 76 -23.68 -25.41 -13.91
CA GLY C 76 -22.64 -24.40 -14.18
C GLY C 76 -22.51 -24.01 -15.63
N THR C 77 -23.04 -24.79 -16.55
CA THR C 77 -22.94 -24.44 -17.95
C THR C 77 -24.20 -23.75 -18.43
N ASP C 78 -25.21 -24.52 -18.84
CA ASP C 78 -26.52 -23.99 -19.15
C ASP C 78 -27.62 -24.85 -18.51
N ASP C 79 -28.85 -24.35 -18.56
CA ASP C 79 -29.99 -25.17 -18.25
C ASP C 79 -30.05 -26.37 -19.19
N ILE C 80 -30.33 -27.53 -18.63
CA ILE C 80 -30.51 -28.72 -19.40
C ILE C 80 -31.86 -29.24 -18.99
N ALA C 81 -32.67 -29.58 -19.98
CA ALA C 81 -34.04 -30.03 -19.80
C ALA C 81 -34.22 -31.47 -20.30
N ILE C 82 -35.02 -32.25 -19.57
CA ILE C 82 -35.33 -33.59 -20.00
C ILE C 82 -36.79 -33.85 -19.70
N GLU C 83 -37.53 -34.35 -20.69
CA GLU C 83 -38.98 -34.50 -20.54
C GLU C 83 -39.53 -35.87 -21.02
N GLU C 84 -40.53 -36.40 -20.30
CA GLU C 84 -41.32 -37.52 -20.83
C GLU C 84 -42.50 -36.89 -21.50
N SER C 85 -42.36 -36.65 -22.79
CA SER C 85 -43.29 -35.82 -23.49
C SER C 85 -44.43 -36.56 -24.16
N ASN C 86 -44.73 -37.77 -23.68
CA ASN C 86 -45.83 -38.61 -24.18
C ASN C 86 -46.74 -39.17 -23.10
N ALA C 87 -46.17 -39.61 -22.00
CA ALA C 87 -46.97 -40.18 -20.93
C ALA C 87 -47.75 -39.05 -20.25
N ILE C 88 -49.07 -39.14 -20.35
CA ILE C 88 -49.91 -38.18 -19.67
C ILE C 88 -49.95 -38.66 -18.21
N ILE C 89 -49.61 -37.77 -17.30
CA ILE C 89 -49.37 -38.13 -15.91
C ILE C 89 -50.20 -37.31 -14.97
N ASN C 90 -50.97 -36.36 -15.52
CA ASN C 90 -51.86 -35.48 -14.77
C ASN C 90 -53.25 -36.03 -14.86
N ASP C 91 -53.44 -37.24 -14.38
CA ASP C 91 -54.72 -37.92 -14.55
C ASP C 91 -55.30 -38.43 -13.23
N GLY C 92 -54.71 -38.02 -12.11
CA GLY C 92 -55.21 -38.43 -10.79
C GLY C 92 -54.74 -39.79 -10.37
N LYS C 93 -54.21 -40.55 -11.34
CA LYS C 93 -53.65 -41.86 -11.06
C LYS C 93 -52.19 -41.78 -10.59
N TYR C 94 -51.78 -42.77 -9.82
CA TYR C 94 -50.42 -42.87 -9.28
C TYR C 94 -49.41 -43.12 -10.40
N HIS C 95 -48.27 -42.47 -10.31
CA HIS C 95 -47.18 -42.63 -11.26
C HIS C 95 -45.85 -42.55 -10.52
N VAL C 96 -44.83 -43.14 -11.12
CA VAL C 96 -43.47 -43.01 -10.58
C VAL C 96 -42.58 -42.35 -11.61
N VAL C 97 -41.75 -41.42 -11.16
CA VAL C 97 -40.76 -40.82 -12.03
C VAL C 97 -39.40 -41.01 -11.40
N ARG C 98 -38.42 -41.37 -12.22
CA ARG C 98 -37.06 -41.61 -11.81
C ARG C 98 -36.18 -40.76 -12.67
N PHE C 99 -35.33 -39.95 -12.04
CA PHE C 99 -34.40 -39.13 -12.74
C PHE C 99 -32.99 -39.48 -12.32
N THR C 100 -32.08 -39.42 -13.27
CA THR C 100 -30.65 -39.70 -13.07
C THR C 100 -29.88 -38.57 -13.68
N ARG C 101 -28.82 -38.13 -13.02
CA ARG C 101 -27.89 -37.18 -13.65
C ARG C 101 -26.48 -37.72 -13.54
N SER C 102 -25.70 -37.52 -14.59
CA SER C 102 -24.30 -37.86 -14.55
C SER C 102 -23.55 -36.79 -15.33
N GLY C 103 -22.90 -35.91 -14.57
CA GLY C 103 -22.36 -34.68 -15.13
C GLY C 103 -23.48 -33.93 -15.84
N GLY C 104 -23.26 -33.61 -17.12
CA GLY C 104 -24.25 -32.90 -17.94
C GLY C 104 -25.34 -33.82 -18.50
N ASN C 105 -25.10 -35.12 -18.44
CA ASN C 105 -26.04 -36.11 -18.99
C ASN C 105 -27.11 -36.52 -17.97
N ALA C 106 -28.23 -37.00 -18.49
CA ALA C 106 -29.36 -37.33 -17.63
C ALA C 106 -30.29 -38.39 -18.25
N THR C 107 -31.02 -39.07 -17.37
CA THR C 107 -32.04 -40.04 -17.70
C THR C 107 -33.33 -39.65 -17.02
N LEU C 108 -34.44 -40.06 -17.60
CA LEU C 108 -35.73 -39.93 -16.97
C LEU C 108 -36.57 -41.07 -17.38
N GLN C 109 -37.29 -41.68 -16.45
CA GLN C 109 -38.38 -42.55 -16.89
C GLN C 109 -39.60 -42.45 -16.00
N VAL C 110 -40.74 -42.72 -16.63
CA VAL C 110 -42.04 -42.68 -15.98
C VAL C 110 -42.65 -44.08 -16.03
N ASP C 111 -43.00 -44.60 -14.86
CA ASP C 111 -43.58 -45.95 -14.75
C ASP C 111 -42.67 -46.93 -15.45
N SER C 112 -43.21 -47.67 -16.43
CA SER C 112 -42.45 -48.62 -17.24
C SER C 112 -42.30 -48.20 -18.70
N TRP C 113 -42.39 -46.91 -18.97
CA TRP C 113 -42.12 -46.38 -20.29
C TRP C 113 -40.63 -46.41 -20.59
N PRO C 114 -40.28 -46.36 -21.88
CA PRO C 114 -38.87 -46.30 -22.18
C PRO C 114 -38.13 -45.13 -21.52
N VAL C 115 -36.92 -45.40 -21.08
CA VAL C 115 -36.08 -44.39 -20.51
C VAL C 115 -35.73 -43.33 -21.56
N ILE C 116 -36.07 -42.09 -21.26
CA ILE C 116 -35.58 -40.94 -21.96
C ILE C 116 -34.15 -40.66 -21.54
N GLU C 117 -33.31 -40.31 -22.51
CA GLU C 117 -31.94 -39.94 -22.27
C GLU C 117 -31.69 -38.57 -22.89
N ARG C 118 -30.86 -37.77 -22.21
CA ARG C 118 -30.45 -36.49 -22.73
C ARG C 118 -28.92 -36.35 -22.70
N TYR C 119 -28.33 -36.02 -23.85
CA TYR C 119 -26.89 -35.82 -23.96
C TYR C 119 -26.61 -34.47 -24.54
N PRO C 120 -26.45 -33.46 -23.69
CA PRO C 120 -26.26 -32.12 -24.22
C PRO C 120 -24.94 -31.97 -24.93
N ALA C 121 -24.96 -31.21 -26.01
CA ALA C 121 -23.77 -30.97 -26.85
C ALA C 121 -22.82 -29.96 -26.22
N GLY C 122 -21.23 -30.02 -26.66
CA GLY C 122 -20.32 -29.03 -26.14
C GLY C 122 -19.93 -29.45 -24.74
N ARG C 123 -18.87 -28.86 -24.23
CA ARG C 123 -18.34 -29.31 -22.97
C ARG C 123 -19.20 -28.82 -21.84
N GLN C 124 -19.30 -29.66 -20.82
CA GLN C 124 -20.26 -29.48 -19.76
C GLN C 124 -19.56 -29.58 -18.42
N LEU C 125 -19.97 -28.71 -17.51
CA LEU C 125 -19.55 -28.82 -16.13
C LEU C 125 -20.29 -29.99 -15.57
N THR C 126 -19.77 -30.55 -14.48
CA THR C 126 -20.29 -31.81 -13.95
C THR C 126 -20.68 -31.78 -12.47
N ILE C 127 -20.21 -30.80 -11.71
CA ILE C 127 -20.51 -30.78 -10.26
C ILE C 127 -21.62 -29.85 -9.88
N PHE C 128 -22.57 -30.43 -9.16
CA PHE C 128 -23.66 -29.70 -8.52
C PHE C 128 -23.16 -29.28 -7.14
N ASN C 129 -22.79 -28.01 -7.01
CA ASN C 129 -22.13 -27.55 -5.80
C ASN C 129 -23.05 -27.15 -4.65
N SER C 130 -22.64 -27.54 -3.45
CA SER C 130 -23.16 -26.98 -2.18
C SER C 130 -24.68 -27.02 -2.07
N GLN C 131 -25.21 -28.23 -2.11
CA GLN C 131 -26.66 -28.43 -2.07
C GLN C 131 -27.20 -28.03 -0.68
N ALA C 132 -28.07 -27.04 -0.67
CA ALA C 132 -28.50 -26.33 0.53
C ALA C 132 -29.90 -26.75 0.98
N THR C 133 -30.85 -26.76 0.06
CA THR C 133 -32.26 -27.03 0.42
C THR C 133 -32.92 -27.98 -0.58
N ILE C 134 -33.77 -28.87 -0.07
CA ILE C 134 -34.70 -29.61 -0.89
C ILE C 134 -36.10 -29.08 -0.59
N ILE C 135 -36.69 -28.38 -1.54
CA ILE C 135 -38.02 -27.83 -1.38
C ILE C 135 -39.00 -28.71 -2.16
N ILE C 136 -40.04 -29.16 -1.48
CA ILE C 136 -41.09 -29.98 -2.08
C ILE C 136 -42.42 -29.25 -1.98
N GLY C 137 -43.03 -28.92 -3.11
CA GLY C 137 -44.35 -28.29 -3.10
C GLY C 137 -44.55 -27.14 -4.08
N GLY C 138 -43.46 -26.52 -4.52
CA GLY C 138 -43.52 -25.52 -5.58
C GLY C 138 -44.10 -24.16 -5.23
N LYS C 139 -44.40 -23.91 -3.96
CA LYS C 139 -44.90 -22.57 -3.56
C LYS C 139 -43.96 -21.43 -3.93
N GLU C 140 -42.69 -21.56 -3.51
CA GLU C 140 -41.64 -20.55 -3.81
C GLU C 140 -41.44 -20.27 -5.29
N GLN C 141 -41.51 -21.33 -6.10
CA GLN C 141 -41.27 -21.20 -7.54
C GLN C 141 -42.50 -20.61 -8.22
N GLY C 142 -43.55 -20.32 -7.45
CA GLY C 142 -44.81 -19.77 -7.98
C GLY C 142 -45.75 -20.77 -8.66
N GLN C 143 -45.49 -22.06 -8.47
CA GLN C 143 -46.25 -23.12 -9.16
C GLN C 143 -46.61 -24.24 -8.20
N PRO C 144 -47.48 -23.96 -7.23
CA PRO C 144 -47.78 -24.92 -6.19
C PRO C 144 -48.39 -26.21 -6.73
N PHE C 145 -47.98 -27.30 -6.09
CA PHE C 145 -48.38 -28.64 -6.45
C PHE C 145 -49.61 -28.98 -5.64
N GLN C 146 -50.55 -29.68 -6.27
CA GLN C 146 -51.74 -30.15 -5.63
C GLN C 146 -52.05 -31.58 -6.04
N GLY C 147 -52.11 -32.45 -5.05
CA GLY C 147 -52.16 -33.88 -5.24
C GLY C 147 -51.42 -34.57 -4.10
N GLN C 148 -50.90 -35.75 -4.38
CA GLN C 148 -50.21 -36.53 -3.37
C GLN C 148 -48.82 -36.86 -3.81
N LEU C 149 -47.91 -37.02 -2.85
CA LEU C 149 -46.53 -37.44 -3.10
C LEU C 149 -46.12 -38.51 -2.08
N SER C 150 -45.30 -39.44 -2.54
CA SER C 150 -44.78 -40.51 -1.69
C SER C 150 -43.45 -41.00 -2.27
N GLY C 151 -42.71 -41.75 -1.45
CA GLY C 151 -41.46 -42.39 -1.91
C GLY C 151 -40.45 -41.43 -2.54
N LEU C 152 -40.18 -40.31 -1.87
CA LEU C 152 -39.19 -39.40 -2.38
C LEU C 152 -37.83 -39.92 -1.99
N TYR C 153 -36.93 -40.08 -2.98
CA TYR C 153 -35.54 -40.51 -2.76
C TYR C 153 -34.65 -39.54 -3.49
N TYR C 154 -33.71 -38.93 -2.77
CA TYR C 154 -32.74 -38.09 -3.40
C TYR C 154 -31.37 -38.42 -2.86
N ASN C 155 -30.55 -39.05 -3.69
CA ASN C 155 -29.19 -39.39 -3.29
C ASN C 155 -29.15 -40.06 -1.91
N GLY C 156 -30.05 -41.02 -1.69
CA GLY C 156 -30.01 -41.80 -0.44
C GLY C 156 -30.97 -41.24 0.61
N LEU C 157 -31.24 -39.94 0.57
CA LEU C 157 -32.18 -39.33 1.50
C LEU C 157 -33.66 -39.67 1.20
N LYS C 158 -34.32 -40.45 2.07
CA LYS C 158 -35.77 -40.72 1.93
C LYS C 158 -36.59 -39.58 2.53
N VAL C 159 -36.57 -38.44 1.84
CA VAL C 159 -36.92 -37.18 2.49
C VAL C 159 -38.27 -37.18 3.16
N LEU C 160 -39.26 -37.86 2.58
CA LEU C 160 -40.61 -37.77 3.12
C LEU C 160 -40.71 -38.51 4.43
N ASN C 161 -40.00 -39.64 4.56
CA ASN C 161 -39.96 -40.32 5.85
C ASN C 161 -39.37 -39.37 6.90
N MET C 162 -38.31 -38.66 6.51
CA MET C 162 -37.63 -37.77 7.46
C MET C 162 -38.62 -36.74 7.95
N ALA C 163 -39.50 -36.32 7.06
CA ALA C 163 -40.50 -35.31 7.37
C ALA C 163 -41.55 -35.93 8.31
N ALA C 164 -41.84 -37.21 8.10
CA ALA C 164 -42.78 -37.95 8.94
C ALA C 164 -42.22 -38.14 10.34
N GLU C 165 -40.89 -38.23 10.49
CA GLU C 165 -40.27 -38.49 11.79
C GLU C 165 -39.65 -37.21 12.41
N ASN C 166 -40.24 -36.06 12.13
CA ASN C 166 -39.90 -34.79 12.80
C ASN C 166 -38.41 -34.43 12.88
N ASP C 167 -37.68 -34.75 11.80
CA ASP C 167 -36.25 -34.46 11.67
C ASP C 167 -36.06 -32.95 11.89
N ALA C 168 -35.04 -32.60 12.68
CA ALA C 168 -34.80 -31.20 13.06
C ALA C 168 -34.81 -30.29 11.83
N ASN C 169 -34.17 -30.76 10.74
CA ASN C 169 -33.91 -29.87 9.57
C ASN C 169 -35.12 -29.64 8.64
N ILE C 170 -36.22 -30.36 8.89
CA ILE C 170 -37.43 -30.24 8.05
C ILE C 170 -38.36 -29.22 8.62
N ALA C 171 -38.79 -28.28 7.78
CA ALA C 171 -39.85 -27.33 8.12
C ALA C 171 -41.06 -27.59 7.19
N ILE C 172 -42.22 -27.95 7.78
CA ILE C 172 -43.48 -28.14 7.03
C ILE C 172 -44.39 -26.94 7.20
N VAL C 173 -44.72 -26.26 6.11
CA VAL C 173 -45.58 -25.10 6.14
C VAL C 173 -46.76 -25.28 5.16
N GLY C 174 -47.84 -24.56 5.44
CA GLY C 174 -48.97 -24.44 4.49
C GLY C 174 -49.90 -25.63 4.55
N ASN C 175 -50.66 -25.81 3.46
CA ASN C 175 -51.71 -26.82 3.39
C ASN C 175 -51.17 -28.19 2.95
N VAL C 176 -50.45 -28.85 3.86
CA VAL C 176 -49.84 -30.13 3.58
C VAL C 176 -50.17 -31.05 4.73
N ARG C 177 -50.60 -32.26 4.41
CA ARG C 177 -51.14 -33.16 5.43
C ARG C 177 -50.50 -34.52 5.25
N LEU C 178 -50.21 -35.18 6.36
CA LEU C 178 -49.48 -36.45 6.36
C LEU C 178 -50.41 -37.67 6.33
N VAL C 179 -51.19 -37.81 5.27
CA VAL C 179 -52.09 -38.97 5.08
C VAL C 179 -51.72 -40.15 5.96
N HIS D 3 47.80 45.30 14.17
CA HIS D 3 46.75 44.53 14.87
C HIS D 3 45.95 45.42 15.81
N ALA D 4 44.64 45.52 15.57
CA ALA D 4 43.75 46.43 16.32
C ALA D 4 42.67 45.67 17.11
N GLY D 5 42.50 46.06 18.38
CA GLY D 5 41.47 45.47 19.25
C GLY D 5 41.76 44.04 19.66
N THR D 6 40.71 43.23 19.76
CA THR D 6 40.81 41.87 20.28
C THR D 6 41.69 40.98 19.40
N THR D 7 42.88 40.64 19.91
CA THR D 7 43.81 39.77 19.21
C THR D 7 43.92 38.41 19.93
N TYR D 8 44.02 37.34 19.16
CA TYR D 8 44.29 36.00 19.69
C TYR D 8 45.58 35.42 19.11
N ILE D 9 46.41 34.82 19.97
CA ILE D 9 47.67 34.19 19.57
C ILE D 9 47.48 32.68 19.55
N PHE D 10 48.05 32.04 18.53
CA PHE D 10 47.92 30.60 18.31
C PHE D 10 49.27 29.95 18.31
N SER D 11 49.56 29.15 19.34
CA SER D 11 50.93 28.70 19.62
C SER D 11 51.17 27.25 19.19
N LYS D 12 52.43 26.83 19.32
CA LYS D 12 52.87 25.49 18.96
C LYS D 12 51.85 24.43 19.37
N GLY D 13 51.58 23.49 18.46
CA GLY D 13 50.65 22.39 18.72
C GLY D 13 49.23 22.68 18.30
N GLY D 14 48.91 23.97 18.16
CA GLY D 14 47.64 24.40 17.60
C GLY D 14 46.56 24.76 18.60
N GLY D 15 45.47 25.33 18.08
CA GLY D 15 44.32 25.70 18.88
C GLY D 15 43.10 25.98 18.02
N GLN D 16 41.95 26.22 18.64
CA GLN D 16 40.70 26.41 17.93
C GLN D 16 39.68 27.29 18.64
N ILE D 17 38.92 28.05 17.85
CA ILE D 17 37.79 28.85 18.34
C ILE D 17 36.57 28.56 17.48
N THR D 18 35.56 27.93 18.08
CA THR D 18 34.36 27.48 17.36
C THR D 18 33.10 28.20 17.79
N TYR D 19 32.47 28.87 16.82
CA TYR D 19 31.16 29.46 17.02
C TYR D 19 30.15 28.53 16.39
N LYS D 20 29.24 28.01 17.21
CA LYS D 20 28.08 27.23 16.73
C LYS D 20 26.87 28.14 16.68
N TRP D 21 26.16 28.11 15.56
CA TRP D 21 24.90 28.83 15.48
C TRP D 21 23.90 27.98 16.25
N PRO D 22 22.99 28.63 17.00
CA PRO D 22 21.89 27.84 17.54
C PRO D 22 21.17 27.13 16.40
N PRO D 23 20.84 25.85 16.58
CA PRO D 23 20.38 25.04 15.45
C PRO D 23 19.12 25.53 14.74
N ASN D 24 18.35 26.45 15.33
CA ASN D 24 17.15 26.98 14.69
C ASN D 24 17.39 28.30 13.97
N ASP D 25 18.65 28.72 13.89
CA ASP D 25 19.02 30.07 13.48
C ASP D 25 20.23 30.06 12.55
N ARG D 26 20.40 28.98 11.80
CA ARG D 26 21.53 28.84 10.90
C ARG D 26 21.25 29.59 9.63
N PRO D 27 22.00 30.66 9.41
CA PRO D 27 21.70 31.49 8.26
C PRO D 27 22.07 30.84 6.94
N SER D 28 21.25 31.08 5.94
CA SER D 28 21.57 30.78 4.57
C SER D 28 21.75 32.11 3.88
N THR D 29 22.75 32.24 3.04
CA THR D 29 23.08 33.51 2.44
C THR D 29 23.34 33.36 0.96
N ARG D 30 23.06 34.42 0.23
CA ARG D 30 23.30 34.55 -1.21
C ARG D 30 24.60 35.35 -1.44
N ALA D 31 24.97 36.15 -0.44
CA ALA D 31 26.16 36.97 -0.50
C ALA D 31 26.82 36.91 0.84
N ASP D 32 28.15 36.88 0.86
CA ASP D 32 28.90 36.79 2.10
C ASP D 32 30.04 37.76 2.07
N ARG D 33 30.52 38.05 3.25
CA ARG D 33 31.55 39.02 3.44
C ARG D 33 32.39 38.58 4.62
N LEU D 34 33.70 38.40 4.39
CA LEU D 34 34.63 37.92 5.41
C LEU D 34 35.88 38.75 5.42
N ALA D 35 36.24 39.27 6.59
CA ALA D 35 37.50 39.97 6.74
C ALA D 35 38.20 39.49 8.01
N ILE D 36 39.54 39.46 7.96
CA ILE D 36 40.36 39.20 9.13
C ILE D 36 41.76 39.82 9.04
N GLY D 37 42.32 40.12 10.20
CA GLY D 37 43.70 40.62 10.32
C GLY D 37 44.57 39.47 10.77
N PHE D 38 45.75 39.31 10.17
CA PHE D 38 46.63 38.22 10.59
C PHE D 38 48.13 38.50 10.47
N SER D 39 48.89 37.70 11.20
CA SER D 39 50.36 37.62 11.06
C SER D 39 50.82 36.19 11.33
N THR D 40 51.77 35.74 10.54
CA THR D 40 52.21 34.34 10.57
C THR D 40 53.47 34.23 9.73
N VAL D 41 54.31 33.27 10.05
CA VAL D 41 55.42 32.93 9.16
C VAL D 41 55.11 31.68 8.32
N GLN D 42 54.00 31.01 8.59
CA GLN D 42 53.68 29.70 7.97
C GLN D 42 53.48 29.77 6.46
N LYS D 43 53.90 28.73 5.76
CA LYS D 43 53.60 28.60 4.33
C LYS D 43 52.24 27.99 4.11
N GLU D 44 51.74 27.27 5.13
CA GLU D 44 50.53 26.46 5.04
C GLU D 44 49.69 26.57 6.31
N ALA D 45 48.45 27.02 6.16
CA ALA D 45 47.49 26.99 7.27
C ALA D 45 46.08 27.20 6.76
N VAL D 46 45.10 26.65 7.50
CA VAL D 46 43.71 27.09 7.39
C VAL D 46 43.41 28.03 8.56
N LEU D 47 42.93 29.22 8.24
CA LEU D 47 42.69 30.28 9.21
C LEU D 47 41.26 30.23 9.72
N VAL D 48 40.29 30.32 8.81
CA VAL D 48 38.88 30.38 9.16
C VAL D 48 38.12 29.47 8.24
N ARG D 49 37.10 28.82 8.77
CA ARG D 49 36.27 27.96 7.95
C ARG D 49 34.83 27.98 8.41
N VAL D 50 33.95 28.32 7.49
CA VAL D 50 32.50 28.28 7.77
C VAL D 50 31.92 27.04 7.15
N ASP D 51 31.24 26.23 7.93
CA ASP D 51 30.66 24.97 7.46
C ASP D 51 29.15 24.91 7.59
N SER D 52 28.52 24.39 6.54
CA SER D 52 27.10 24.08 6.56
C SER D 52 26.88 22.87 7.47
N SER D 53 25.63 22.67 7.93
CA SER D 53 25.25 21.48 8.72
C SER D 53 25.69 20.11 8.19
N SER D 54 25.61 19.12 9.06
CA SER D 54 25.69 17.70 8.68
C SER D 54 24.90 17.35 7.43
N GLY D 55 25.57 16.67 6.51
CA GLY D 55 24.93 16.19 5.28
C GLY D 55 25.10 17.15 4.12
N LEU D 56 25.20 18.45 4.40
CA LEU D 56 25.29 19.46 3.34
C LEU D 56 26.74 19.78 3.05
N GLY D 57 27.08 19.86 1.76
CA GLY D 57 28.45 20.08 1.33
C GLY D 57 29.00 21.49 1.48
N ASP D 58 28.11 22.49 1.48
CA ASP D 58 28.54 23.89 1.34
C ASP D 58 29.56 24.28 2.42
N TYR D 59 30.55 25.09 2.01
CA TYR D 59 31.60 25.55 2.92
C TYR D 59 32.38 26.74 2.37
N LEU D 60 33.06 27.42 3.27
CA LEU D 60 33.85 28.57 2.88
C LEU D 60 35.12 28.54 3.74
N GLU D 61 36.28 28.60 3.09
CA GLU D 61 37.54 28.41 3.79
C GLU D 61 38.63 29.42 3.39
N LEU D 62 39.08 30.17 4.39
CA LEU D 62 40.18 31.12 4.22
C LEU D 62 41.45 30.40 4.59
N HIS D 63 42.40 30.34 3.67
CA HIS D 63 43.62 29.60 3.91
C HIS D 63 44.87 30.24 3.29
N ILE D 64 46.03 29.78 3.77
CA ILE D 64 47.35 30.10 3.23
C ILE D 64 47.99 28.85 2.60
N HIS D 65 48.39 28.96 1.34
CA HIS D 65 49.02 27.87 0.60
C HIS D 65 50.21 28.45 -0.18
N GLN D 66 51.38 27.85 0.05
CA GLN D 66 52.66 28.34 -0.43
C GLN D 66 52.84 29.83 -0.11
N GLY D 67 52.52 30.21 1.12
CA GLY D 67 52.69 31.59 1.57
C GLY D 67 51.73 32.64 0.99
N LYS D 68 50.66 32.19 0.34
CA LYS D 68 49.74 33.08 -0.37
C LYS D 68 48.35 32.89 0.20
N ILE D 69 47.69 34.00 0.52
CA ILE D 69 46.37 33.88 1.09
C ILE D 69 45.28 33.75 0.00
N GLY D 70 44.28 32.95 0.31
CA GLY D 70 43.21 32.67 -0.64
C GLY D 70 41.96 32.13 0.02
N VAL D 71 40.89 32.05 -0.76
CA VAL D 71 39.66 31.45 -0.29
C VAL D 71 39.27 30.34 -1.25
N LYS D 72 38.82 29.24 -0.68
CA LYS D 72 38.10 28.23 -1.44
C LYS D 72 36.70 28.09 -0.84
N PHE D 73 35.68 28.12 -1.69
CA PHE D 73 34.30 27.91 -1.22
C PHE D 73 33.54 27.05 -2.18
N ASN D 74 32.40 26.55 -1.70
CA ASN D 74 31.48 25.72 -2.51
C ASN D 74 30.06 25.92 -2.02
N VAL D 75 29.14 26.29 -2.90
CA VAL D 75 27.75 26.50 -2.51
C VAL D 75 26.80 25.55 -3.21
N GLY D 76 27.32 24.53 -3.86
CA GLY D 76 26.50 23.51 -4.47
C GLY D 76 26.93 23.04 -5.85
N THR D 77 27.70 23.87 -6.57
CA THR D 77 28.12 23.51 -7.92
C THR D 77 29.49 22.83 -7.85
N ASP D 78 30.57 23.60 -7.89
CA ASP D 78 31.91 23.07 -7.69
C ASP D 78 32.70 23.96 -6.70
N ASP D 79 33.86 23.47 -6.28
CA ASP D 79 34.81 24.30 -5.55
C ASP D 79 35.24 25.49 -6.42
N ILE D 80 35.21 26.68 -5.82
CA ILE D 80 35.66 27.88 -6.48
C ILE D 80 36.78 28.45 -5.61
N ALA D 81 37.90 28.79 -6.25
CA ALA D 81 39.10 29.22 -5.56
C ALA D 81 39.44 30.65 -5.97
N ILE D 82 39.90 31.44 -5.02
CA ILE D 82 40.36 32.79 -5.34
C ILE D 82 41.60 33.04 -4.50
N GLU D 83 42.65 33.55 -5.14
CA GLU D 83 43.94 33.72 -4.49
C GLU D 83 44.63 35.08 -4.75
N GLU D 84 45.26 35.64 -3.73
CA GLU D 84 46.19 36.75 -3.95
C GLU D 84 47.56 36.14 -4.11
N SER D 85 47.91 35.84 -5.34
CA SER D 85 49.05 35.00 -5.63
C SER D 85 50.33 35.80 -5.89
N ASN D 86 50.39 37.01 -5.33
CA ASN D 86 51.59 37.86 -5.42
C ASN D 86 52.05 38.47 -4.09
N ALA D 87 51.11 38.88 -3.26
CA ALA D 87 51.45 39.47 -1.97
C ALA D 87 51.93 38.38 -1.05
N ILE D 88 53.21 38.43 -0.70
CA ILE D 88 53.74 37.49 0.27
C ILE D 88 53.25 37.99 1.65
N ILE D 89 52.57 37.11 2.37
CA ILE D 89 51.82 37.49 3.58
C ILE D 89 52.23 36.69 4.79
N ASN D 90 53.15 35.74 4.57
CA ASN D 90 53.70 34.88 5.61
C ASN D 90 55.04 35.42 6.06
N ASP D 91 55.04 36.66 6.53
CA ASP D 91 56.29 37.33 6.86
C ASP D 91 56.33 37.87 8.28
N GLY D 92 55.38 37.47 9.11
CA GLY D 92 55.35 37.91 10.51
C GLY D 92 54.76 39.29 10.68
N LYS D 93 54.60 40.01 9.58
CA LYS D 93 53.99 41.34 9.58
C LYS D 93 52.46 41.25 9.49
N TYR D 94 51.79 42.25 10.05
CA TYR D 94 50.33 42.34 10.03
C TYR D 94 49.83 42.54 8.62
N HIS D 95 48.73 41.87 8.31
CA HIS D 95 48.06 42.03 7.02
C HIS D 95 46.55 41.97 7.21
N VAL D 96 45.81 42.55 6.26
CA VAL D 96 44.34 42.43 6.27
C VAL D 96 43.91 41.76 4.97
N VAL D 97 42.97 40.82 5.08
CA VAL D 97 42.36 40.18 3.92
C VAL D 97 40.85 40.36 3.97
N ARG D 98 40.27 40.71 2.82
CA ARG D 98 38.84 40.95 2.72
C ARG D 98 38.33 40.13 1.57
N PHE D 99 37.34 39.30 1.86
CA PHE D 99 36.75 38.42 0.88
C PHE D 99 35.29 38.76 0.76
N THR D 100 34.78 38.68 -0.47
CA THR D 100 33.39 38.95 -0.80
C THR D 100 32.91 37.80 -1.64
N ARG D 101 31.67 37.36 -1.42
CA ARG D 101 31.04 36.39 -2.32
C ARG D 101 29.68 36.91 -2.74
N SER D 102 29.34 36.67 -4.00
CA SER D 102 28.01 37.00 -4.50
C SER D 102 27.60 35.91 -5.49
N GLY D 103 26.76 35.01 -5.00
CA GLY D 103 26.52 33.76 -5.66
C GLY D 103 27.83 33.01 -5.89
N GLY D 104 28.07 32.66 -7.15
CA GLY D 104 29.29 31.96 -7.54
C GLY D 104 30.49 32.89 -7.68
N ASN D 105 30.23 34.20 -7.77
CA ASN D 105 31.29 35.20 -7.93
C ASN D 105 31.95 35.63 -6.61
N ALA D 106 33.20 36.08 -6.68
CA ALA D 106 33.95 36.46 -5.48
C ALA D 106 35.00 37.53 -5.71
N THR D 107 35.30 38.24 -4.61
CA THR D 107 36.37 39.22 -4.56
C THR D 107 37.33 38.84 -3.45
N LEU D 108 38.58 39.24 -3.58
CA LEU D 108 39.56 39.12 -2.51
C LEU D 108 40.50 40.29 -2.62
N GLN D 109 40.85 40.91 -1.50
CA GLN D 109 41.99 41.79 -1.52
C GLN D 109 42.77 41.79 -0.22
N VAL D 110 44.07 41.98 -0.39
CA VAL D 110 45.01 41.98 0.70
C VAL D 110 45.56 43.41 0.87
N ASP D 111 45.51 43.95 2.09
CA ASP D 111 46.01 45.31 2.36
C ASP D 111 45.45 46.35 1.36
N SER D 112 46.32 47.02 0.64
CA SER D 112 45.95 47.97 -0.42
C SER D 112 46.30 47.49 -1.85
N TRP D 113 46.46 46.18 -2.03
CA TRP D 113 46.72 45.62 -3.36
C TRP D 113 45.44 45.64 -4.16
N PRO D 114 45.54 45.62 -5.48
CA PRO D 114 44.35 45.59 -6.31
C PRO D 114 43.43 44.39 -6.04
N VAL D 115 42.13 44.67 -6.01
CA VAL D 115 41.13 43.64 -5.79
C VAL D 115 41.24 42.54 -6.85
N ILE D 116 41.45 41.31 -6.40
CA ILE D 116 41.28 40.13 -7.24
C ILE D 116 39.78 39.89 -7.40
N GLU D 117 39.38 39.46 -8.59
CA GLU D 117 38.00 39.05 -8.86
C GLU D 117 38.00 37.70 -9.52
N ARG D 118 37.00 36.90 -9.20
CA ARG D 118 36.82 35.60 -9.82
C ARG D 118 35.38 35.49 -10.32
N TYR D 119 35.25 35.13 -11.59
CA TYR D 119 33.94 34.90 -12.22
C TYR D 119 33.90 33.53 -12.84
N PRO D 120 33.51 32.53 -12.08
CA PRO D 120 33.52 31.17 -12.61
C PRO D 120 32.57 31.05 -13.77
N ALA D 121 32.99 30.26 -14.77
CA ALA D 121 32.20 29.97 -15.97
C ALA D 121 31.11 28.95 -15.66
N GLY D 122 29.69 28.97 -16.86
CA GLY D 122 28.71 27.95 -16.61
C GLY D 122 27.86 28.39 -15.44
N ARG D 123 26.67 27.84 -15.36
CA ARG D 123 25.71 28.31 -14.38
C ARG D 123 26.13 27.86 -13.01
N GLN D 124 25.80 28.69 -12.03
CA GLN D 124 26.28 28.54 -10.68
C GLN D 124 25.16 28.64 -9.67
N LEU D 125 25.19 27.76 -8.67
CA LEU D 125 24.31 27.89 -7.52
C LEU D 125 24.85 29.03 -6.68
N THR D 126 23.97 29.61 -5.89
CA THR D 126 24.23 30.90 -5.25
C THR D 126 24.02 30.89 -3.73
N ILE D 127 23.27 29.92 -3.21
CA ILE D 127 22.96 29.90 -1.77
C ILE D 127 23.85 28.98 -0.97
N PHE D 128 24.46 29.57 0.03
CA PHE D 128 25.26 28.89 1.03
C PHE D 128 24.31 28.50 2.13
N ASN D 129 23.89 27.23 2.12
CA ASN D 129 22.80 26.79 3.02
C ASN D 129 23.22 26.45 4.44
N SER D 130 22.38 26.84 5.40
CA SER D 130 22.38 26.32 6.76
C SER D 130 23.76 26.36 7.42
N GLN D 131 24.29 27.56 7.56
CA GLN D 131 25.63 27.75 8.15
C GLN D 131 25.61 27.38 9.64
N ALA D 132 26.44 26.39 9.99
CA ALA D 132 26.37 25.73 11.29
C ALA D 132 27.50 26.16 12.23
N THR D 133 28.73 26.18 11.73
CA THR D 133 29.91 26.51 12.54
C THR D 133 30.87 27.46 11.83
N ILE D 134 31.47 28.36 12.61
CA ILE D 134 32.64 29.11 12.17
C ILE D 134 33.84 28.63 12.96
N ILE D 135 34.73 27.89 12.32
CA ILE D 135 35.92 27.35 12.98
C ILE D 135 37.14 28.20 12.62
N ILE D 136 37.84 28.68 13.64
CA ILE D 136 39.02 29.52 13.46
C ILE D 136 40.20 28.82 14.07
N GLY D 137 41.18 28.44 13.25
CA GLY D 137 42.41 27.80 13.74
C GLY D 137 42.96 26.67 12.90
N GLY D 138 42.11 26.02 12.11
CA GLY D 138 42.56 24.99 11.18
C GLY D 138 42.93 23.62 11.74
N LYS D 139 42.76 23.39 13.04
CA LYS D 139 43.09 22.07 13.63
C LYS D 139 42.36 20.91 12.94
N GLU D 140 41.04 21.02 12.85
CA GLU D 140 40.18 20.01 12.21
C GLU D 140 40.50 19.72 10.74
N GLN D 141 40.91 20.75 10.00
CA GLN D 141 41.23 20.60 8.59
C GLN D 141 42.66 20.00 8.43
N GLY D 142 43.33 19.76 9.56
CA GLY D 142 44.69 19.19 9.56
C GLY D 142 45.82 20.16 9.25
N GLN D 143 45.51 21.47 9.30
CA GLN D 143 46.45 22.53 8.95
C GLN D 143 46.38 23.67 9.96
N PRO D 144 46.84 23.41 11.19
CA PRO D 144 46.74 24.41 12.26
C PRO D 144 47.48 25.70 11.95
N PHE D 145 46.87 26.81 12.35
CA PHE D 145 47.42 28.13 12.14
C PHE D 145 48.26 28.44 13.34
N GLN D 146 49.34 29.18 13.11
CA GLN D 146 50.21 29.68 14.17
C GLN D 146 50.66 31.09 13.85
N GLY D 147 50.36 32.00 14.78
CA GLY D 147 50.46 33.42 14.54
C GLY D 147 49.35 34.12 15.30
N GLN D 148 48.97 35.30 14.84
CA GLN D 148 47.95 36.09 15.51
C GLN D 148 46.82 36.41 14.56
N LEU D 149 45.62 36.57 15.14
CA LEU D 149 44.41 36.96 14.41
C LEU D 149 43.62 38.04 15.18
N SER D 150 43.07 38.98 14.44
CA SER D 150 42.26 40.08 14.98
C SER D 150 41.27 40.60 13.92
N GLY D 151 40.28 41.37 14.37
CA GLY D 151 39.33 42.08 13.49
C GLY D 151 38.61 41.17 12.51
N LEU D 152 38.08 40.03 13.02
CA LEU D 152 37.39 39.02 12.22
C LEU D 152 35.96 39.45 12.09
N TYR D 153 35.52 39.62 10.86
CA TYR D 153 34.14 40.03 10.62
C TYR D 153 33.58 39.00 9.66
N TYR D 154 32.46 38.36 10.04
CA TYR D 154 31.72 37.48 9.09
C TYR D 154 30.23 37.86 9.07
N ASN D 155 29.77 38.43 7.95
CA ASN D 155 28.37 38.85 7.78
C ASN D 155 27.88 39.49 9.06
N GLY D 156 28.64 40.47 9.54
CA GLY D 156 28.18 41.30 10.67
C GLY D 156 28.59 40.77 12.05
N LEU D 157 28.85 39.46 12.14
CA LEU D 157 29.38 38.88 13.37
C LEU D 157 30.89 39.20 13.51
N LYS D 158 31.23 40.05 14.49
CA LYS D 158 32.62 40.25 14.94
C LYS D 158 33.04 39.09 15.86
N VAL D 159 33.39 37.95 15.26
CA VAL D 159 33.41 36.70 16.04
C VAL D 159 34.41 36.73 17.20
N LEU D 160 35.54 37.40 17.00
CA LEU D 160 36.60 37.38 18.02
C LEU D 160 36.16 38.14 19.27
N ASN D 161 35.50 39.29 19.09
CA ASN D 161 34.94 40.00 20.27
C ASN D 161 33.96 39.09 21.00
N MET D 162 33.23 38.27 20.26
CA MET D 162 32.25 37.36 20.87
C MET D 162 32.99 36.30 21.65
N ALA D 163 34.18 35.98 21.16
CA ALA D 163 35.08 35.05 21.86
C ALA D 163 35.63 35.72 23.13
N ALA D 164 35.94 37.01 23.01
CA ALA D 164 36.49 37.77 24.14
C ALA D 164 35.46 38.01 25.24
N GLU D 165 34.15 37.90 24.92
CA GLU D 165 33.07 38.22 25.88
C GLU D 165 32.23 36.98 26.22
N ASN D 166 32.90 35.82 26.18
CA ASN D 166 32.36 34.55 26.69
C ASN D 166 30.95 34.18 26.20
N ASP D 167 30.66 34.51 24.93
CA ASP D 167 29.38 34.15 24.31
C ASP D 167 29.17 32.65 24.49
N ALA D 168 27.96 32.25 24.87
CA ALA D 168 27.65 30.83 25.13
C ALA D 168 28.09 29.95 23.96
N ASN D 169 27.81 30.40 22.73
CA ASN D 169 28.02 29.55 21.55
C ASN D 169 29.49 29.41 21.09
N ILE D 170 30.42 29.97 21.86
CA ILE D 170 31.86 29.88 21.54
C ILE D 170 32.51 28.82 22.39
N ALA D 171 33.13 27.83 21.74
CA ALA D 171 34.09 26.94 22.40
C ALA D 171 35.56 27.32 21.97
N ILE D 172 36.41 27.58 22.98
CA ILE D 172 37.86 27.80 22.79
C ILE D 172 38.65 26.59 23.31
N VAL D 173 39.31 25.84 22.41
CA VAL D 173 40.08 24.66 22.79
C VAL D 173 41.56 24.86 22.38
N GLY D 174 42.47 24.21 23.15
CA GLY D 174 43.91 24.14 22.78
C GLY D 174 44.70 25.40 23.02
N ASN D 175 45.79 25.54 22.25
CA ASN D 175 46.84 26.52 22.54
C ASN D 175 46.54 27.89 21.93
N VAL D 176 45.48 28.51 22.45
CA VAL D 176 44.99 29.79 21.95
C VAL D 176 44.84 30.71 23.12
N ARG D 177 45.32 31.94 22.98
CA ARG D 177 45.40 32.85 24.11
C ARG D 177 44.90 34.23 23.71
N LEU D 178 44.18 34.88 24.63
CA LEU D 178 43.64 36.21 24.38
C LEU D 178 44.72 37.27 24.54
N VAL D 179 45.78 37.21 23.72
CA VAL D 179 46.90 38.17 23.81
C VAL D 179 46.83 39.07 25.04
#